data_4IME
#
_entry.id   4IME
#
_cell.length_a   90.140
_cell.length_b   147.710
_cell.length_c   111.980
_cell.angle_alpha   90.00
_cell.angle_beta   98.51
_cell.angle_gamma   90.00
#
_symmetry.space_group_name_H-M   'P 1 21 1'
#
loop_
_entity.id
_entity.type
_entity.pdbx_description
1 polymer 'N-acetylneuraminate lyase'
2 non-polymer 1-ETHOXY-2-(2-METHOXYETHOXY)ETHANE
3 non-polymer 1-(2-METHOXY-ETHOXY)-2-{2-[2-(2-METHOXY-ETHOXY]-ETHOXY}-ETHANE
4 water water
#
_entity_poly.entity_id   1
_entity_poly.type   'polypeptide(L)'
_entity_poly.pdbx_seq_one_letter_code
;MKNLKGIFSALLVSFNADGSINEKGLRQIVRYNIDKMKVDGLYVGGSTGENFMLSTEEKKEIFRIAKDEAKDEIALIAQV
GSVNLQEAIELGKYATELGYDSLSAVTPFYYKFSFPEIKHYYDSIIEATGNYMIVYSIPFLTGVNIGVEQFGELYKNPKV
LGVAFTAGDFYLLERLKKAYPNHLIWAGFDEMMLPAASLGVDGAIGSTFNVNGVRARQIFELTQAGKLKEALEIQHVTND
LIEGILANGLYLTIKELLKLDGVEAGYCREPMTKELSSEKVAFAKELKAKYLS
;
_entity_poly.pdbx_strand_id   A,B,C,D,E,F,G,H
#
# COMPACT_ATOMS: atom_id res chain seq x y z
N MET A 1 40.52 -20.74 7.68
CA MET A 1 41.66 -20.22 8.48
C MET A 1 42.05 -18.77 8.13
N LYS A 2 41.49 -18.19 7.04
CA LYS A 2 41.80 -16.79 6.64
C LYS A 2 41.64 -15.87 7.83
N ASN A 3 42.43 -14.80 7.89
CA ASN A 3 42.34 -13.85 9.00
C ASN A 3 41.07 -13.02 8.78
N LEU A 4 40.18 -13.02 9.75
CA LEU A 4 38.91 -12.27 9.60
C LEU A 4 38.92 -10.94 10.36
N LYS A 5 40.07 -10.59 10.90
CA LYS A 5 40.17 -9.27 11.55
C LYS A 5 40.19 -8.10 10.55
N GLY A 6 39.88 -6.92 11.05
CA GLY A 6 40.02 -5.70 10.23
C GLY A 6 38.70 -5.11 9.70
N ILE A 7 38.80 -4.48 8.53
CA ILE A 7 37.74 -3.67 7.92
C ILE A 7 36.93 -4.40 6.85
N PHE A 8 35.65 -4.59 7.12
CA PHE A 8 34.74 -5.30 6.23
C PHE A 8 33.64 -4.36 5.80
N SER A 9 33.50 -4.17 4.50
CA SER A 9 32.32 -3.48 4.00
C SER A 9 31.13 -4.45 3.97
N ALA A 10 30.00 -3.96 4.46
CA ALA A 10 28.72 -4.64 4.30
C ALA A 10 28.25 -4.32 2.89
N LEU A 11 28.34 -5.33 2.03
CA LEU A 11 28.19 -5.17 0.60
C LEU A 11 26.80 -4.68 0.20
N LEU A 12 26.76 -3.52 -0.48
CA LEU A 12 25.50 -3.11 -1.11
C LEU A 12 25.27 -3.88 -2.40
N VAL A 13 24.02 -3.94 -2.80
CA VAL A 13 23.69 -4.67 -4.03
C VAL A 13 23.05 -3.72 -5.01
N SER A 14 23.46 -3.83 -6.27
CA SER A 14 22.90 -3.06 -7.36
C SER A 14 21.64 -3.75 -7.90
N PHE A 15 20.50 -3.08 -7.82
CA PHE A 15 19.25 -3.60 -8.41
C PHE A 15 18.86 -2.80 -9.63
N ASN A 16 18.25 -3.52 -10.58
CA ASN A 16 17.55 -2.89 -11.70
C ASN A 16 16.25 -2.23 -11.21
N ALA A 17 15.60 -1.48 -12.11
CA ALA A 17 14.35 -0.76 -11.76
C ALA A 17 13.22 -1.72 -11.39
N ASP A 18 13.27 -2.95 -11.89
CA ASP A 18 12.23 -3.91 -11.57
C ASP A 18 12.51 -4.77 -10.36
N GLY A 19 13.61 -4.50 -9.66
CA GLY A 19 13.96 -5.25 -8.45
C GLY A 19 14.94 -6.37 -8.67
N SER A 20 15.19 -6.73 -9.95
CA SER A 20 16.14 -7.80 -10.24
C SER A 20 17.59 -7.35 -9.93
N ILE A 21 18.47 -8.33 -9.78
CA ILE A 21 19.90 -8.03 -9.53
C ILE A 21 20.61 -7.59 -10.80
N ASN A 22 21.28 -6.44 -10.73
N ASN A 22 21.32 -6.47 -10.72
CA ASN A 22 22.17 -6.04 -11.81
CA ASN A 22 22.16 -5.97 -11.81
C ASN A 22 23.55 -6.57 -11.53
C ASN A 22 23.58 -6.50 -11.61
N GLU A 23 23.89 -7.65 -12.22
CA GLU A 23 25.17 -8.33 -12.02
C GLU A 23 26.37 -7.46 -12.34
N LYS A 24 26.32 -6.73 -13.47
CA LYS A 24 27.44 -5.84 -13.85
C LYS A 24 27.72 -4.83 -12.74
N GLY A 25 26.65 -4.23 -12.25
CA GLY A 25 26.75 -3.22 -11.18
C GLY A 25 27.26 -3.84 -9.89
N LEU A 26 26.78 -5.03 -9.54
CA LEU A 26 27.24 -5.67 -8.29
C LEU A 26 28.72 -6.00 -8.37
N ARG A 27 29.17 -6.50 -9.50
CA ARG A 27 30.61 -6.74 -9.65
C ARG A 27 31.42 -5.45 -9.53
N GLN A 28 30.88 -4.35 -10.05
CA GLN A 28 31.59 -3.06 -9.89
C GLN A 28 31.68 -2.62 -8.45
N ILE A 29 30.62 -2.86 -7.68
CA ILE A 29 30.64 -2.53 -6.25
C ILE A 29 31.68 -3.40 -5.54
N VAL A 30 31.72 -4.69 -5.87
CA VAL A 30 32.75 -5.57 -5.29
C VAL A 30 34.18 -5.09 -5.61
N ARG A 31 34.41 -4.73 -6.87
CA ARG A 31 35.73 -4.27 -7.31
C ARG A 31 36.11 -2.97 -6.67
N TYR A 32 35.15 -2.05 -6.53
CA TYR A 32 35.44 -0.78 -5.86
C TYR A 32 35.87 -0.99 -4.41
N ASN A 33 35.20 -1.86 -3.71
CA ASN A 33 35.53 -2.17 -2.32
C ASN A 33 36.94 -2.77 -2.21
N ILE A 34 37.25 -3.71 -3.11
CA ILE A 34 38.57 -4.34 -3.05
C ILE A 34 39.66 -3.38 -3.48
N ASP A 35 39.47 -2.73 -4.64
CA ASP A 35 40.54 -1.96 -5.29
C ASP A 35 40.71 -0.53 -4.76
N LYS A 36 39.61 0.11 -4.34
CA LYS A 36 39.65 1.54 -4.01
C LYS A 36 39.44 1.78 -2.50
N MET A 37 38.51 1.05 -1.90
CA MET A 37 38.29 1.16 -0.46
C MET A 37 39.28 0.33 0.33
N LYS A 38 39.95 -0.60 -0.35
CA LYS A 38 41.03 -1.45 0.21
C LYS A 38 40.58 -2.14 1.48
N VAL A 39 39.40 -2.78 1.38
CA VAL A 39 38.83 -3.50 2.52
C VAL A 39 39.60 -4.78 2.76
N ASP A 40 39.54 -5.26 4.00
CA ASP A 40 40.03 -6.60 4.28
C ASP A 40 39.05 -7.69 3.83
N GLY A 41 37.76 -7.36 3.76
CA GLY A 41 36.74 -8.40 3.51
C GLY A 41 35.41 -7.74 3.17
N LEU A 42 34.49 -8.59 2.74
CA LEU A 42 33.10 -8.19 2.50
C LEU A 42 32.21 -9.05 3.37
N TYR A 43 31.17 -8.43 3.90
CA TYR A 43 30.11 -9.09 4.66
C TYR A 43 28.91 -9.06 3.72
N VAL A 44 28.57 -10.25 3.21
CA VAL A 44 27.61 -10.40 2.08
C VAL A 44 26.26 -10.95 2.56
N GLY A 45 25.17 -10.29 2.18
CA GLY A 45 23.83 -10.80 2.49
C GLY A 45 23.35 -10.22 3.79
N GLY A 46 23.96 -9.12 4.23
CA GLY A 46 23.50 -8.49 5.47
C GLY A 46 22.34 -7.53 5.29
N SER A 47 21.99 -6.83 6.37
CA SER A 47 20.95 -5.77 6.33
C SER A 47 21.20 -4.77 5.22
N THR A 48 22.48 -4.37 5.10
CA THR A 48 22.91 -3.39 4.12
C THR A 48 22.69 -3.87 2.70
N GLY A 49 22.80 -5.20 2.48
CA GLY A 49 22.57 -5.79 1.16
C GLY A 49 21.10 -5.89 0.76
N GLU A 50 20.19 -5.29 1.55
CA GLU A 50 18.74 -5.36 1.28
C GLU A 50 18.25 -6.83 1.29
N ASN A 51 19.02 -7.67 2.01
CA ASN A 51 18.85 -9.12 1.99
C ASN A 51 17.46 -9.58 2.36
N PHE A 52 16.86 -8.98 3.39
CA PHE A 52 15.60 -9.49 3.94
C PHE A 52 14.38 -9.21 3.06
N MET A 53 14.57 -8.43 1.99
CA MET A 53 13.53 -8.20 1.00
C MET A 53 13.58 -9.15 -0.21
N LEU A 54 14.52 -10.10 -0.18
CA LEU A 54 14.87 -10.88 -1.38
C LEU A 54 14.43 -12.33 -1.31
N SER A 55 14.25 -12.97 -2.47
CA SER A 55 14.01 -14.44 -2.49
C SER A 55 15.27 -15.28 -2.20
N THR A 56 15.07 -16.55 -1.85
CA THR A 56 16.21 -17.45 -1.66
C THR A 56 17.11 -17.52 -2.92
N GLU A 57 16.49 -17.63 -4.10
CA GLU A 57 17.25 -17.69 -5.33
C GLU A 57 18.04 -16.40 -5.54
N GLU A 58 17.46 -15.25 -5.17
CA GLU A 58 18.22 -14.00 -5.33
C GLU A 58 19.39 -13.91 -4.35
N LYS A 59 19.20 -14.39 -3.13
CA LYS A 59 20.27 -14.38 -2.17
C LYS A 59 21.41 -15.27 -2.68
N LYS A 60 21.06 -16.41 -3.26
CA LYS A 60 22.08 -17.31 -3.79
C LYS A 60 22.88 -16.65 -4.92
N GLU A 61 22.17 -15.93 -5.82
CA GLU A 61 22.78 -15.25 -6.95
C GLU A 61 23.81 -14.21 -6.46
N ILE A 62 23.45 -13.46 -5.43
CA ILE A 62 24.37 -12.48 -4.83
C ILE A 62 25.61 -13.16 -4.26
N PHE A 63 25.42 -14.25 -3.49
CA PHE A 63 26.58 -14.97 -2.96
C PHE A 63 27.50 -15.48 -4.10
N ARG A 64 26.92 -15.97 -5.19
CA ARG A 64 27.69 -16.54 -6.29
C ARG A 64 28.48 -15.44 -6.99
N ILE A 65 27.81 -14.35 -7.32
CA ILE A 65 28.46 -13.25 -7.98
C ILE A 65 29.57 -12.64 -7.10
N ALA A 66 29.28 -12.37 -5.83
CA ALA A 66 30.29 -11.73 -4.97
C ALA A 66 31.57 -12.60 -4.89
N LYS A 67 31.41 -13.92 -4.72
CA LYS A 67 32.55 -14.80 -4.67
C LYS A 67 33.31 -14.91 -6.00
N ASP A 68 32.57 -15.04 -7.10
CA ASP A 68 33.20 -15.15 -8.40
C ASP A 68 34.04 -13.90 -8.70
N GLU A 69 33.51 -12.72 -8.36
CA GLU A 69 34.24 -11.48 -8.55
C GLU A 69 35.46 -11.30 -7.59
N ALA A 70 35.26 -11.58 -6.31
CA ALA A 70 36.31 -11.39 -5.27
C ALA A 70 37.42 -12.44 -5.30
N LYS A 71 37.05 -13.65 -5.72
CA LYS A 71 37.97 -14.79 -5.76
C LYS A 71 38.59 -14.98 -4.36
N ASP A 72 39.92 -15.03 -4.25
CA ASP A 72 40.60 -15.17 -2.96
C ASP A 72 41.33 -13.89 -2.55
N GLU A 73 40.95 -12.74 -3.12
CA GLU A 73 41.69 -11.50 -2.89
C GLU A 73 41.44 -10.91 -1.51
N ILE A 74 40.27 -11.22 -0.92
CA ILE A 74 39.85 -10.72 0.38
C ILE A 74 39.08 -11.81 1.11
N ALA A 75 38.85 -11.64 2.42
CA ALA A 75 37.97 -12.55 3.18
C ALA A 75 36.49 -12.31 2.81
N LEU A 76 35.66 -13.34 2.92
CA LEU A 76 34.25 -13.18 2.64
C LEU A 76 33.39 -13.87 3.71
N ILE A 77 32.43 -13.14 4.25
CA ILE A 77 31.56 -13.69 5.27
C ILE A 77 30.16 -13.71 4.69
N ALA A 78 29.43 -14.83 4.87
CA ALA A 78 28.06 -14.94 4.30
C ALA A 78 27.01 -14.89 5.39
N GLN A 79 26.23 -13.80 5.45
CA GLN A 79 25.08 -13.70 6.39
C GLN A 79 23.91 -14.48 5.76
N VAL A 80 23.50 -15.52 6.47
CA VAL A 80 22.50 -16.47 5.92
C VAL A 80 21.26 -16.60 6.83
N GLY A 81 21.23 -15.79 7.88
CA GLY A 81 20.15 -15.82 8.88
C GLY A 81 18.81 -15.33 8.31
N SER A 82 17.75 -15.78 8.98
CA SER A 82 16.39 -15.56 8.53
C SER A 82 15.46 -16.01 9.67
N VAL A 83 14.19 -15.63 9.56
CA VAL A 83 13.19 -16.25 10.47
C VAL A 83 12.99 -17.73 10.08
N ASN A 84 13.34 -18.08 8.85
CA ASN A 84 13.15 -19.41 8.34
C ASN A 84 14.48 -20.15 8.49
N LEU A 85 14.55 -21.04 9.49
CA LEU A 85 15.76 -21.81 9.77
C LEU A 85 16.10 -22.74 8.59
N GLN A 86 15.09 -23.30 7.93
CA GLN A 86 15.44 -24.17 6.83
C GLN A 86 16.12 -23.41 5.68
N GLU A 87 15.65 -22.20 5.45
CA GLU A 87 16.26 -21.33 4.47
C GLU A 87 17.69 -20.96 4.89
N ALA A 88 17.89 -20.64 6.17
CA ALA A 88 19.22 -20.33 6.67
C ALA A 88 20.21 -21.49 6.45
N ILE A 89 19.74 -22.72 6.68
CA ILE A 89 20.55 -23.90 6.48
C ILE A 89 20.87 -24.05 5.00
N GLU A 90 19.85 -23.93 4.15
CA GLU A 90 20.06 -24.02 2.68
C GLU A 90 21.10 -23.01 2.19
N LEU A 91 20.96 -21.77 2.63
CA LEU A 91 21.90 -20.70 2.24
C LEU A 91 23.31 -20.97 2.82
N GLY A 92 23.35 -21.42 4.07
CA GLY A 92 24.63 -21.67 4.71
C GLY A 92 25.36 -22.80 4.01
N LYS A 93 24.61 -23.82 3.60
CA LYS A 93 25.21 -24.88 2.76
C LYS A 93 25.77 -24.33 1.45
N TYR A 94 24.97 -23.54 0.77
CA TYR A 94 25.37 -22.99 -0.53
C TYR A 94 26.61 -22.10 -0.42
N ALA A 95 26.61 -21.19 0.57
CA ALA A 95 27.76 -20.31 0.78
C ALA A 95 29.00 -21.11 1.18
N THR A 96 28.80 -22.20 1.93
CA THR A 96 29.90 -23.06 2.32
C THR A 96 30.47 -23.73 1.07
N GLU A 97 29.59 -24.20 0.18
CA GLU A 97 30.08 -24.85 -1.03
C GLU A 97 30.83 -23.87 -1.93
N LEU A 98 30.42 -22.61 -1.93
CA LEU A 98 31.08 -21.58 -2.70
C LEU A 98 32.44 -21.17 -2.12
N GLY A 99 32.71 -21.53 -0.87
CA GLY A 99 34.01 -21.20 -0.29
C GLY A 99 34.08 -19.99 0.64
N TYR A 100 32.94 -19.51 1.15
CA TYR A 100 32.92 -18.35 2.06
C TYR A 100 33.67 -18.75 3.32
N ASP A 101 34.41 -17.80 3.90
CA ASP A 101 35.34 -18.08 5.01
C ASP A 101 34.64 -18.30 6.32
N SER A 102 33.48 -17.66 6.48
CA SER A 102 32.64 -17.93 7.64
C SER A 102 31.23 -17.62 7.25
N LEU A 103 30.30 -18.27 7.94
CA LEU A 103 28.89 -17.84 7.87
C LEU A 103 28.65 -16.86 9.01
N SER A 104 27.53 -16.16 8.87
CA SER A 104 27.01 -15.33 9.93
C SER A 104 25.47 -15.40 9.90
N ALA A 105 24.82 -15.20 11.04
CA ALA A 105 23.35 -15.22 11.06
C ALA A 105 22.79 -14.23 12.07
N VAL A 106 21.86 -13.43 11.57
CA VAL A 106 21.07 -12.55 12.43
C VAL A 106 20.29 -13.38 13.44
N THR A 107 20.10 -12.85 14.66
CA THR A 107 19.24 -13.56 15.59
C THR A 107 17.85 -13.65 14.94
N PRO A 108 17.15 -14.79 15.04
CA PRO A 108 15.85 -14.87 14.44
C PRO A 108 14.85 -13.90 15.07
N PHE A 109 14.05 -13.28 14.20
CA PHE A 109 13.25 -12.12 14.61
C PHE A 109 11.75 -12.33 14.23
N TYR A 110 10.95 -11.29 14.46
CA TYR A 110 9.48 -11.28 14.30
C TYR A 110 8.83 -11.97 15.48
N TYR A 111 8.87 -13.30 15.51
CA TYR A 111 8.39 -13.99 16.68
C TYR A 111 9.35 -13.71 17.84
N LYS A 112 8.82 -13.84 19.05
CA LYS A 112 9.66 -13.62 20.24
C LYS A 112 10.24 -14.96 20.72
N PHE A 113 11.28 -15.39 20.01
CA PHE A 113 11.93 -16.65 20.30
C PHE A 113 12.59 -16.58 21.68
N SER A 114 12.57 -17.71 22.38
CA SER A 114 13.30 -17.81 23.64
C SER A 114 14.81 -17.95 23.44
N PHE A 115 15.60 -17.75 24.51
CA PHE A 115 17.03 -17.96 24.30
C PHE A 115 17.40 -19.42 23.90
N PRO A 116 16.76 -20.44 24.52
CA PRO A 116 17.07 -21.81 24.08
C PRO A 116 16.73 -22.02 22.61
N GLU A 117 15.68 -21.36 22.14
CA GLU A 117 15.36 -21.40 20.69
C GLU A 117 16.41 -20.71 19.81
N ILE A 118 16.91 -19.57 20.26
CA ILE A 118 17.94 -18.88 19.50
C ILE A 118 19.25 -19.71 19.44
N LYS A 119 19.65 -20.27 20.58
CA LYS A 119 20.83 -21.11 20.59
C LYS A 119 20.67 -22.30 19.65
N HIS A 120 19.50 -22.93 19.69
CA HIS A 120 19.26 -24.08 18.78
C HIS A 120 19.33 -23.71 17.28
N TYR A 121 18.87 -22.50 16.97
CA TYR A 121 18.96 -21.97 15.58
C TYR A 121 20.44 -21.87 15.14
N TYR A 122 21.31 -21.31 16.01
CA TYR A 122 22.74 -21.20 15.68
C TYR A 122 23.36 -22.60 15.58
N ASP A 123 23.10 -23.48 16.56
CA ASP A 123 23.70 -24.80 16.56
C ASP A 123 23.21 -25.60 15.34
N SER A 124 21.96 -25.37 14.95
CA SER A 124 21.42 -26.12 13.77
C SER A 124 22.11 -25.74 12.48
N ILE A 125 22.32 -24.45 12.29
CA ILE A 125 23.00 -23.99 11.09
C ILE A 125 24.44 -24.53 11.03
N ILE A 126 25.14 -24.44 12.15
CA ILE A 126 26.53 -24.91 12.25
C ILE A 126 26.61 -26.41 11.95
N GLU A 127 25.80 -27.19 12.65
CA GLU A 127 25.87 -28.65 12.54
C GLU A 127 25.41 -29.19 11.19
N ALA A 128 24.61 -28.42 10.44
CA ALA A 128 24.24 -28.84 9.04
C ALA A 128 25.25 -28.42 8.00
N THR A 129 26.19 -27.55 8.34
CA THR A 129 27.16 -27.02 7.33
C THR A 129 28.65 -27.31 7.60
N GLY A 130 28.97 -27.37 8.87
CA GLY A 130 30.34 -27.59 9.29
C GLY A 130 31.20 -26.34 9.17
N ASN A 131 30.61 -25.20 8.92
CA ASN A 131 31.38 -23.95 8.72
C ASN A 131 31.39 -23.14 10.04
N TYR A 132 32.25 -22.13 10.09
CA TYR A 132 32.31 -21.14 11.19
C TYR A 132 31.07 -20.26 11.21
N MET A 133 30.78 -19.71 12.39
CA MET A 133 29.59 -18.87 12.60
C MET A 133 29.93 -17.59 13.35
N ILE A 134 29.44 -16.48 12.82
CA ILE A 134 29.51 -15.21 13.52
C ILE A 134 28.09 -14.77 13.92
N VAL A 135 27.81 -14.61 15.22
CA VAL A 135 26.49 -14.13 15.66
C VAL A 135 26.30 -12.68 15.18
N TYR A 136 25.21 -12.38 14.49
CA TYR A 136 24.92 -10.99 14.05
C TYR A 136 23.84 -10.42 14.98
N SER A 137 24.26 -9.53 15.87
CA SER A 137 23.39 -8.93 16.85
C SER A 137 23.06 -7.49 16.43
N ILE A 138 21.78 -7.19 16.18
N ILE A 138 21.77 -7.20 16.27
CA ILE A 138 21.31 -5.81 15.85
CA ILE A 138 21.34 -5.88 15.83
C ILE A 138 19.99 -5.55 16.54
C ILE A 138 20.00 -5.55 16.51
N PRO A 139 20.04 -5.29 17.85
CA PRO A 139 18.83 -5.13 18.66
C PRO A 139 17.92 -4.04 18.15
N PHE A 140 18.48 -3.03 17.51
CA PHE A 140 17.60 -1.97 17.13
C PHE A 140 16.63 -2.32 15.98
N LEU A 141 16.95 -3.37 15.20
CA LEU A 141 16.00 -3.91 14.21
C LEU A 141 15.29 -5.15 14.73
N THR A 142 15.99 -6.02 15.45
CA THR A 142 15.35 -7.27 15.88
C THR A 142 14.60 -7.22 17.23
N GLY A 143 14.98 -6.29 18.09
CA GLY A 143 14.48 -6.29 19.50
C GLY A 143 15.07 -7.36 20.38
N VAL A 144 16.04 -8.10 19.86
CA VAL A 144 16.64 -9.20 20.66
C VAL A 144 17.89 -8.73 21.41
N ASN A 145 17.91 -8.93 22.71
CA ASN A 145 19.07 -8.59 23.50
C ASN A 145 19.66 -9.86 24.07
N ILE A 146 20.97 -9.98 23.92
CA ILE A 146 21.69 -11.16 24.42
C ILE A 146 22.70 -10.64 25.40
N GLY A 147 22.71 -11.24 26.60
CA GLY A 147 23.61 -10.82 27.66
C GLY A 147 24.91 -11.60 27.61
N VAL A 148 25.79 -11.31 28.56
CA VAL A 148 27.11 -11.92 28.56
C VAL A 148 27.05 -13.43 28.77
N GLU A 149 26.27 -13.86 29.76
CA GLU A 149 26.11 -15.29 30.02
C GLU A 149 25.60 -16.04 28.79
N GLN A 150 24.64 -15.42 28.14
CA GLN A 150 24.01 -15.99 26.92
C GLN A 150 24.99 -16.10 25.76
N PHE A 151 25.82 -15.07 25.56
CA PHE A 151 26.91 -15.22 24.60
C PHE A 151 27.78 -16.44 24.93
N GLY A 152 28.06 -16.65 26.22
CA GLY A 152 28.89 -17.79 26.66
C GLY A 152 28.25 -19.11 26.25
N GLU A 153 26.92 -19.20 26.37
CA GLU A 153 26.22 -20.40 25.96
C GLU A 153 26.31 -20.59 24.47
N LEU A 154 26.17 -19.49 23.69
CA LEU A 154 26.41 -19.63 22.22
C LEU A 154 27.83 -20.11 21.92
N TYR A 155 28.80 -19.60 22.69
CA TYR A 155 30.19 -19.85 22.41
C TYR A 155 30.66 -21.24 22.85
N LYS A 156 29.80 -21.95 23.57
CA LYS A 156 30.00 -23.40 23.82
C LYS A 156 30.17 -24.24 22.57
N ASN A 157 29.59 -23.79 21.45
CA ASN A 157 29.85 -24.41 20.18
C ASN A 157 31.17 -23.82 19.63
N PRO A 158 32.22 -24.66 19.49
CA PRO A 158 33.55 -24.15 19.11
C PRO A 158 33.64 -23.51 17.71
N LYS A 159 32.63 -23.73 16.88
CA LYS A 159 32.59 -23.06 15.59
C LYS A 159 32.12 -21.62 15.63
N VAL A 160 31.59 -21.19 16.77
CA VAL A 160 31.14 -19.76 16.89
C VAL A 160 32.39 -18.91 17.16
N LEU A 161 32.73 -18.02 16.23
CA LEU A 161 33.99 -17.26 16.29
C LEU A 161 33.86 -15.99 17.12
N GLY A 162 32.64 -15.53 17.28
CA GLY A 162 32.37 -14.25 17.95
C GLY A 162 31.12 -13.58 17.37
N VAL A 163 31.11 -12.25 17.44
CA VAL A 163 29.85 -11.50 17.22
C VAL A 163 30.06 -10.22 16.39
N ALA A 164 29.19 -10.05 15.37
CA ALA A 164 29.06 -8.78 14.62
C ALA A 164 28.08 -7.93 15.47
N PHE A 165 28.66 -6.95 16.17
CA PHE A 165 28.01 -6.27 17.31
C PHE A 165 27.51 -4.89 16.81
N THR A 166 26.32 -4.88 16.19
CA THR A 166 25.68 -3.63 15.74
C THR A 166 24.74 -3.23 16.84
N ALA A 167 25.36 -2.73 17.90
CA ALA A 167 24.73 -2.46 19.18
C ALA A 167 25.51 -1.35 19.86
N GLY A 168 24.82 -0.60 20.70
CA GLY A 168 25.35 0.65 21.25
C GLY A 168 25.79 0.52 22.71
N ASP A 169 25.67 -0.66 23.29
CA ASP A 169 25.95 -0.86 24.74
C ASP A 169 27.44 -1.14 24.98
N PHE A 170 28.19 -0.08 25.28
CA PHE A 170 29.64 -0.20 25.44
C PHE A 170 30.03 -0.88 26.78
N TYR A 171 29.12 -0.94 27.75
CA TYR A 171 29.40 -1.78 28.94
C TYR A 171 29.36 -3.28 28.57
N LEU A 172 28.29 -3.71 27.90
CA LEU A 172 28.24 -5.07 27.38
C LEU A 172 29.47 -5.41 26.52
N LEU A 173 29.87 -4.47 25.68
CA LEU A 173 30.98 -4.70 24.74
C LEU A 173 32.25 -4.97 25.57
N GLU A 174 32.50 -4.13 26.57
CA GLU A 174 33.67 -4.36 27.43
C GLU A 174 33.60 -5.72 28.16
N ARG A 175 32.41 -6.04 28.65
CA ARG A 175 32.23 -7.23 29.47
C ARG A 175 32.40 -8.47 28.59
N LEU A 176 32.00 -8.37 27.32
CA LEU A 176 32.22 -9.51 26.39
C LEU A 176 33.68 -9.75 26.11
N LYS A 177 34.42 -8.65 25.92
CA LYS A 177 35.86 -8.76 25.67
C LYS A 177 36.60 -9.31 26.86
N LYS A 178 36.16 -8.95 28.07
CA LYS A 178 36.73 -9.48 29.30
C LYS A 178 36.43 -10.98 29.54
N ALA A 179 35.18 -11.38 29.33
CA ALA A 179 34.74 -12.74 29.57
C ALA A 179 35.25 -13.72 28.54
N TYR A 180 35.36 -13.28 27.28
CA TYR A 180 35.68 -14.18 26.13
C TYR A 180 36.80 -13.58 25.29
N PRO A 181 38.01 -13.55 25.85
CA PRO A 181 39.07 -12.75 25.24
C PRO A 181 39.57 -13.29 23.91
N ASN A 182 39.39 -14.59 23.68
CA ASN A 182 39.79 -15.20 22.40
C ASN A 182 38.72 -15.18 21.31
N HIS A 183 37.51 -14.79 21.68
CA HIS A 183 36.45 -14.63 20.66
C HIS A 183 36.46 -13.23 20.10
N LEU A 184 36.08 -13.13 18.81
CA LEU A 184 36.23 -11.89 18.07
C LEU A 184 35.01 -10.99 18.23
N ILE A 185 35.21 -9.69 18.10
CA ILE A 185 34.11 -8.73 18.03
C ILE A 185 34.34 -7.79 16.86
N TRP A 186 33.35 -7.66 15.98
CA TRP A 186 33.39 -6.63 14.97
C TRP A 186 32.38 -5.55 15.31
N ALA A 187 32.82 -4.29 15.43
CA ALA A 187 31.88 -3.17 15.58
C ALA A 187 30.99 -2.97 14.37
N GLY A 188 29.71 -2.74 14.61
CA GLY A 188 28.75 -2.50 13.50
C GLY A 188 28.21 -1.07 13.37
N PHE A 189 28.52 -0.19 14.32
CA PHE A 189 28.14 1.26 14.20
C PHE A 189 29.33 2.12 13.78
N ASP A 190 29.35 2.44 12.47
CA ASP A 190 30.43 3.18 11.84
C ASP A 190 30.66 4.52 12.54
N GLU A 191 29.59 5.12 13.08
CA GLU A 191 29.68 6.45 13.70
C GLU A 191 30.26 6.38 15.11
N MET A 192 30.43 5.16 15.63
CA MET A 192 31.06 4.93 16.95
C MET A 192 32.32 4.05 16.84
N MET A 193 33.00 4.17 15.71
CA MET A 193 34.14 3.29 15.45
C MET A 193 35.25 3.51 16.48
N LEU A 194 35.56 4.78 16.72
CA LEU A 194 36.64 5.12 17.63
C LEU A 194 36.42 4.59 19.06
N PRO A 195 35.27 4.88 19.67
CA PRO A 195 35.15 4.31 21.02
C PRO A 195 35.11 2.74 21.07
N ALA A 196 34.56 2.10 20.03
CA ALA A 196 34.59 0.64 19.95
C ALA A 196 36.04 0.16 19.84
N ALA A 197 36.83 0.79 18.97
CA ALA A 197 38.26 0.39 18.80
C ALA A 197 39.06 0.63 20.10
N SER A 198 38.62 1.62 20.85
CA SER A 198 39.30 1.88 22.13
C SER A 198 39.15 0.74 23.13
N LEU A 199 38.09 -0.05 22.98
CA LEU A 199 37.82 -1.17 23.86
C LEU A 199 38.37 -2.47 23.24
N GLY A 200 39.10 -2.37 22.15
CA GLY A 200 39.78 -3.58 21.60
C GLY A 200 38.99 -4.52 20.72
N VAL A 201 37.96 -4.03 20.06
CA VAL A 201 37.31 -4.82 19.01
C VAL A 201 38.34 -5.17 17.92
N ASP A 202 38.09 -6.31 17.29
CA ASP A 202 39.03 -6.90 16.35
C ASP A 202 38.82 -6.42 14.91
N GLY A 203 37.70 -5.77 14.68
CA GLY A 203 37.43 -5.25 13.34
C GLY A 203 36.12 -4.48 13.33
N ALA A 204 35.64 -4.21 12.12
CA ALA A 204 34.42 -3.45 11.95
C ALA A 204 33.77 -3.86 10.65
N ILE A 205 32.45 -3.92 10.68
CA ILE A 205 31.66 -4.26 9.54
C ILE A 205 30.77 -3.05 9.35
N GLY A 206 30.79 -2.48 8.17
CA GLY A 206 30.07 -1.20 8.00
C GLY A 206 29.52 -0.96 6.62
N SER A 207 28.33 -0.36 6.58
CA SER A 207 27.76 0.07 5.28
C SER A 207 28.50 1.27 4.66
N THR A 208 28.93 2.21 5.49
CA THR A 208 29.57 3.41 4.97
C THR A 208 30.97 3.14 4.43
N PHE A 209 31.56 1.99 4.75
CA PHE A 209 32.86 1.65 4.22
C PHE A 209 32.92 1.46 2.71
N ASN A 210 31.72 1.24 2.11
CA ASN A 210 31.60 1.15 0.64
C ASN A 210 32.13 2.43 -0.02
N VAL A 211 32.06 3.59 0.69
CA VAL A 211 32.52 4.87 0.14
C VAL A 211 33.55 5.58 1.01
N ASN A 212 33.58 5.27 2.31
CA ASN A 212 34.45 5.97 3.28
C ASN A 212 35.48 5.02 3.90
N GLY A 213 35.78 3.90 3.20
CA GLY A 213 36.75 2.88 3.68
C GLY A 213 38.14 3.40 4.01
N VAL A 214 38.61 4.43 3.32
CA VAL A 214 39.92 5.02 3.65
C VAL A 214 39.96 5.63 5.07
N ARG A 215 39.05 6.55 5.37
CA ARG A 215 39.00 7.09 6.73
C ARG A 215 38.69 6.04 7.76
N ALA A 216 37.80 5.11 7.41
CA ALA A 216 37.43 4.06 8.37
C ALA A 216 38.67 3.27 8.85
N ARG A 217 39.55 2.93 7.89
CA ARG A 217 40.77 2.19 8.25
C ARG A 217 41.67 3.07 9.11
N GLN A 218 41.76 4.34 8.72
CA GLN A 218 42.58 5.30 9.49
C GLN A 218 42.08 5.39 10.95
N ILE A 219 40.78 5.55 11.16
CA ILE A 219 40.28 5.70 12.54
C ILE A 219 40.68 4.46 13.33
N PHE A 220 40.43 3.30 12.71
CA PHE A 220 40.65 2.02 13.37
C PHE A 220 42.13 1.81 13.70
N GLU A 221 42.99 1.98 12.70
CA GLU A 221 44.44 1.76 12.96
C GLU A 221 45.05 2.83 13.88
N LEU A 222 44.66 4.08 13.75
CA LEU A 222 45.22 5.14 14.61
C LEU A 222 44.79 4.91 16.06
N THR A 223 43.54 4.47 16.25
CA THR A 223 43.05 4.22 17.60
C THR A 223 43.81 3.06 18.23
N GLN A 224 44.01 1.98 17.49
CA GLN A 224 44.76 0.83 18.03
C GLN A 224 46.20 1.23 18.35
N ALA A 225 46.74 2.22 17.62
CA ALA A 225 48.08 2.77 17.91
C ALA A 225 48.12 3.84 19.03
N GLY A 226 46.97 4.17 19.63
CA GLY A 226 46.92 5.18 20.70
C GLY A 226 46.99 6.61 20.20
N LYS A 227 46.93 6.81 18.89
CA LYS A 227 46.94 8.14 18.30
C LYS A 227 45.52 8.69 18.28
N LEU A 228 45.02 8.99 19.48
CA LEU A 228 43.60 9.28 19.66
C LEU A 228 43.21 10.58 19.06
N LYS A 229 44.07 11.58 19.23
CA LYS A 229 43.79 12.91 18.78
C LYS A 229 43.57 12.95 17.26
N GLU A 230 44.46 12.33 16.48
CA GLU A 230 44.28 12.26 15.04
C GLU A 230 43.10 11.37 14.68
N ALA A 231 42.92 10.27 15.40
CA ALA A 231 41.76 9.40 15.11
C ALA A 231 40.47 10.21 15.27
N LEU A 232 40.42 11.02 16.31
CA LEU A 232 39.20 11.72 16.66
C LEU A 232 38.83 12.77 15.62
N GLU A 233 39.85 13.44 15.11
CA GLU A 233 39.65 14.35 13.97
C GLU A 233 38.98 13.66 12.79
N ILE A 234 39.47 12.48 12.46
CA ILE A 234 38.93 11.77 11.28
C ILE A 234 37.51 11.18 11.57
N GLN A 235 37.28 10.76 12.81
CA GLN A 235 35.91 10.36 13.22
C GLN A 235 34.95 11.55 13.13
N HIS A 236 35.41 12.76 13.46
CA HIS A 236 34.57 13.96 13.33
C HIS A 236 34.18 14.21 11.88
N VAL A 237 35.15 14.10 10.97
CA VAL A 237 34.83 14.33 9.52
C VAL A 237 33.92 13.23 9.03
N THR A 238 34.25 12.01 9.44
CA THR A 238 33.44 10.84 9.09
C THR A 238 31.98 11.00 9.52
N ASN A 239 31.78 11.49 10.73
CA ASN A 239 30.43 11.66 11.25
C ASN A 239 29.64 12.82 10.67
N ASP A 240 30.34 13.85 10.18
CA ASP A 240 29.70 14.87 9.37
C ASP A 240 29.11 14.23 8.09
N LEU A 241 29.90 13.39 7.46
CA LEU A 241 29.46 12.69 6.28
C LEU A 241 28.28 11.75 6.59
N ILE A 242 28.46 10.93 7.62
CA ILE A 242 27.39 9.99 8.05
C ILE A 242 26.09 10.71 8.45
N GLU A 243 26.19 11.84 9.14
CA GLU A 243 24.99 12.60 9.49
C GLU A 243 24.24 12.98 8.22
N GLY A 244 25.00 13.43 7.19
CA GLY A 244 24.39 13.85 5.89
C GLY A 244 23.76 12.65 5.19
N ILE A 245 24.50 11.53 5.20
CA ILE A 245 24.03 10.29 4.59
C ILE A 245 22.74 9.83 5.26
N LEU A 246 22.72 9.82 6.60
CA LEU A 246 21.48 9.38 7.27
C LEU A 246 20.28 10.30 7.02
N ALA A 247 20.53 11.59 6.97
CA ALA A 247 19.47 12.57 6.76
C ALA A 247 18.89 12.42 5.34
N ASN A 248 19.76 12.07 4.40
CA ASN A 248 19.39 12.05 2.96
C ASN A 248 18.75 10.71 2.57
N GLY A 249 18.95 9.69 3.40
CA GLY A 249 18.52 8.31 3.12
C GLY A 249 19.75 7.42 2.97
N LEU A 250 20.03 6.55 3.95
CA LEU A 250 21.27 5.80 4.01
C LEU A 250 21.59 4.98 2.75
N TYR A 251 20.75 4.00 2.40
CA TYR A 251 21.18 3.09 1.32
C TYR A 251 21.24 3.81 0.02
N LEU A 252 20.25 4.65 -0.24
CA LEU A 252 20.25 5.35 -1.54
C LEU A 252 21.40 6.36 -1.65
N THR A 253 21.77 7.00 -0.53
CA THR A 253 22.88 8.00 -0.59
C THR A 253 24.24 7.32 -0.78
N ILE A 254 24.48 6.21 -0.08
CA ILE A 254 25.70 5.47 -0.36
C ILE A 254 25.76 5.05 -1.84
N LYS A 255 24.67 4.54 -2.38
CA LYS A 255 24.64 4.16 -3.79
C LYS A 255 24.94 5.39 -4.69
N GLU A 256 24.37 6.54 -4.35
CA GLU A 256 24.61 7.72 -5.21
C GLU A 256 26.12 8.14 -5.11
N LEU A 257 26.70 8.07 -3.92
CA LEU A 257 28.12 8.35 -3.77
C LEU A 257 28.98 7.37 -4.54
N LEU A 258 28.54 6.11 -4.66
CA LEU A 258 29.23 5.15 -5.57
C LEU A 258 29.11 5.56 -7.04
N LYS A 259 27.90 5.97 -7.44
CA LYS A 259 27.57 6.32 -8.86
C LYS A 259 28.40 7.53 -9.26
N LEU A 260 28.64 8.42 -8.30
CA LEU A 260 29.42 9.65 -8.56
C LEU A 260 30.90 9.31 -8.75
N ASP A 261 31.30 8.11 -8.32
CA ASP A 261 32.63 7.58 -8.67
C ASP A 261 32.64 6.53 -9.77
N GLY A 262 31.57 6.47 -10.55
CA GLY A 262 31.58 5.66 -11.76
C GLY A 262 31.13 4.22 -11.57
N VAL A 263 30.67 3.89 -10.36
CA VAL A 263 30.20 2.55 -10.03
C VAL A 263 28.70 2.51 -10.23
N GLU A 264 28.22 1.53 -11.02
CA GLU A 264 26.76 1.44 -11.31
C GLU A 264 25.99 0.74 -10.19
N ALA A 265 25.85 1.43 -9.06
CA ALA A 265 25.30 0.84 -7.85
C ALA A 265 23.78 0.68 -7.85
N GLY A 266 23.11 1.29 -8.82
CA GLY A 266 21.73 0.93 -9.12
C GLY A 266 20.67 1.50 -8.19
N TYR A 267 19.50 0.90 -8.32
CA TYR A 267 18.33 1.26 -7.54
C TYR A 267 18.35 0.53 -6.20
N CYS A 268 17.47 0.98 -5.30
CA CYS A 268 17.16 0.15 -4.13
C CYS A 268 15.97 -0.76 -4.51
N ARG A 269 15.69 -1.73 -3.64
CA ARG A 269 14.67 -2.78 -3.86
C ARG A 269 13.41 -2.41 -3.09
N GLU A 270 12.27 -2.33 -3.78
CA GLU A 270 10.99 -2.12 -3.08
C GLU A 270 10.79 -3.28 -2.07
N PRO A 271 10.22 -3.02 -0.89
CA PRO A 271 9.49 -1.80 -0.57
C PRO A 271 10.30 -0.60 -0.05
N MET A 272 11.64 -0.67 -0.03
CA MET A 272 12.42 0.59 0.09
C MET A 272 12.19 1.54 -1.09
N THR A 273 12.30 2.84 -0.84
CA THR A 273 12.18 3.83 -1.93
C THR A 273 13.29 3.51 -2.94
N LYS A 274 12.93 3.40 -4.22
CA LYS A 274 13.91 2.86 -5.14
C LYS A 274 14.95 3.83 -5.72
N GLU A 275 14.62 5.11 -5.71
CA GLU A 275 15.50 6.11 -6.25
C GLU A 275 15.46 7.39 -5.48
N LEU A 276 16.57 8.12 -5.45
CA LEU A 276 16.60 9.46 -4.85
C LEU A 276 15.88 10.46 -5.72
N SER A 277 15.16 11.36 -5.07
CA SER A 277 14.56 12.50 -5.77
C SER A 277 15.68 13.44 -6.23
N SER A 278 15.36 14.31 -7.20
CA SER A 278 16.36 15.22 -7.72
C SER A 278 17.00 16.09 -6.61
N GLU A 279 16.21 16.48 -5.61
CA GLU A 279 16.72 17.36 -4.55
C GLU A 279 17.72 16.61 -3.67
N LYS A 280 17.44 15.33 -3.48
CA LYS A 280 18.32 14.50 -2.67
C LYS A 280 19.56 14.07 -3.47
N VAL A 281 19.44 13.97 -4.79
CA VAL A 281 20.63 13.79 -5.63
C VAL A 281 21.61 14.97 -5.48
N ALA A 282 21.06 16.17 -5.49
CA ALA A 282 21.85 17.37 -5.34
C ALA A 282 22.52 17.43 -3.97
N PHE A 283 21.80 17.01 -2.93
CA PHE A 283 22.39 16.94 -1.59
C PHE A 283 23.54 15.95 -1.54
N ALA A 284 23.33 14.76 -2.11
CA ALA A 284 24.43 13.80 -2.23
C ALA A 284 25.66 14.35 -2.99
N LYS A 285 25.45 15.10 -4.08
CA LYS A 285 26.60 15.71 -4.77
C LYS A 285 27.38 16.71 -3.87
N GLU A 286 26.64 17.42 -3.01
CA GLU A 286 27.23 18.34 -2.03
C GLU A 286 28.04 17.53 -1.00
N LEU A 287 27.52 16.39 -0.57
CA LEU A 287 28.29 15.55 0.36
C LEU A 287 29.55 15.04 -0.32
N LYS A 288 29.43 14.67 -1.60
CA LYS A 288 30.58 14.20 -2.36
C LYS A 288 31.66 15.29 -2.46
N ALA A 289 31.27 16.50 -2.80
CA ALA A 289 32.20 17.62 -2.94
C ALA A 289 32.88 17.92 -1.61
N LYS A 290 32.10 17.87 -0.52
CA LYS A 290 32.56 18.20 0.82
C LYS A 290 33.51 17.17 1.44
N TYR A 291 33.22 15.88 1.25
CA TYR A 291 33.88 14.82 2.05
C TYR A 291 34.60 13.73 1.26
N LEU A 292 34.32 13.63 -0.04
CA LEU A 292 34.83 12.52 -0.82
C LEU A 292 35.41 13.07 -2.11
N SER A 293 36.04 14.22 -1.90
CA SER A 293 36.81 15.09 -2.78
C SER A 293 36.05 15.61 -3.96
N MET B 1 -17.53 -11.48 -2.47
CA MET B 1 -18.98 -11.51 -2.11
C MET B 1 -19.16 -11.74 -0.61
N LYS B 2 -18.62 -12.84 -0.11
CA LYS B 2 -18.91 -13.34 1.24
C LYS B 2 -18.88 -12.33 2.40
N ASN B 3 -19.80 -12.49 3.32
CA ASN B 3 -19.79 -11.73 4.58
C ASN B 3 -18.52 -12.09 5.34
N LEU B 4 -17.75 -11.05 5.73
CA LEU B 4 -16.45 -11.25 6.44
C LEU B 4 -16.49 -10.87 7.90
N LYS B 5 -17.70 -10.66 8.44
CA LYS B 5 -17.86 -10.36 9.86
C LYS B 5 -17.91 -11.63 10.72
N GLY B 6 -17.68 -11.45 12.02
CA GLY B 6 -17.76 -12.62 12.88
C GLY B 6 -16.43 -13.22 13.31
N ILE B 7 -16.50 -14.51 13.65
CA ILE B 7 -15.43 -15.23 14.33
C ILE B 7 -14.55 -15.96 13.35
N PHE B 8 -13.27 -15.57 13.34
CA PHE B 8 -12.30 -16.21 12.43
C PHE B 8 -11.17 -16.83 13.24
N SER B 9 -10.97 -18.15 13.08
CA SER B 9 -9.76 -18.76 13.67
C SER B 9 -8.56 -18.45 12.80
N ALA B 10 -7.50 -17.99 13.45
CA ALA B 10 -6.19 -17.86 12.81
C ALA B 10 -5.71 -19.31 12.69
N LEU B 11 -5.62 -19.81 11.46
CA LEU B 11 -5.44 -21.25 11.27
C LEU B 11 -4.05 -21.74 11.72
N LEU B 12 -3.99 -22.70 12.67
CA LEU B 12 -2.73 -23.35 13.01
C LEU B 12 -2.44 -24.40 11.95
N VAL B 13 -1.17 -24.70 11.74
CA VAL B 13 -0.73 -25.67 10.71
C VAL B 13 -0.10 -26.89 11.38
N SER B 14 -0.44 -28.07 10.87
CA SER B 14 0.18 -29.29 11.41
C SER B 14 1.48 -29.52 10.68
N PHE B 15 2.59 -29.67 11.44
CA PHE B 15 3.90 -29.97 10.85
C PHE B 15 4.36 -31.36 11.24
N ASN B 16 5.13 -31.98 10.34
CA ASN B 16 5.89 -33.22 10.67
C ASN B 16 7.12 -32.85 11.45
N ALA B 17 7.89 -33.86 11.88
CA ALA B 17 9.00 -33.60 12.78
C ALA B 17 10.13 -32.87 12.06
N ASP B 18 10.13 -32.90 10.74
CA ASP B 18 11.18 -32.24 9.98
C ASP B 18 10.79 -30.85 9.51
N GLY B 19 9.64 -30.37 9.98
CA GLY B 19 9.14 -29.06 9.59
C GLY B 19 8.28 -29.06 8.35
N SER B 20 8.14 -30.19 7.65
CA SER B 20 7.27 -30.23 6.48
C SER B 20 5.80 -30.25 6.92
N ILE B 21 4.91 -29.93 5.97
CA ILE B 21 3.48 -29.81 6.28
C ILE B 21 2.85 -31.22 6.31
N ASN B 22 2.10 -31.49 7.36
CA ASN B 22 1.32 -32.74 7.45
C ASN B 22 -0.06 -32.43 6.90
N GLU B 23 -0.25 -32.74 5.61
CA GLU B 23 -1.52 -32.44 4.94
C GLU B 23 -2.76 -33.05 5.63
N LYS B 24 -2.69 -34.36 5.98
CA LYS B 24 -3.80 -34.98 6.68
C LYS B 24 -4.14 -34.19 7.94
N GLY B 25 -3.12 -33.79 8.69
CA GLY B 25 -3.34 -33.09 9.96
C GLY B 25 -3.88 -31.69 9.76
N LEU B 26 -3.40 -31.02 8.71
CA LEU B 26 -3.88 -29.67 8.43
C LEU B 26 -5.37 -29.72 8.00
N ARG B 27 -5.75 -30.74 7.23
CA ARG B 27 -7.17 -30.89 6.88
C ARG B 27 -8.03 -31.14 8.12
N GLN B 28 -7.51 -31.94 9.05
CA GLN B 28 -8.22 -32.17 10.30
C GLN B 28 -8.40 -30.87 11.09
N ILE B 29 -7.41 -29.97 11.07
CA ILE B 29 -7.55 -28.70 11.80
C ILE B 29 -8.64 -27.87 11.15
N VAL B 30 -8.64 -27.82 9.82
CA VAL B 30 -9.66 -27.07 9.08
C VAL B 30 -11.06 -27.58 9.37
N ARG B 31 -11.25 -28.90 9.25
CA ARG B 31 -12.53 -29.53 9.56
C ARG B 31 -12.99 -29.28 10.98
N TYR B 32 -12.05 -29.34 11.94
CA TYR B 32 -12.41 -29.09 13.35
C TYR B 32 -12.89 -27.69 13.55
N ASN B 33 -12.24 -26.72 12.90
CA ASN B 33 -12.70 -25.32 13.03
C ASN B 33 -14.12 -25.14 12.42
N ILE B 34 -14.35 -25.72 11.24
CA ILE B 34 -15.64 -25.57 10.57
C ILE B 34 -16.77 -26.28 11.32
N ASP B 35 -16.51 -27.51 11.67
CA ASP B 35 -17.55 -28.40 12.13
C ASP B 35 -17.75 -28.37 13.61
N LYS B 36 -16.68 -28.11 14.36
CA LYS B 36 -16.79 -28.13 15.84
C LYS B 36 -16.73 -26.76 16.50
N MET B 37 -15.80 -25.93 16.03
CA MET B 37 -15.69 -24.58 16.56
C MET B 37 -16.74 -23.66 15.95
N LYS B 38 -17.31 -24.08 14.83
CA LYS B 38 -18.37 -23.32 14.17
C LYS B 38 -17.94 -21.90 13.85
N VAL B 39 -16.75 -21.77 13.28
CA VAL B 39 -16.26 -20.44 12.89
C VAL B 39 -16.98 -19.90 11.69
N ASP B 40 -16.98 -18.58 11.56
CA ASP B 40 -17.47 -17.94 10.33
C ASP B 40 -16.42 -18.00 9.24
N GLY B 41 -15.15 -18.11 9.64
CA GLY B 41 -14.08 -18.10 8.66
C GLY B 41 -12.73 -18.49 9.23
N LEU B 42 -11.77 -18.68 8.32
CA LEU B 42 -10.35 -18.90 8.68
C LEU B 42 -9.47 -17.76 8.13
N TYR B 43 -8.49 -17.34 8.96
CA TYR B 43 -7.45 -16.43 8.55
C TYR B 43 -6.20 -17.29 8.39
N VAL B 44 -5.82 -17.48 7.11
CA VAL B 44 -4.77 -18.44 6.73
C VAL B 44 -3.47 -17.73 6.42
N GLY B 45 -2.36 -18.25 6.97
CA GLY B 45 -1.04 -17.67 6.64
C GLY B 45 -0.60 -16.56 7.58
N GLY B 46 -1.23 -16.48 8.75
CA GLY B 46 -0.99 -15.42 9.72
C GLY B 46 0.14 -15.86 10.68
N SER B 47 0.46 -14.96 11.61
CA SER B 47 1.47 -15.29 12.65
C SER B 47 1.23 -16.67 13.26
N THR B 48 -0.04 -16.95 13.54
CA THR B 48 -0.50 -18.21 14.16
C THR B 48 -0.16 -19.44 13.35
N GLY B 49 -0.21 -19.30 12.02
CA GLY B 49 0.12 -20.40 11.13
C GLY B 49 1.62 -20.60 10.96
N GLU B 50 2.43 -19.93 11.80
CA GLU B 50 3.90 -20.10 11.79
C GLU B 50 4.48 -19.65 10.43
N ASN B 51 3.70 -18.79 9.79
CA ASN B 51 3.92 -18.43 8.39
C ASN B 51 5.32 -17.88 8.13
N PHE B 52 5.81 -17.01 9.02
CA PHE B 52 7.00 -16.25 8.72
C PHE B 52 8.24 -17.11 8.83
N MET B 53 8.09 -18.37 9.23
CA MET B 53 9.21 -19.31 9.32
C MET B 53 9.26 -20.23 8.10
N LEU B 54 8.41 -19.98 7.11
CA LEU B 54 8.25 -20.95 5.99
C LEU B 54 8.70 -20.38 4.64
N SER B 55 8.86 -21.29 3.68
CA SER B 55 9.23 -20.92 2.31
C SER B 55 7.99 -20.57 1.54
N THR B 56 8.19 -19.90 0.39
CA THR B 56 7.08 -19.53 -0.44
C THR B 56 6.28 -20.77 -0.90
N GLU B 57 6.99 -21.84 -1.23
CA GLU B 57 6.32 -23.07 -1.66
C GLU B 57 5.47 -23.73 -0.56
N GLU B 58 5.96 -23.69 0.70
CA GLU B 58 5.18 -24.14 1.84
C GLU B 58 3.96 -23.26 2.09
N LYS B 59 4.12 -21.94 1.92
CA LYS B 59 2.99 -21.02 2.10
C LYS B 59 1.91 -21.36 1.08
N LYS B 60 2.32 -21.54 -0.18
CA LYS B 60 1.37 -21.94 -1.24
C LYS B 60 0.65 -23.26 -0.91
N GLU B 61 1.38 -24.24 -0.40
CA GLU B 61 0.79 -25.54 -0.09
C GLU B 61 -0.29 -25.40 0.98
N ILE B 62 0.01 -24.61 2.01
CA ILE B 62 -1.00 -24.32 3.04
C ILE B 62 -2.25 -23.65 2.46
N PHE B 63 -2.06 -22.66 1.60
CA PHE B 63 -3.22 -22.00 1.00
C PHE B 63 -4.06 -22.97 0.20
N ARG B 64 -3.37 -23.88 -0.51
CA ARG B 64 -4.06 -24.79 -1.40
C ARG B 64 -4.86 -25.81 -0.57
N ILE B 65 -4.24 -26.36 0.50
CA ILE B 65 -4.89 -27.38 1.28
C ILE B 65 -6.08 -26.76 2.01
N ALA B 66 -5.90 -25.58 2.60
CA ALA B 66 -7.02 -25.00 3.37
C ALA B 66 -8.23 -24.72 2.51
N LYS B 67 -7.99 -24.16 1.34
CA LYS B 67 -9.10 -23.85 0.45
C LYS B 67 -9.75 -25.13 -0.13
N ASP B 68 -8.94 -26.13 -0.41
CA ASP B 68 -9.50 -27.39 -0.94
C ASP B 68 -10.41 -28.05 0.12
N GLU B 69 -9.97 -28.01 1.39
CA GLU B 69 -10.73 -28.66 2.45
C GLU B 69 -12.00 -27.86 2.78
N ALA B 70 -11.87 -26.52 2.87
CA ALA B 70 -13.00 -25.66 3.28
C ALA B 70 -14.03 -25.43 2.20
N LYS B 71 -13.57 -25.48 0.96
CA LYS B 71 -14.37 -25.11 -0.21
C LYS B 71 -15.09 -23.77 0.06
N ASP B 72 -16.42 -23.74 0.05
CA ASP B 72 -17.11 -22.47 0.34
C ASP B 72 -18.00 -22.51 1.55
N GLU B 73 -17.66 -23.40 2.52
CA GLU B 73 -18.49 -23.59 3.69
C GLU B 73 -18.33 -22.40 4.63
N ILE B 74 -17.19 -21.71 4.52
CA ILE B 74 -16.83 -20.57 5.42
C ILE B 74 -16.09 -19.55 4.59
N ALA B 75 -15.89 -18.38 5.16
CA ALA B 75 -15.07 -17.38 4.48
C ALA B 75 -13.61 -17.63 4.78
N LEU B 76 -12.77 -17.29 3.81
CA LEU B 76 -11.34 -17.43 3.93
C LEU B 76 -10.56 -16.16 3.56
N ILE B 77 -9.66 -15.76 4.44
CA ILE B 77 -8.79 -14.63 4.23
C ILE B 77 -7.35 -15.15 4.19
N ALA B 78 -6.60 -14.71 3.17
CA ALA B 78 -5.21 -15.13 3.00
C ALA B 78 -4.22 -14.01 3.38
N GLN B 79 -3.44 -14.25 4.42
CA GLN B 79 -2.35 -13.30 4.80
C GLN B 79 -1.12 -13.59 3.96
N VAL B 80 -0.66 -12.61 3.20
CA VAL B 80 0.35 -12.81 2.15
C VAL B 80 1.56 -11.86 2.32
N GLY B 81 1.51 -11.06 3.37
CA GLY B 81 2.53 -10.02 3.60
C GLY B 81 3.85 -10.61 4.09
N SER B 82 4.89 -9.82 3.92
CA SER B 82 6.28 -10.28 4.08
C SER B 82 7.17 -9.00 4.07
N VAL B 83 8.42 -9.14 4.45
CA VAL B 83 9.38 -8.08 4.14
C VAL B 83 9.70 -8.08 2.61
N ASN B 84 9.33 -9.17 1.92
CA ASN B 84 9.62 -9.29 0.49
C ASN B 84 8.33 -9.00 -0.28
N LEU B 85 8.24 -7.79 -0.84
CA LEU B 85 7.07 -7.36 -1.63
C LEU B 85 6.84 -8.26 -2.89
N GLN B 86 7.91 -8.75 -3.49
CA GLN B 86 7.71 -9.58 -4.72
C GLN B 86 7.03 -10.91 -4.31
N GLU B 87 7.44 -11.43 -3.14
CA GLU B 87 6.81 -12.65 -2.62
C GLU B 87 5.33 -12.36 -2.27
N ALA B 88 5.06 -11.18 -1.71
CA ALA B 88 3.73 -10.88 -1.26
C ALA B 88 2.83 -10.83 -2.50
N ILE B 89 3.35 -10.23 -3.57
CA ILE B 89 2.59 -10.17 -4.83
C ILE B 89 2.37 -11.59 -5.40
N GLU B 90 3.42 -12.40 -5.42
CA GLU B 90 3.24 -13.79 -5.92
C GLU B 90 2.19 -14.59 -5.11
N LEU B 91 2.27 -14.52 -3.77
CA LEU B 91 1.30 -15.25 -2.92
C LEU B 91 -0.11 -14.66 -3.04
N GLY B 92 -0.19 -13.33 -3.20
CA GLY B 92 -1.47 -12.66 -3.33
C GLY B 92 -2.15 -13.10 -4.66
N LYS B 93 -1.36 -13.23 -5.69
CA LYS B 93 -1.97 -13.65 -6.96
C LYS B 93 -2.46 -15.09 -6.82
N TYR B 94 -1.61 -15.90 -6.19
CA TYR B 94 -1.88 -17.35 -6.05
C TYR B 94 -3.12 -17.57 -5.19
N ALA B 95 -3.19 -16.90 -4.02
CA ALA B 95 -4.38 -17.00 -3.19
C ALA B 95 -5.65 -16.45 -3.87
N THR B 96 -5.49 -15.39 -4.67
CA THR B 96 -6.64 -14.80 -5.37
C THR B 96 -7.15 -15.81 -6.40
N GLU B 97 -6.23 -16.45 -7.12
CA GLU B 97 -6.64 -17.44 -8.14
C GLU B 97 -7.34 -18.64 -7.45
N LEU B 98 -6.93 -19.00 -6.23
CA LEU B 98 -7.62 -20.06 -5.47
C LEU B 98 -9.03 -19.68 -4.99
N GLY B 99 -9.37 -18.40 -5.05
CA GLY B 99 -10.69 -17.93 -4.62
C GLY B 99 -10.81 -17.43 -3.18
N TYR B 100 -9.69 -17.13 -2.53
CA TYR B 100 -9.72 -16.48 -1.22
C TYR B 100 -10.55 -15.16 -1.27
N ASP B 101 -11.33 -14.95 -0.24
CA ASP B 101 -12.33 -13.88 -0.21
C ASP B 101 -11.72 -12.50 -0.08
N SER B 102 -10.57 -12.44 0.60
CA SER B 102 -9.79 -11.22 0.71
C SER B 102 -8.37 -11.62 0.95
N LEU B 103 -7.45 -10.74 0.60
CA LEU B 103 -6.08 -10.85 1.10
C LEU B 103 -5.95 -10.04 2.38
N SER B 104 -4.84 -10.28 3.07
CA SER B 104 -4.43 -9.42 4.16
C SER B 104 -2.89 -9.36 4.14
N ALA B 105 -2.29 -8.32 4.75
CA ALA B 105 -0.85 -8.26 4.74
C ALA B 105 -0.36 -7.52 5.94
N VAL B 106 0.58 -8.18 6.62
CA VAL B 106 1.30 -7.56 7.75
C VAL B 106 2.05 -6.33 7.21
N THR B 107 2.11 -5.29 8.02
CA THR B 107 2.96 -4.13 7.69
C THR B 107 4.35 -4.69 7.49
N PRO B 108 5.06 -4.27 6.44
CA PRO B 108 6.44 -4.75 6.31
C PRO B 108 7.33 -4.35 7.51
N PHE B 109 8.13 -5.32 7.93
CA PHE B 109 8.90 -5.22 9.15
C PHE B 109 10.43 -5.40 8.92
N TYR B 110 11.16 -5.50 10.04
CA TYR B 110 12.63 -5.54 10.09
C TYR B 110 13.27 -4.21 9.81
N TYR B 111 13.28 -3.80 8.54
CA TYR B 111 13.74 -2.47 8.21
C TYR B 111 12.69 -1.50 8.69
N LYS B 112 13.12 -0.27 8.99
CA LYS B 112 12.21 0.75 9.50
C LYS B 112 11.64 1.50 8.30
N PHE B 113 10.64 0.91 7.64
CA PHE B 113 10.08 1.50 6.42
C PHE B 113 9.32 2.74 6.81
N SER B 114 9.36 3.75 5.93
CA SER B 114 8.56 4.96 6.17
C SER B 114 7.08 4.71 5.85
N PHE B 115 6.21 5.59 6.36
CA PHE B 115 4.80 5.42 5.98
C PHE B 115 4.56 5.41 4.45
N PRO B 116 5.16 6.34 3.69
CA PRO B 116 4.90 6.25 2.22
C PRO B 116 5.35 4.89 1.60
N GLU B 117 6.45 4.32 2.10
CA GLU B 117 6.88 2.99 1.68
C GLU B 117 5.84 1.92 2.05
N ILE B 118 5.26 2.05 3.24
CA ILE B 118 4.26 1.07 3.68
C ILE B 118 3.02 1.18 2.81
N LYS B 119 2.61 2.42 2.53
CA LYS B 119 1.41 2.61 1.71
C LYS B 119 1.63 2.06 0.31
N HIS B 120 2.84 2.32 -0.21
CA HIS B 120 3.17 1.82 -1.57
C HIS B 120 3.12 0.30 -1.60
N TYR B 121 3.58 -0.33 -0.53
CA TYR B 121 3.49 -1.80 -0.42
C TYR B 121 2.04 -2.30 -0.53
N TYR B 122 1.13 -1.70 0.24
CA TYR B 122 -0.28 -2.11 0.16
C TYR B 122 -0.87 -1.87 -1.25
N ASP B 123 -0.65 -0.69 -1.75
CA ASP B 123 -1.19 -0.34 -3.10
C ASP B 123 -0.60 -1.28 -4.15
N SER B 124 0.66 -1.66 -3.99
CA SER B 124 1.29 -2.52 -5.02
C SER B 124 0.69 -3.91 -5.02
N ILE B 125 0.48 -4.48 -3.84
CA ILE B 125 -0.16 -5.79 -3.75
C ILE B 125 -1.57 -5.74 -4.30
N ILE B 126 -2.32 -4.69 -3.97
CA ILE B 126 -3.69 -4.56 -4.46
C ILE B 126 -3.72 -4.43 -5.99
N GLU B 127 -2.86 -3.59 -6.53
CA GLU B 127 -2.89 -3.40 -8.01
C GLU B 127 -2.55 -4.67 -8.76
N ALA B 128 -1.57 -5.40 -8.24
CA ALA B 128 -1.12 -6.62 -8.87
C ALA B 128 -2.15 -7.77 -8.81
N THR B 129 -2.95 -7.82 -7.76
CA THR B 129 -3.87 -8.96 -7.54
C THR B 129 -5.31 -8.67 -7.92
N GLY B 130 -5.69 -7.39 -7.85
CA GLY B 130 -7.08 -6.95 -7.92
C GLY B 130 -8.03 -7.37 -6.81
N ASN B 131 -7.49 -7.93 -5.73
CA ASN B 131 -8.34 -8.47 -4.66
C ASN B 131 -8.46 -7.43 -3.53
N TYR B 132 -9.40 -7.67 -2.64
CA TYR B 132 -9.57 -6.85 -1.42
C TYR B 132 -8.37 -7.04 -0.52
N MET B 133 -8.17 -6.04 0.35
CA MET B 133 -7.01 -6.08 1.28
C MET B 133 -7.43 -5.69 2.66
N ILE B 134 -6.95 -6.45 3.63
CA ILE B 134 -7.14 -6.14 5.06
C ILE B 134 -5.74 -5.84 5.60
N VAL B 135 -5.55 -4.64 6.17
CA VAL B 135 -4.27 -4.35 6.82
C VAL B 135 -4.13 -5.18 8.10
N TYR B 136 -2.99 -5.87 8.28
CA TYR B 136 -2.74 -6.64 9.49
C TYR B 136 -1.75 -5.82 10.30
N SER B 137 -2.22 -5.28 11.43
CA SER B 137 -1.39 -4.46 12.32
C SER B 137 -1.11 -5.30 13.56
N ILE B 138 0.16 -5.52 13.83
CA ILE B 138 0.59 -6.21 15.05
C ILE B 138 1.88 -5.53 15.61
N PRO B 139 1.71 -4.33 16.24
CA PRO B 139 2.84 -3.54 16.63
C PRO B 139 3.73 -4.27 17.64
N PHE B 140 3.15 -5.18 18.42
CA PHE B 140 3.99 -5.81 19.47
C PHE B 140 5.02 -6.76 18.86
N LEU B 141 4.82 -7.17 17.60
CA LEU B 141 5.85 -7.93 16.87
C LEU B 141 6.59 -7.12 15.83
N THR B 142 5.93 -6.19 15.14
CA THR B 142 6.61 -5.49 14.09
C THR B 142 7.25 -4.19 14.52
N GLY B 143 6.75 -3.59 15.60
CA GLY B 143 7.23 -2.25 16.01
C GLY B 143 6.66 -1.11 15.19
N VAL B 144 5.73 -1.41 14.28
CA VAL B 144 5.13 -0.36 13.43
C VAL B 144 3.84 0.16 14.05
N ASN B 145 3.76 1.47 14.21
CA ASN B 145 2.56 2.09 14.71
C ASN B 145 2.02 3.01 13.62
N ILE B 146 0.79 2.75 13.25
CA ILE B 146 0.08 3.51 12.21
C ILE B 146 -1.01 4.35 12.91
N GLY B 147 -0.98 5.66 12.70
CA GLY B 147 -1.96 6.56 13.33
C GLY B 147 -3.27 6.67 12.55
N VAL B 148 -4.23 7.41 13.12
CA VAL B 148 -5.57 7.57 12.50
C VAL B 148 -5.45 8.19 11.11
N GLU B 149 -4.69 9.26 10.98
CA GLU B 149 -4.54 9.94 9.67
C GLU B 149 -3.90 8.97 8.66
N GLN B 150 -2.92 8.21 9.12
CA GLN B 150 -2.25 7.21 8.23
C GLN B 150 -3.21 6.10 7.77
N PHE B 151 -4.04 5.59 8.68
CA PHE B 151 -5.06 4.59 8.22
C PHE B 151 -5.94 5.21 7.14
N GLY B 152 -6.27 6.50 7.31
CA GLY B 152 -7.06 7.20 6.33
C GLY B 152 -6.36 7.23 4.97
N GLU B 153 -5.06 7.44 4.96
CA GLU B 153 -4.32 7.36 3.68
C GLU B 153 -4.38 5.96 3.05
N LEU B 154 -4.22 4.94 3.88
CA LEU B 154 -4.35 3.56 3.37
C LEU B 154 -5.76 3.34 2.77
N TYR B 155 -6.76 3.91 3.45
CA TYR B 155 -8.18 3.69 3.10
C TYR B 155 -8.61 4.51 1.90
N LYS B 156 -7.75 5.41 1.45
CA LYS B 156 -7.99 6.04 0.14
C LYS B 156 -8.01 5.01 -1.01
N ASN B 157 -7.35 3.88 -0.83
CA ASN B 157 -7.49 2.80 -1.83
C ASN B 157 -8.79 2.05 -1.54
N PRO B 158 -9.76 2.08 -2.48
CA PRO B 158 -11.05 1.55 -2.09
C PRO B 158 -11.14 0.02 -1.92
N LYS B 159 -10.08 -0.72 -2.29
CA LYS B 159 -10.06 -2.16 -2.07
C LYS B 159 -9.56 -2.51 -0.66
N VAL B 160 -9.19 -1.49 0.13
CA VAL B 160 -8.82 -1.75 1.53
C VAL B 160 -10.10 -1.79 2.38
N LEU B 161 -10.38 -2.96 2.99
CA LEU B 161 -11.63 -3.20 3.72
C LEU B 161 -11.60 -2.70 5.17
N GLY B 162 -10.40 -2.63 5.71
CA GLY B 162 -10.24 -2.37 7.16
C GLY B 162 -8.96 -2.98 7.69
N VAL B 163 -8.98 -3.28 9.00
CA VAL B 163 -7.77 -3.62 9.68
C VAL B 163 -8.02 -4.79 10.65
N ALA B 164 -7.14 -5.77 10.56
CA ALA B 164 -7.04 -6.81 11.63
C ALA B 164 -6.12 -6.24 12.67
N PHE B 165 -6.72 -5.91 13.80
CA PHE B 165 -6.18 -4.99 14.78
C PHE B 165 -5.72 -5.84 15.98
N THR B 166 -4.48 -6.32 15.89
CA THR B 166 -3.89 -7.13 16.98
C THR B 166 -3.06 -6.15 17.75
N ALA B 167 -3.77 -5.30 18.48
CA ALA B 167 -3.22 -4.13 19.16
C ALA B 167 -4.13 -3.82 20.33
N GLY B 168 -3.53 -3.21 21.35
CA GLY B 168 -4.25 -2.96 22.59
C GLY B 168 -4.71 -1.52 22.80
N ASP B 169 -4.40 -0.65 21.86
CA ASP B 169 -4.73 0.78 22.02
C ASP B 169 -6.21 0.99 21.70
N PHE B 170 -7.03 1.00 22.74
CA PHE B 170 -8.45 1.11 22.52
C PHE B 170 -8.93 2.54 22.27
N TYR B 171 -8.04 3.51 22.49
CA TYR B 171 -8.33 4.89 22.03
C TYR B 171 -8.19 4.96 20.50
N LEU B 172 -7.08 4.43 19.97
CA LEU B 172 -6.95 4.31 18.52
C LEU B 172 -8.12 3.54 17.89
N LEU B 173 -8.53 2.44 18.51
CA LEU B 173 -9.63 1.59 18.00
C LEU B 173 -10.89 2.47 17.87
N GLU B 174 -11.25 3.15 18.96
CA GLU B 174 -12.40 4.03 18.93
C GLU B 174 -12.31 5.14 17.88
N ARG B 175 -11.15 5.76 17.79
CA ARG B 175 -10.92 6.82 16.80
C ARG B 175 -11.07 6.30 15.36
N LEU B 176 -10.66 5.05 15.13
CA LEU B 176 -10.81 4.47 13.78
C LEU B 176 -12.28 4.24 13.40
N LYS B 177 -13.06 3.82 14.38
CA LYS B 177 -14.52 3.64 14.20
C LYS B 177 -15.25 4.97 14.06
N LYS B 178 -14.74 6.00 14.72
CA LYS B 178 -15.31 7.33 14.53
C LYS B 178 -15.00 7.87 13.13
N ALA B 179 -13.73 7.75 12.73
CA ALA B 179 -13.31 8.42 11.49
C ALA B 179 -13.74 7.69 10.23
N TYR B 180 -13.74 6.36 10.31
CA TYR B 180 -13.97 5.47 9.12
C TYR B 180 -15.06 4.44 9.44
N PRO B 181 -16.31 4.93 9.61
CA PRO B 181 -17.35 4.08 10.20
C PRO B 181 -17.75 2.91 9.28
N ASN B 182 -17.46 3.02 8.01
CA ASN B 182 -17.79 1.92 7.08
C ASN B 182 -16.64 0.94 6.85
N HIS B 183 -15.49 1.18 7.46
CA HIS B 183 -14.39 0.22 7.31
C HIS B 183 -14.44 -0.73 8.48
N LEU B 184 -13.95 -1.95 8.26
CA LEU B 184 -14.17 -3.01 9.24
C LEU B 184 -12.98 -3.07 10.16
N ILE B 185 -13.22 -3.58 11.37
CA ILE B 185 -12.14 -3.85 12.33
C ILE B 185 -12.37 -5.24 12.87
N TRP B 186 -11.33 -6.06 12.81
CA TRP B 186 -11.33 -7.36 13.50
C TRP B 186 -10.37 -7.33 14.68
N ALA B 187 -10.86 -7.62 15.88
CA ALA B 187 -9.97 -7.68 17.07
C ALA B 187 -9.06 -8.86 17.01
N GLY B 188 -7.79 -8.65 17.35
CA GLY B 188 -6.78 -9.72 17.34
C GLY B 188 -6.28 -10.18 18.72
N PHE B 189 -6.74 -9.56 19.81
CA PHE B 189 -6.34 -10.07 21.18
C PHE B 189 -7.49 -10.79 21.86
N ASP B 190 -7.39 -12.11 21.85
CA ASP B 190 -8.51 -12.97 22.26
C ASP B 190 -8.90 -12.68 23.72
N GLU B 191 -7.88 -12.33 24.52
CA GLU B 191 -8.05 -12.05 25.97
C GLU B 191 -8.71 -10.71 26.25
N MET B 192 -8.91 -9.91 25.19
CA MET B 192 -9.58 -8.59 25.30
C MET B 192 -10.75 -8.50 24.33
N MET B 193 -11.32 -9.64 24.03
CA MET B 193 -12.47 -9.67 23.12
C MET B 193 -13.67 -8.84 23.58
N LEU B 194 -14.01 -8.97 24.85
CA LEU B 194 -15.18 -8.26 25.39
C LEU B 194 -15.05 -6.73 25.24
N PRO B 195 -13.97 -6.11 25.76
CA PRO B 195 -13.88 -4.65 25.61
C PRO B 195 -13.80 -4.23 24.11
N ALA B 196 -13.16 -5.03 23.26
CA ALA B 196 -13.14 -4.71 21.81
C ALA B 196 -14.53 -4.80 21.18
N ALA B 197 -15.24 -5.86 21.53
CA ALA B 197 -16.62 -6.03 21.08
C ALA B 197 -17.52 -4.89 21.58
N SER B 198 -17.27 -4.37 22.78
CA SER B 198 -18.04 -3.22 23.30
C SER B 198 -17.85 -1.94 22.50
N LEU B 199 -16.72 -1.81 21.82
CA LEU B 199 -16.47 -0.69 20.91
C LEU B 199 -17.00 -0.89 19.49
N GLY B 200 -17.72 -1.98 19.30
CA GLY B 200 -18.33 -2.35 17.99
C GLY B 200 -17.40 -2.85 16.89
N VAL B 201 -16.36 -3.58 17.25
CA VAL B 201 -15.59 -4.26 16.18
C VAL B 201 -16.51 -5.25 15.46
N ASP B 202 -16.21 -5.50 14.20
CA ASP B 202 -17.05 -6.30 13.33
C ASP B 202 -16.78 -7.80 13.41
N GLY B 203 -15.68 -8.18 14.06
CA GLY B 203 -15.29 -9.54 14.07
C GLY B 203 -14.07 -9.72 14.92
N ALA B 204 -13.56 -10.95 14.96
CA ALA B 204 -12.36 -11.19 15.70
C ALA B 204 -11.60 -12.28 15.02
N ILE B 205 -10.30 -12.17 15.07
CA ILE B 205 -9.47 -13.24 14.49
C ILE B 205 -8.59 -13.71 15.64
N GLY B 206 -8.58 -15.01 15.93
CA GLY B 206 -7.86 -15.46 17.17
C GLY B 206 -7.26 -16.86 17.05
N SER B 207 -6.06 -17.03 17.59
CA SER B 207 -5.42 -18.35 17.64
C SER B 207 -6.22 -19.25 18.56
N THR B 208 -6.77 -18.71 19.65
CA THR B 208 -7.32 -19.66 20.64
C THR B 208 -8.68 -20.16 20.19
N PHE B 209 -9.24 -19.57 19.12
CA PHE B 209 -10.55 -19.99 18.64
C PHE B 209 -10.48 -21.39 17.99
N ASN B 210 -9.26 -21.85 17.71
CA ASN B 210 -9.07 -23.20 17.19
C ASN B 210 -9.57 -24.25 18.23
N VAL B 211 -9.59 -23.88 19.52
CA VAL B 211 -10.04 -24.81 20.56
C VAL B 211 -11.16 -24.21 21.45
N ASN B 212 -11.26 -22.88 21.52
CA ASN B 212 -12.22 -22.21 22.41
C ASN B 212 -13.24 -21.41 21.64
N GLY B 213 -13.50 -21.81 20.39
CA GLY B 213 -14.42 -21.06 19.50
C GLY B 213 -15.89 -20.94 19.98
N VAL B 214 -16.35 -21.91 20.74
CA VAL B 214 -17.70 -21.87 21.29
C VAL B 214 -17.85 -20.70 22.30
N ARG B 215 -16.95 -20.64 23.28
CA ARG B 215 -16.94 -19.50 24.20
C ARG B 215 -16.70 -18.19 23.51
N ALA B 216 -15.80 -18.18 22.52
CA ALA B 216 -15.43 -16.93 21.81
C ALA B 216 -16.66 -16.32 21.13
N ARG B 217 -17.45 -17.16 20.47
CA ARG B 217 -18.66 -16.68 19.84
C ARG B 217 -19.67 -16.16 20.90
N GLN B 218 -19.76 -16.86 22.03
CA GLN B 218 -20.67 -16.43 23.11
C GLN B 218 -20.29 -15.02 23.61
N ILE B 219 -19.01 -14.82 23.88
CA ILE B 219 -18.56 -13.51 24.34
C ILE B 219 -18.95 -12.44 23.33
N PHE B 220 -18.70 -12.71 22.06
CA PHE B 220 -18.95 -11.73 21.05
C PHE B 220 -20.44 -11.45 20.87
N GLU B 221 -21.26 -12.49 20.84
CA GLU B 221 -22.69 -12.29 20.60
C GLU B 221 -23.43 -11.74 21.83
N LEU B 222 -23.01 -12.17 23.02
CA LEU B 222 -23.62 -11.65 24.22
C LEU B 222 -23.33 -10.13 24.35
N THR B 223 -22.12 -9.74 23.98
CA THR B 223 -21.66 -8.35 24.15
C THR B 223 -22.45 -7.51 23.18
N GLN B 224 -22.60 -7.99 21.96
CA GLN B 224 -23.36 -7.30 20.92
C GLN B 224 -24.80 -7.11 21.33
N ALA B 225 -25.32 -8.04 22.15
CA ALA B 225 -26.69 -7.99 22.65
C ALA B 225 -26.80 -7.19 23.96
N GLY B 226 -25.70 -6.66 24.47
CA GLY B 226 -25.71 -5.84 25.71
C GLY B 226 -25.83 -6.70 26.96
N LYS B 227 -25.58 -8.01 26.84
CA LYS B 227 -25.61 -8.94 27.99
C LYS B 227 -24.22 -9.03 28.61
N LEU B 228 -23.78 -7.92 29.20
CA LEU B 228 -22.40 -7.76 29.58
C LEU B 228 -22.03 -8.60 30.77
N LYS B 229 -22.93 -8.71 31.74
CA LYS B 229 -22.67 -9.52 32.91
C LYS B 229 -22.39 -10.99 32.51
N GLU B 230 -23.20 -11.53 31.62
CA GLU B 230 -22.98 -12.91 31.17
C GLU B 230 -21.72 -13.03 30.27
N ALA B 231 -21.51 -12.05 29.38
CA ALA B 231 -20.29 -12.05 28.54
C ALA B 231 -19.01 -12.03 29.39
N LEU B 232 -19.02 -11.24 30.46
CA LEU B 232 -17.83 -11.11 31.32
C LEU B 232 -17.54 -12.44 32.06
N GLU B 233 -18.59 -13.15 32.49
CA GLU B 233 -18.39 -14.44 33.17
C GLU B 233 -17.64 -15.38 32.21
N ILE B 234 -18.03 -15.35 30.95
CA ILE B 234 -17.40 -16.22 29.96
C ILE B 234 -16.02 -15.71 29.55
N GLN B 235 -15.80 -14.40 29.52
CA GLN B 235 -14.44 -13.87 29.26
C GLN B 235 -13.49 -14.28 30.39
N HIS B 236 -14.02 -14.27 31.63
CA HIS B 236 -13.20 -14.65 32.75
C HIS B 236 -12.73 -16.09 32.62
N VAL B 237 -13.62 -17.02 32.31
CA VAL B 237 -13.20 -18.42 32.17
C VAL B 237 -12.27 -18.58 30.96
N THR B 238 -12.60 -17.94 29.84
CA THR B 238 -11.73 -17.94 28.67
C THR B 238 -10.31 -17.49 29.05
N ASN B 239 -10.20 -16.46 29.91
CA ASN B 239 -8.90 -15.94 30.24
C ASN B 239 -8.13 -16.76 31.24
N ASP B 240 -8.84 -17.53 32.07
CA ASP B 240 -8.16 -18.58 32.88
C ASP B 240 -7.48 -19.58 31.92
N LEU B 241 -8.23 -20.00 30.90
CA LEU B 241 -7.68 -20.92 29.90
C LEU B 241 -6.49 -20.26 29.13
N ILE B 242 -6.70 -19.05 28.61
CA ILE B 242 -5.62 -18.38 27.86
C ILE B 242 -4.37 -18.17 28.76
N GLU B 243 -4.58 -17.77 30.00
CA GLU B 243 -3.43 -17.56 30.89
C GLU B 243 -2.61 -18.87 30.96
N GLY B 244 -3.31 -19.99 31.09
CA GLY B 244 -2.64 -21.30 31.17
C GLY B 244 -1.94 -21.68 29.87
N ILE B 245 -2.59 -21.40 28.74
CA ILE B 245 -2.01 -21.64 27.40
C ILE B 245 -0.73 -20.82 27.22
N LEU B 246 -0.78 -19.54 27.57
CA LEU B 246 0.39 -18.67 27.48
C LEU B 246 1.57 -19.14 28.33
N ALA B 247 1.25 -19.55 29.56
CA ALA B 247 2.26 -19.99 30.50
C ALA B 247 2.95 -21.30 30.01
N ASN B 248 2.18 -22.17 29.39
CA ASN B 248 2.67 -23.51 28.96
C ASN B 248 3.31 -23.48 27.57
N GLY B 249 3.08 -22.40 26.83
CA GLY B 249 3.61 -22.29 25.45
C GLY B 249 2.45 -22.28 24.49
N LEU B 250 2.15 -21.08 23.98
CA LEU B 250 0.96 -20.83 23.18
C LEU B 250 0.69 -21.83 22.03
N TYR B 251 1.54 -21.84 21.01
CA TYR B 251 1.16 -22.62 19.83
C TYR B 251 1.19 -24.11 20.14
N LEU B 252 2.19 -24.56 20.93
CA LEU B 252 2.24 -25.99 21.20
C LEU B 252 1.05 -26.42 22.06
N THR B 253 0.62 -25.55 23.00
CA THR B 253 -0.49 -25.96 23.85
C THR B 253 -1.81 -25.95 23.13
N ILE B 254 -2.04 -24.99 22.24
CA ILE B 254 -3.26 -25.12 21.42
C ILE B 254 -3.23 -26.43 20.62
N LYS B 255 -2.07 -26.73 20.02
CA LYS B 255 -1.90 -27.99 19.27
C LYS B 255 -2.16 -29.22 20.13
N GLU B 256 -1.68 -29.18 21.37
CA GLU B 256 -1.96 -30.29 22.29
C GLU B 256 -3.44 -30.40 22.62
N LEU B 257 -4.12 -29.26 22.80
CA LEU B 257 -5.55 -29.29 23.09
C LEU B 257 -6.34 -29.88 21.91
N LEU B 258 -5.84 -29.67 20.71
CA LEU B 258 -6.47 -30.25 19.50
C LEU B 258 -6.17 -31.73 19.47
N LYS B 259 -4.92 -32.11 19.80
CA LYS B 259 -4.57 -33.53 19.74
C LYS B 259 -5.42 -34.31 20.75
N LEU B 260 -5.78 -33.67 21.86
CA LEU B 260 -6.57 -34.35 22.86
C LEU B 260 -8.00 -34.61 22.42
N ASP B 261 -8.45 -33.86 21.41
CA ASP B 261 -9.72 -34.12 20.76
C ASP B 261 -9.57 -34.92 19.47
N GLY B 262 -8.42 -35.57 19.25
CA GLY B 262 -8.26 -36.43 18.06
C GLY B 262 -7.89 -35.71 16.78
N VAL B 263 -7.53 -34.42 16.89
CA VAL B 263 -7.06 -33.67 15.69
C VAL B 263 -5.52 -33.77 15.66
N GLU B 264 -4.95 -34.31 14.57
CA GLU B 264 -3.50 -34.53 14.51
C GLU B 264 -2.76 -33.27 14.13
N ALA B 265 -2.67 -32.35 15.10
CA ALA B 265 -2.21 -30.98 14.92
C ALA B 265 -0.68 -30.88 14.84
N GLY B 266 0.02 -31.99 15.11
CA GLY B 266 1.43 -32.12 14.83
C GLY B 266 2.39 -31.28 15.68
N TYR B 267 3.58 -31.15 15.15
CA TYR B 267 4.69 -30.45 15.77
C TYR B 267 4.59 -28.97 15.45
N CYS B 268 5.33 -28.14 16.22
CA CYS B 268 5.61 -26.77 15.80
C CYS B 268 6.83 -26.74 14.86
N ARG B 269 7.01 -25.63 14.14
CA ARG B 269 8.09 -25.53 13.17
C ARG B 269 9.29 -24.83 13.81
N GLU B 270 10.47 -25.43 13.72
CA GLU B 270 11.67 -24.75 14.25
C GLU B 270 11.95 -23.53 13.39
N PRO B 271 12.45 -22.44 13.99
CA PRO B 271 13.08 -22.38 15.27
C PRO B 271 12.17 -22.27 16.50
N MET B 272 10.86 -22.32 16.34
CA MET B 272 10.05 -22.48 17.55
C MET B 272 10.32 -23.88 18.13
N THR B 273 10.19 -24.01 19.44
CA THR B 273 10.35 -25.33 20.05
C THR B 273 9.33 -26.32 19.43
N LYS B 274 9.79 -27.48 19.03
CA LYS B 274 8.96 -28.26 18.15
C LYS B 274 7.96 -29.16 18.88
N GLU B 275 8.29 -29.54 20.13
CA GLU B 275 7.35 -30.35 20.96
C GLU B 275 7.34 -29.99 22.44
N LEU B 276 6.25 -30.34 23.13
CA LEU B 276 6.13 -30.09 24.58
C LEU B 276 6.89 -31.14 25.35
N SER B 277 7.54 -30.72 26.42
CA SER B 277 8.08 -31.65 27.42
C SER B 277 6.98 -32.47 28.12
N SER B 278 7.34 -33.59 28.75
CA SER B 278 6.35 -34.40 29.43
C SER B 278 5.52 -33.65 30.45
N GLU B 279 6.19 -32.78 31.21
CA GLU B 279 5.51 -32.03 32.26
C GLU B 279 4.56 -31.05 31.64
N LYS B 280 4.94 -30.49 30.49
CA LYS B 280 4.03 -29.53 29.84
C LYS B 280 2.86 -30.23 29.09
N VAL B 281 3.05 -31.47 28.68
CA VAL B 281 1.92 -32.31 28.20
C VAL B 281 0.91 -32.54 29.34
N ALA B 282 1.44 -32.87 30.53
CA ALA B 282 0.55 -33.08 31.67
C ALA B 282 -0.24 -31.82 31.98
N PHE B 283 0.42 -30.65 31.91
CA PHE B 283 -0.23 -29.36 32.23
C PHE B 283 -1.34 -29.11 31.20
N ALA B 284 -1.06 -29.43 29.94
CA ALA B 284 -2.09 -29.21 28.90
C ALA B 284 -3.32 -30.13 29.13
N LYS B 285 -3.09 -31.36 29.60
CA LYS B 285 -4.20 -32.26 29.93
C LYS B 285 -5.04 -31.74 31.12
N GLU B 286 -4.39 -31.05 32.06
CA GLU B 286 -5.10 -30.44 33.18
C GLU B 286 -5.97 -29.28 32.67
N LEU B 287 -5.44 -28.51 31.73
CA LEU B 287 -6.23 -27.43 31.09
C LEU B 287 -7.47 -27.97 30.35
N LYS B 288 -7.29 -29.06 29.61
CA LYS B 288 -8.38 -29.77 28.92
C LYS B 288 -9.48 -30.16 29.88
N ALA B 289 -9.06 -30.82 30.98
CA ALA B 289 -9.98 -31.27 31.99
C ALA B 289 -10.72 -30.09 32.61
N LYS B 290 -10.01 -29.00 32.93
CA LYS B 290 -10.64 -27.86 33.61
C LYS B 290 -11.55 -27.02 32.70
N TYR B 291 -11.19 -26.85 31.41
CA TYR B 291 -11.80 -25.77 30.62
C TYR B 291 -12.50 -26.26 29.33
N LEU B 292 -12.14 -27.45 28.86
CA LEU B 292 -12.59 -27.94 27.53
C LEU B 292 -13.05 -29.40 27.52
N SER B 293 -13.69 -29.80 28.61
CA SER B 293 -14.26 -31.14 28.62
C SER B 293 -15.67 -30.97 29.08
N MET C 1 36.59 31.41 39.70
CA MET C 1 36.09 30.63 38.52
C MET C 1 36.85 29.30 38.41
N LYS C 2 36.68 28.44 39.42
CA LYS C 2 37.49 27.23 39.57
C LYS C 2 37.45 26.35 38.31
N ASN C 3 38.51 25.59 38.10
CA ASN C 3 38.57 24.63 36.99
C ASN C 3 37.62 23.51 37.33
N LEU C 4 36.66 23.24 36.42
CA LEU C 4 35.64 22.19 36.68
C LEU C 4 35.93 20.91 35.90
N LYS C 5 37.11 20.82 35.31
CA LYS C 5 37.46 19.60 34.63
C LYS C 5 37.95 18.53 35.60
N GLY C 6 37.98 17.29 35.13
CA GLY C 6 38.59 16.20 35.91
C GLY C 6 37.58 15.31 36.61
N ILE C 7 37.95 14.79 37.77
CA ILE C 7 37.24 13.66 38.38
C ILE C 7 36.39 14.19 39.54
N PHE C 8 35.07 14.01 39.46
CA PHE C 8 34.16 14.38 40.55
C PHE C 8 33.43 13.18 41.05
N SER C 9 33.46 12.98 42.37
CA SER C 9 32.62 11.96 42.94
C SER C 9 31.22 12.52 43.13
N ALA C 10 30.22 11.72 42.78
CA ALA C 10 28.83 12.04 43.07
C ALA C 10 28.66 11.67 44.54
N LEU C 11 28.50 12.69 45.36
CA LEU C 11 28.62 12.51 46.82
C LEU C 11 27.50 11.62 47.38
N LEU C 12 27.84 10.50 48.01
CA LEU C 12 26.87 9.71 48.77
C LEU C 12 26.62 10.44 50.10
N VAL C 13 25.44 10.23 50.70
CA VAL C 13 25.07 10.80 51.98
C VAL C 13 24.83 9.70 53.00
N SER C 14 25.42 9.89 54.18
CA SER C 14 25.21 8.98 55.30
C SER C 14 23.88 9.24 56.01
N PHE C 15 23.01 8.22 56.10
CA PHE C 15 21.71 8.36 56.78
C PHE C 15 21.70 7.56 58.04
N ASN C 16 20.98 8.07 59.03
CA ASN C 16 20.60 7.28 60.20
C ASN C 16 19.44 6.33 59.90
N ALA C 17 19.12 5.42 60.84
CA ALA C 17 18.01 4.46 60.61
C ALA C 17 16.65 5.15 60.43
N ASP C 18 16.49 6.34 61.04
CA ASP C 18 15.23 7.07 60.88
C ASP C 18 15.20 7.95 59.64
N GLY C 19 16.19 7.83 58.77
CA GLY C 19 16.20 8.63 57.53
C GLY C 19 16.82 9.98 57.66
N SER C 20 17.15 10.41 58.88
CA SER C 20 17.84 11.69 59.04
C SER C 20 19.29 11.63 58.53
N ILE C 21 19.86 12.80 58.29
CA ILE C 21 21.26 12.83 57.85
C ILE C 21 22.19 12.62 59.03
N ASN C 22 23.10 11.67 58.95
N ASN C 22 23.12 11.67 58.91
CA ASN C 22 24.18 11.54 59.96
CA ASN C 22 24.23 11.49 59.84
C ASN C 22 25.34 12.46 59.57
C ASN C 22 25.32 12.52 59.50
N GLU C 23 25.38 13.64 60.23
CA GLU C 23 26.34 14.71 59.90
C GLU C 23 27.80 14.24 60.02
N LYS C 24 28.13 13.56 61.11
CA LYS C 24 29.52 13.05 61.30
C LYS C 24 29.92 12.15 60.12
N GLY C 25 29.00 11.26 59.72
CA GLY C 25 29.30 10.29 58.68
C GLY C 25 29.43 11.05 57.34
N LEU C 26 28.58 12.04 57.09
CA LEU C 26 28.67 12.78 55.80
C LEU C 26 29.99 13.53 55.72
N ARG C 27 30.38 14.17 56.81
CA ARG C 27 31.70 14.82 56.82
C ARG C 27 32.84 13.83 56.54
N GLN C 28 32.72 12.60 57.07
CA GLN C 28 33.72 11.56 56.79
C GLN C 28 33.78 11.20 55.31
N ILE C 29 32.61 11.13 54.66
CA ILE C 29 32.55 10.78 53.21
C ILE C 29 33.23 11.92 52.41
N VAL C 30 32.95 13.14 52.79
CA VAL C 30 33.57 14.29 52.10
C VAL C 30 35.11 14.24 52.26
N ARG C 31 35.58 14.01 53.50
CA ARG C 31 36.97 13.97 53.77
C ARG C 31 37.65 12.84 53.01
N TYR C 32 36.98 11.68 52.93
CA TYR C 32 37.58 10.51 52.31
C TYR C 32 37.74 10.80 50.80
N ASN C 33 36.73 11.41 50.22
CA ASN C 33 36.80 11.78 48.80
C ASN C 33 37.96 12.76 48.52
N ILE C 34 38.09 13.79 49.35
CA ILE C 34 39.14 14.77 49.14
C ILE C 34 40.52 14.19 49.39
N ASP C 35 40.67 13.54 50.54
CA ASP C 35 41.97 13.14 51.06
C ASP C 35 42.51 11.81 50.51
N LYS C 36 41.63 10.87 50.21
CA LYS C 36 42.03 9.52 49.85
C LYS C 36 41.70 9.21 48.40
N MET C 37 40.49 9.56 47.95
CA MET C 37 40.16 9.40 46.55
C MET C 37 40.77 10.48 45.62
N LYS C 38 41.22 11.59 46.20
CA LYS C 38 41.91 12.67 45.50
C LYS C 38 41.09 13.21 44.34
N VAL C 39 39.83 13.45 44.63
CA VAL C 39 38.95 14.02 43.60
C VAL C 39 39.29 15.47 43.30
N ASP C 40 38.99 15.90 42.07
CA ASP C 40 39.00 17.32 41.75
C ASP C 40 37.80 18.06 42.34
N GLY C 41 36.69 17.33 42.52
CA GLY C 41 35.50 17.96 43.09
C GLY C 41 34.42 17.01 43.53
N LEU C 42 33.34 17.56 44.05
CA LEU C 42 32.17 16.79 44.38
C LEU C 42 30.97 17.33 43.66
N TYR C 43 30.09 16.42 43.27
CA TYR C 43 28.80 16.70 42.72
C TYR C 43 27.79 16.34 43.81
N VAL C 44 27.19 17.39 44.41
CA VAL C 44 26.39 17.31 45.64
C VAL C 44 24.89 17.43 45.28
N GLY C 45 24.09 16.49 45.79
CA GLY C 45 22.61 16.61 45.61
C GLY C 45 22.10 15.88 44.36
N GLY C 46 22.94 15.00 43.82
CA GLY C 46 22.59 14.21 42.64
C GLY C 46 21.79 12.96 43.02
N SER C 47 21.48 12.20 41.97
CA SER C 47 20.79 10.91 42.11
C SER C 47 21.50 10.09 43.17
N THR C 48 22.83 10.01 43.07
CA THR C 48 23.67 9.22 43.99
C THR C 48 23.51 9.65 45.45
N GLY C 49 23.22 10.96 45.67
CA GLY C 49 23.04 11.44 47.05
C GLY C 49 21.68 11.15 47.61
N GLU C 50 20.90 10.28 46.92
CA GLU C 50 19.52 9.94 47.33
C GLU C 50 18.62 11.16 47.43
N ASN C 51 18.99 12.18 46.66
CA ASN C 51 18.44 13.53 46.76
C ASN C 51 16.92 13.58 46.53
N PHE C 52 16.46 12.78 45.58
CA PHE C 52 15.06 12.91 45.19
C PHE C 52 14.05 12.35 46.19
N MET C 53 14.57 11.64 47.22
CA MET C 53 13.74 11.14 48.30
C MET C 53 13.67 12.07 49.53
N LEU C 54 14.32 13.23 49.42
CA LEU C 54 14.54 14.13 50.58
C LEU C 54 13.67 15.37 50.56
N SER C 55 13.52 15.96 51.75
CA SER C 55 12.86 17.29 51.93
C SER C 55 13.78 18.45 51.53
N THR C 56 13.19 19.61 51.26
CA THR C 56 13.96 20.78 50.94
C THR C 56 14.96 21.10 52.05
N GLU C 57 14.50 21.03 53.30
CA GLU C 57 15.40 21.31 54.43
C GLU C 57 16.57 20.33 54.47
N GLU C 58 16.28 19.08 54.16
CA GLU C 58 17.35 18.07 54.14
C GLU C 58 18.35 18.39 53.04
N LYS C 59 17.86 18.75 51.83
CA LYS C 59 18.79 19.07 50.76
C LYS C 59 19.65 20.27 51.17
N LYS C 60 19.02 21.29 51.74
CA LYS C 60 19.83 22.44 52.23
C LYS C 60 20.93 22.00 53.17
N GLU C 61 20.60 21.16 54.14
CA GLU C 61 21.56 20.74 55.13
C GLU C 61 22.76 20.03 54.46
N ILE C 62 22.48 19.18 53.46
CA ILE C 62 23.59 18.47 52.78
C ILE C 62 24.48 19.51 52.13
N PHE C 63 23.88 20.50 51.46
CA PHE C 63 24.73 21.51 50.83
C PHE C 63 25.58 22.27 51.85
N ARG C 64 24.98 22.57 52.99
CA ARG C 64 25.70 23.30 54.04
C ARG C 64 26.85 22.46 54.60
N ILE C 65 26.58 21.20 54.92
CA ILE C 65 27.63 20.34 55.47
C ILE C 65 28.77 20.13 54.47
N ALA C 66 28.44 19.81 53.21
CA ALA C 66 29.49 19.54 52.23
C ALA C 66 30.40 20.75 52.07
N LYS C 67 29.81 21.95 52.00
CA LYS C 67 30.62 23.13 51.79
C LYS C 67 31.41 23.48 53.06
N ASP C 68 30.83 23.30 54.23
CA ASP C 68 31.61 23.59 55.46
C ASP C 68 32.81 22.65 55.60
N GLU C 69 32.62 21.41 55.16
CA GLU C 69 33.69 20.45 55.31
C GLU C 69 34.77 20.61 54.27
N ALA C 70 34.37 20.84 53.02
CA ALA C 70 35.32 20.90 51.92
C ALA C 70 35.95 22.28 51.80
N LYS C 71 35.24 23.30 52.28
CA LYS C 71 35.73 24.68 52.13
C LYS C 71 36.13 24.99 50.67
N ASP C 72 37.35 25.46 50.42
CA ASP C 72 37.77 25.76 49.04
C ASP C 72 38.85 24.82 48.52
N GLU C 73 38.96 23.64 49.12
CA GLU C 73 40.06 22.79 48.68
C GLU C 73 39.80 22.04 47.40
N ILE C 74 38.51 21.89 47.06
CA ILE C 74 38.12 21.26 45.80
C ILE C 74 36.96 22.03 45.20
N ALA C 75 36.60 21.66 43.97
CA ALA C 75 35.42 22.28 43.34
C ALA C 75 34.15 21.60 43.80
N LEU C 76 33.07 22.39 43.86
CA LEU C 76 31.76 21.84 44.30
C LEU C 76 30.71 22.27 43.31
N ILE C 77 29.92 21.30 42.86
CA ILE C 77 28.77 21.54 41.98
C ILE C 77 27.50 21.10 42.75
N ALA C 78 26.48 21.98 42.74
CA ALA C 78 25.23 21.71 43.46
C ALA C 78 24.13 21.35 42.50
N GLN C 79 23.65 20.10 42.59
CA GLN C 79 22.50 19.64 41.78
C GLN C 79 21.27 20.10 42.52
N VAL C 80 20.47 20.93 41.86
CA VAL C 80 19.33 21.57 42.53
C VAL C 80 18.00 21.35 41.78
N GLY C 81 18.05 20.58 40.69
CA GLY C 81 16.84 20.27 39.92
C GLY C 81 15.83 19.37 40.62
N SER C 82 14.60 19.42 40.11
CA SER C 82 13.43 18.82 40.74
C SER C 82 12.32 18.95 39.70
N VAL C 83 11.22 18.25 39.92
CA VAL C 83 9.96 18.54 39.19
C VAL C 83 9.41 19.90 39.65
N ASN C 84 9.81 20.33 40.85
CA ASN C 84 9.35 21.58 41.44
C ASN C 84 10.37 22.69 41.11
N LEU C 85 10.06 23.52 40.11
CA LEU C 85 10.94 24.62 39.69
C LEU C 85 11.12 25.66 40.79
N GLN C 86 10.06 25.93 41.57
CA GLN C 86 10.20 26.88 42.68
C GLN C 86 11.21 26.35 43.70
N GLU C 87 11.18 25.03 43.93
CA GLU C 87 12.20 24.46 44.89
C GLU C 87 13.58 24.55 44.26
N ALA C 88 13.67 24.26 42.94
CA ALA C 88 14.97 24.32 42.24
C ALA C 88 15.58 25.73 42.37
N ILE C 89 14.74 26.73 42.17
CA ILE C 89 15.20 28.12 42.32
C ILE C 89 15.62 28.40 43.76
N GLU C 90 14.83 27.99 44.74
CA GLU C 90 15.20 28.16 46.17
C GLU C 90 16.56 27.48 46.52
N LEU C 91 16.75 26.25 46.05
CA LEU C 91 18.00 25.52 46.34
C LEU C 91 19.16 26.11 45.53
N GLY C 92 18.86 26.60 44.31
CA GLY C 92 19.89 27.24 43.47
C GLY C 92 20.41 28.51 44.19
N LYS C 93 19.48 29.29 44.76
CA LYS C 93 19.87 30.53 45.40
C LYS C 93 20.70 30.16 46.67
N TYR C 94 20.24 29.16 47.43
CA TYR C 94 20.90 28.73 48.66
C TYR C 94 22.34 28.22 48.39
N ALA C 95 22.49 27.36 47.40
CA ALA C 95 23.83 26.85 47.03
C ALA C 95 24.73 27.97 46.48
N THR C 96 24.15 28.92 45.73
CA THR C 96 24.90 30.10 45.26
C THR C 96 25.42 30.92 46.45
N GLU C 97 24.57 31.15 47.46
CA GLU C 97 24.95 31.95 48.64
C GLU C 97 26.06 31.24 49.40
N LEU C 98 26.01 29.91 49.43
CA LEU C 98 27.03 29.10 50.14
C LEU C 98 28.38 29.11 49.40
N GLY C 99 28.33 29.46 48.12
CA GLY C 99 29.54 29.59 47.31
C GLY C 99 29.86 28.41 46.40
N TYR C 100 28.85 27.62 46.05
CA TYR C 100 29.05 26.54 45.08
C TYR C 100 29.54 27.11 43.75
N ASP C 101 30.44 26.37 43.11
CA ASP C 101 31.12 26.84 41.93
C ASP C 101 30.28 26.82 40.67
N SER C 102 29.35 25.89 40.62
CA SER C 102 28.29 25.88 39.62
C SER C 102 27.05 25.19 40.17
N LEU C 103 25.90 25.55 39.59
CA LEU C 103 24.73 24.73 39.76
C LEU C 103 24.65 23.66 38.66
N SER C 104 23.80 22.67 38.95
CA SER C 104 23.41 21.65 37.99
C SER C 104 21.96 21.31 38.22
N ALA C 105 21.27 20.90 37.16
CA ALA C 105 19.88 20.51 37.35
C ALA C 105 19.49 19.42 36.42
N VAL C 106 18.91 18.37 37.02
CA VAL C 106 18.29 17.31 36.19
C VAL C 106 17.17 17.89 35.28
N THR C 107 17.03 17.33 34.07
CA THR C 107 15.81 17.62 33.35
C THR C 107 14.56 17.30 34.14
N PRO C 108 13.59 18.21 34.13
CA PRO C 108 12.41 17.92 34.92
C PRO C 108 11.70 16.68 34.36
N PHE C 109 11.17 15.92 35.29
CA PHE C 109 10.70 14.56 34.97
C PHE C 109 9.27 14.33 35.48
N TYR C 110 8.82 13.08 35.41
CA TYR C 110 7.45 12.65 35.75
C TYR C 110 6.53 13.16 34.66
N TYR C 111 6.14 14.42 34.69
CA TYR C 111 5.34 14.93 33.54
C TYR C 111 6.17 14.92 32.27
N LYS C 112 5.52 14.86 31.10
CA LYS C 112 6.25 14.87 29.81
C LYS C 112 6.37 16.29 29.29
N PHE C 113 7.32 17.01 29.86
CA PHE C 113 7.53 18.43 29.53
C PHE C 113 8.06 18.54 28.12
N SER C 114 7.56 19.54 27.42
CA SER C 114 8.06 19.83 26.09
C SER C 114 9.45 20.45 26.17
N PHE C 115 10.13 20.45 25.03
CA PHE C 115 11.44 21.11 25.03
C PHE C 115 11.42 22.60 25.44
N PRO C 116 10.46 23.39 24.94
CA PRO C 116 10.39 24.76 25.35
C PRO C 116 10.24 24.89 26.90
N GLU C 117 9.47 23.99 27.50
CA GLU C 117 9.30 23.97 28.96
C GLU C 117 10.61 23.64 29.64
N ILE C 118 11.35 22.67 29.10
CA ILE C 118 12.66 22.31 29.67
C ILE C 118 13.64 23.51 29.59
N LYS C 119 13.69 24.17 28.46
CA LYS C 119 14.62 25.27 28.34
C LYS C 119 14.22 26.41 29.27
N HIS C 120 12.92 26.69 29.37
CA HIS C 120 12.46 27.74 30.30
C HIS C 120 12.81 27.40 31.77
N TYR C 121 12.71 26.13 32.14
CA TYR C 121 13.24 25.64 33.43
C TYR C 121 14.72 25.99 33.68
N TYR C 122 15.61 25.67 32.74
CA TYR C 122 17.02 26.04 32.93
C TYR C 122 17.19 27.53 32.97
N ASP C 123 16.59 28.26 32.02
CA ASP C 123 16.75 29.70 32.04
C ASP C 123 16.23 30.35 33.33
N SER C 124 15.16 29.83 33.91
CA SER C 124 14.55 30.47 35.10
C SER C 124 15.49 30.26 36.29
N ILE C 125 16.13 29.09 36.37
CA ILE C 125 17.07 28.85 37.52
C ILE C 125 18.28 29.78 37.40
N ILE C 126 18.80 29.91 36.16
CA ILE C 126 19.98 30.74 35.92
C ILE C 126 19.64 32.21 36.19
N GLU C 127 18.52 32.70 35.67
CA GLU C 127 18.23 34.15 35.78
C GLU C 127 17.82 34.54 37.18
N ALA C 128 17.39 33.56 37.98
CA ALA C 128 17.05 33.87 39.38
C ALA C 128 18.23 33.82 40.29
N THR C 129 19.35 33.25 39.83
CA THR C 129 20.53 33.07 40.68
C THR C 129 21.78 33.77 40.20
N GLY C 130 21.91 33.89 38.87
CA GLY C 130 23.11 34.48 38.27
C GLY C 130 24.31 33.51 38.27
N ASN C 131 24.11 32.26 38.66
CA ASN C 131 25.20 31.27 38.72
C ASN C 131 25.27 30.45 37.42
N TYR C 132 26.40 29.77 37.25
CA TYR C 132 26.62 28.85 36.13
C TYR C 132 25.72 27.63 36.25
N MET C 133 25.47 26.99 35.13
CA MET C 133 24.57 25.81 35.12
C MET C 133 25.15 24.65 34.29
N ILE C 134 25.02 23.46 34.81
CA ILE C 134 25.40 22.26 34.04
C ILE C 134 24.14 21.44 33.88
N VAL C 135 23.76 21.16 32.61
CA VAL C 135 22.59 20.33 32.34
C VAL C 135 22.87 18.91 32.84
N TYR C 136 21.96 18.34 33.62
CA TYR C 136 22.15 16.91 34.04
C TYR C 136 21.19 16.01 33.26
N SER C 137 21.74 15.22 32.35
CA SER C 137 20.94 14.41 31.45
C SER C 137 21.10 12.96 31.89
N ILE C 138 20.00 12.32 32.31
N ILE C 138 19.99 12.30 32.21
CA ILE C 138 20.00 10.87 32.69
CA ILE C 138 20.04 10.92 32.68
C ILE C 138 18.76 10.23 32.11
C ILE C 138 18.78 10.23 32.12
N PRO C 139 18.75 10.04 30.79
CA PRO C 139 17.56 9.50 30.13
C PRO C 139 17.02 8.17 30.77
N PHE C 140 17.92 7.34 31.30
N PHE C 140 17.94 7.36 31.32
CA PHE C 140 17.44 6.01 31.75
CA PHE C 140 17.59 6.04 31.87
C PHE C 140 16.61 6.14 33.05
C PHE C 140 16.56 6.19 32.98
N LEU C 141 16.67 7.28 33.72
CA LEU C 141 15.75 7.52 34.85
C LEU C 141 14.61 8.47 34.43
N THR C 142 14.92 9.50 33.65
CA THR C 142 13.90 10.54 33.35
C THR C 142 13.08 10.23 32.09
N GLY C 143 13.59 9.39 31.22
CA GLY C 143 13.00 9.29 29.84
C GLY C 143 13.04 10.52 28.97
N VAL C 144 13.86 11.50 29.35
CA VAL C 144 14.04 12.70 28.54
C VAL C 144 15.25 12.54 27.62
N ASN C 145 15.03 12.65 26.31
CA ASN C 145 16.14 12.68 25.37
C ASN C 145 16.26 14.06 24.74
N ILE C 146 17.48 14.61 24.81
CA ILE C 146 17.79 15.92 24.27
C ILE C 146 18.74 15.69 23.11
N GLY C 147 18.38 16.24 21.95
CA GLY C 147 19.23 16.12 20.76
C GLY C 147 20.25 17.24 20.63
N VAL C 148 21.06 17.15 19.57
CA VAL C 148 22.13 18.12 19.35
C VAL C 148 21.65 19.55 19.17
N GLU C 149 20.64 19.74 18.33
CA GLU C 149 20.07 21.07 18.15
C GLU C 149 19.48 21.62 19.45
N GLN C 150 18.82 20.75 20.22
CA GLN C 150 18.23 21.19 21.51
C GLN C 150 19.31 21.59 22.54
N PHE C 151 20.43 20.88 22.57
CA PHE C 151 21.56 21.29 23.42
C PHE C 151 22.03 22.67 23.01
N GLY C 152 22.07 22.95 21.71
CA GLY C 152 22.48 24.26 21.26
C GLY C 152 21.52 25.35 21.72
N GLU C 153 20.22 25.05 21.72
CA GLU C 153 19.23 25.99 22.23
C GLU C 153 19.49 26.25 23.71
N LEU C 154 19.77 25.19 24.49
CA LEU C 154 20.14 25.44 25.90
C LEU C 154 21.37 26.32 26.05
N TYR C 155 22.35 26.09 25.19
CA TYR C 155 23.64 26.73 25.26
C TYR C 155 23.58 28.16 24.80
N LYS C 156 22.47 28.61 24.22
CA LYS C 156 22.27 30.03 23.97
C LYS C 156 22.36 30.86 25.24
N ASN C 157 22.08 30.28 26.40
CA ASN C 157 22.33 30.97 27.67
C ASN C 157 23.81 30.83 28.02
N PRO C 158 24.55 31.96 28.08
CA PRO C 158 26.00 31.84 28.21
C PRO C 158 26.44 31.28 29.55
N LYS C 159 25.53 31.17 30.50
CA LYS C 159 25.90 30.59 31.80
C LYS C 159 25.75 29.07 31.83
N VAL C 160 25.23 28.48 30.75
CA VAL C 160 25.26 27.05 30.66
C VAL C 160 26.66 26.58 30.19
N LEU C 161 27.33 25.80 31.03
CA LEU C 161 28.71 25.42 30.80
C LEU C 161 28.84 24.17 29.93
N GLY C 162 27.82 23.32 30.01
CA GLY C 162 27.85 22.01 29.35
C GLY C 162 26.91 21.04 30.06
N VAL C 163 27.25 19.79 29.95
CA VAL C 163 26.34 18.71 30.34
C VAL C 163 27.06 17.58 31.07
N ALA C 164 26.42 17.14 32.15
CA ALA C 164 26.73 15.91 32.84
C ALA C 164 25.93 14.84 32.11
N PHE C 165 26.66 14.04 31.35
CA PHE C 165 26.10 13.16 30.34
C PHE C 165 26.10 11.72 30.86
N THR C 166 25.02 11.36 31.56
CA THR C 166 24.80 10.00 32.06
C THR C 166 23.92 9.35 31.06
N ALA C 167 24.50 9.11 29.91
CA ALA C 167 23.80 8.56 28.77
C ALA C 167 24.78 7.74 27.96
N GLY C 168 24.23 6.79 27.20
CA GLY C 168 25.07 5.79 26.53
C GLY C 168 25.20 5.99 25.04
N ASP C 169 24.71 7.11 24.51
CA ASP C 169 24.73 7.30 23.07
C ASP C 169 26.02 8.00 22.68
N PHE C 170 27.00 7.23 22.21
CA PHE C 170 28.33 7.79 21.92
C PHE C 170 28.36 8.53 20.57
N TYR C 171 27.34 8.32 19.73
CA TYR C 171 27.17 9.16 18.53
C TYR C 171 26.74 10.58 18.91
N LEU C 172 25.72 10.68 19.74
CA LEU C 172 25.30 11.97 20.32
C LEU C 172 26.50 12.63 21.01
N LEU C 173 27.24 11.83 21.80
CA LEU C 173 28.38 12.39 22.54
C LEU C 173 29.39 13.00 21.57
N GLU C 174 29.74 12.28 20.50
CA GLU C 174 30.69 12.83 19.55
C GLU C 174 30.14 14.08 18.83
N ARG C 175 28.85 14.04 18.46
CA ARG C 175 28.26 15.20 17.73
C ARG C 175 28.21 16.44 18.63
N LEU C 176 28.03 16.25 19.94
CA LEU C 176 28.02 17.39 20.87
C LEU C 176 29.40 18.06 20.95
N LYS C 177 30.45 17.25 20.98
CA LYS C 177 31.82 17.74 21.03
C LYS C 177 32.21 18.41 19.72
N LYS C 178 31.69 17.89 18.60
CA LYS C 178 31.88 18.53 17.30
C LYS C 178 31.15 19.87 17.25
N ALA C 179 29.88 19.87 17.68
CA ALA C 179 29.06 21.06 17.44
C ALA C 179 29.39 22.18 18.43
N TYR C 180 29.77 21.80 19.64
CA TYR C 180 29.98 22.80 20.73
C TYR C 180 31.32 22.57 21.42
N PRO C 181 32.43 22.79 20.69
CA PRO C 181 33.74 22.32 21.18
C PRO C 181 34.19 23.04 22.47
N ASN C 182 33.68 24.24 22.65
CA ASN C 182 34.00 25.02 23.84
C ASN C 182 33.18 24.68 25.08
N HIS C 183 32.06 23.99 24.86
CA HIS C 183 31.25 23.52 25.98
C HIS C 183 31.76 22.19 26.52
N LEU C 184 31.61 22.02 27.83
CA LEU C 184 32.15 20.92 28.55
C LEU C 184 31.23 19.70 28.61
N ILE C 185 31.83 18.52 28.66
CA ILE C 185 31.07 17.28 28.88
C ILE C 185 31.71 16.48 29.99
N TRP C 186 30.91 16.07 31.00
CA TRP C 186 31.36 15.13 32.03
C TRP C 186 30.65 13.79 31.79
N ALA C 187 31.43 12.72 31.61
CA ALA C 187 30.88 11.37 31.48
C ALA C 187 30.26 10.92 32.79
N GLY C 188 29.07 10.33 32.72
CA GLY C 188 28.32 9.86 33.90
C GLY C 188 28.21 8.36 34.10
N PHE C 189 28.66 7.58 33.11
CA PHE C 189 28.68 6.11 33.24
C PHE C 189 30.11 5.62 33.50
N ASP C 190 30.37 5.32 34.79
CA ASP C 190 31.68 4.91 35.26
C ASP C 190 32.22 3.69 34.52
N GLU C 191 31.32 2.79 34.14
CA GLU C 191 31.70 1.58 33.46
C GLU C 191 32.01 1.79 31.96
N MET C 192 31.78 2.99 31.44
CA MET C 192 32.17 3.32 30.08
C MET C 192 33.10 4.53 30.05
N MET C 193 33.95 4.65 31.07
CA MET C 193 34.83 5.80 31.14
C MET C 193 35.82 5.86 29.96
N LEU C 194 36.47 4.74 29.69
CA LEU C 194 37.49 4.71 28.67
C LEU C 194 36.93 5.21 27.34
N PRO C 195 35.83 4.61 26.82
CA PRO C 195 35.35 5.08 25.50
C PRO C 195 34.86 6.54 25.51
N ALA C 196 34.31 7.00 26.63
CA ALA C 196 33.92 8.42 26.71
C ALA C 196 35.14 9.34 26.67
N ALA C 197 36.16 8.96 27.43
CA ALA C 197 37.42 9.71 27.42
C ALA C 197 38.11 9.72 26.05
N SER C 198 37.96 8.65 25.28
CA SER C 198 38.56 8.58 23.96
C SER C 198 37.93 9.59 23.03
N LEU C 199 36.71 10.02 23.35
CA LEU C 199 36.01 11.02 22.51
C LEU C 199 36.24 12.44 23.05
N GLY C 200 37.08 12.56 24.07
CA GLY C 200 37.49 13.89 24.53
C GLY C 200 36.58 14.57 25.55
N VAL C 201 35.86 13.82 26.39
CA VAL C 201 35.07 14.45 27.44
C VAL C 201 36.06 15.13 28.35
N ASP C 202 35.56 16.12 29.07
CA ASP C 202 36.44 16.95 29.90
C ASP C 202 36.57 16.47 31.32
N GLY C 203 35.75 15.52 31.69
CA GLY C 203 35.77 15.07 33.09
C GLY C 203 34.78 13.96 33.28
N ALA C 204 34.60 13.55 34.52
CA ALA C 204 33.63 12.49 34.79
C ALA C 204 33.05 12.65 36.17
N ILE C 205 31.78 12.28 36.32
CA ILE C 205 31.09 12.40 37.61
C ILE C 205 30.54 11.01 37.88
N GLY C 206 30.88 10.45 39.03
CA GLY C 206 30.60 9.02 39.18
C GLY C 206 30.33 8.66 40.64
N SER C 207 29.35 7.76 40.87
CA SER C 207 29.11 7.22 42.25
C SER C 207 30.24 6.33 42.72
N THR C 208 30.82 5.54 41.80
CA THR C 208 31.86 4.57 42.24
C THR C 208 33.16 5.24 42.58
N PHE C 209 33.32 6.51 42.20
CA PHE C 209 34.56 7.21 42.56
C PHE C 209 34.71 7.42 44.04
N ASN C 210 33.60 7.33 44.79
CA ASN C 210 33.66 7.37 46.26
C ASN C 210 34.54 6.30 46.87
N VAL C 211 34.71 5.17 46.15
CA VAL C 211 35.64 4.11 46.62
C VAL C 211 36.71 3.69 45.61
N ASN C 212 36.50 3.96 44.32
CA ASN C 212 37.40 3.54 43.26
C ASN C 212 38.07 4.71 42.53
N GLY C 213 38.15 5.86 43.22
CA GLY C 213 38.69 7.09 42.62
C GLY C 213 40.12 7.02 42.10
N VAL C 214 40.92 6.15 42.69
CA VAL C 214 42.32 5.99 42.23
C VAL C 214 42.38 5.39 40.80
N ARG C 215 41.65 4.29 40.60
CA ARG C 215 41.56 3.70 39.27
C ARG C 215 40.86 4.62 38.29
N ALA C 216 39.84 5.32 38.75
CA ALA C 216 39.10 6.14 37.83
C ALA C 216 40.00 7.23 37.23
N ARG C 217 40.81 7.86 38.06
CA ARG C 217 41.74 8.85 37.57
C ARG C 217 42.76 8.24 36.63
N GLN C 218 43.22 7.02 36.91
CA GLN C 218 44.18 6.37 36.02
C GLN C 218 43.56 6.15 34.64
N ILE C 219 42.35 5.61 34.58
CA ILE C 219 41.71 5.37 33.29
C ILE C 219 41.65 6.68 32.50
N PHE C 220 41.15 7.70 33.19
CA PHE C 220 40.93 8.99 32.54
C PHE C 220 42.23 9.59 31.96
N GLU C 221 43.27 9.65 32.79
CA GLU C 221 44.54 10.26 32.42
C GLU C 221 45.32 9.43 31.39
N LEU C 222 45.29 8.11 31.55
CA LEU C 222 46.00 7.23 30.62
C LEU C 222 45.34 7.33 29.24
N THR C 223 44.01 7.37 29.22
CA THR C 223 43.28 7.49 27.92
C THR C 223 43.64 8.79 27.22
N GLN C 224 43.64 9.90 27.95
CA GLN C 224 43.98 11.20 27.39
C GLN C 224 45.38 11.28 26.82
N ALA C 225 46.29 10.55 27.46
CA ALA C 225 47.66 10.37 27.00
C ALA C 225 47.83 9.30 25.87
N GLY C 226 46.74 8.71 25.41
CA GLY C 226 46.78 7.66 24.37
C GLY C 226 47.28 6.28 24.81
N LYS C 227 47.47 6.10 26.11
CA LYS C 227 47.94 4.82 26.64
C LYS C 227 46.78 3.88 26.84
N LEU C 228 46.22 3.40 25.72
CA LEU C 228 44.95 2.70 25.74
C LEU C 228 45.01 1.29 26.27
N LYS C 229 46.10 0.59 25.97
CA LYS C 229 46.32 -0.75 26.48
C LYS C 229 46.29 -0.74 28.01
N GLU C 230 47.03 0.19 28.60
CA GLU C 230 47.07 0.26 30.04
C GLU C 230 45.74 0.74 30.63
N ALA C 231 45.12 1.71 29.97
CA ALA C 231 43.79 2.19 30.42
C ALA C 231 42.75 1.04 30.41
N LEU C 232 42.82 0.20 29.37
CA LEU C 232 41.83 -0.87 29.22
C LEU C 232 41.96 -1.89 30.32
N GLU C 233 43.19 -2.25 30.69
CA GLU C 233 43.43 -3.19 31.79
C GLU C 233 42.74 -2.67 33.04
N ILE C 234 42.89 -1.37 33.28
CA ILE C 234 42.34 -0.80 34.53
C ILE C 234 40.80 -0.69 34.46
N GLN C 235 40.28 -0.35 33.28
CA GLN C 235 38.81 -0.39 33.06
C GLN C 235 38.21 -1.79 33.26
N HIS C 236 38.94 -2.83 32.83
CA HIS C 236 38.50 -4.21 32.98
C HIS C 236 38.40 -4.54 34.48
N VAL C 237 39.41 -4.15 35.27
CA VAL C 237 39.35 -4.43 36.71
C VAL C 237 38.22 -3.62 37.35
N THR C 238 38.13 -2.36 36.98
CA THR C 238 37.09 -1.47 37.49
C THR C 238 35.71 -2.08 37.23
N ASN C 239 35.52 -2.59 36.01
CA ASN C 239 34.22 -3.15 35.64
C ASN C 239 33.89 -4.49 36.32
N ASP C 240 34.90 -5.24 36.71
CA ASP C 240 34.69 -6.42 37.57
C ASP C 240 34.13 -5.97 38.90
N LEU C 241 34.73 -4.92 39.47
CA LEU C 241 34.22 -4.38 40.73
C LEU C 241 32.80 -3.81 40.56
N ILE C 242 32.58 -3.02 39.49
CA ILE C 242 31.27 -2.42 39.26
C ILE C 242 30.21 -3.49 39.02
N GLU C 243 30.54 -4.54 38.28
CA GLU C 243 29.57 -5.60 38.02
C GLU C 243 29.12 -6.15 39.41
N GLY C 244 30.07 -6.29 40.33
CA GLY C 244 29.75 -6.89 41.65
C GLY C 244 28.92 -5.93 42.48
N ILE C 245 29.28 -4.66 42.41
CA ILE C 245 28.50 -3.61 43.13
C ILE C 245 27.06 -3.59 42.65
N LEU C 246 26.88 -3.63 41.32
CA LEU C 246 25.54 -3.55 40.77
C LEU C 246 24.72 -4.76 41.20
N ALA C 247 25.33 -5.95 41.17
CA ALA C 247 24.63 -7.19 41.51
C ALA C 247 24.24 -7.21 42.99
N ASN C 248 25.03 -6.56 43.84
CA ASN C 248 24.80 -6.62 45.30
C ASN C 248 23.87 -5.53 45.81
N GLY C 249 23.67 -4.49 44.99
CA GLY C 249 22.89 -3.28 45.35
C GLY C 249 23.84 -2.08 45.41
N LEU C 250 23.75 -1.24 44.38
CA LEU C 250 24.71 -0.14 44.11
C LEU C 250 24.98 0.76 45.32
N TYR C 251 24.00 1.51 45.79
CA TYR C 251 24.32 2.52 46.80
C TYR C 251 24.77 1.84 48.11
N LEU C 252 24.05 0.78 48.49
CA LEU C 252 24.37 0.06 49.78
C LEU C 252 25.74 -0.57 49.72
N THR C 253 26.13 -1.07 48.56
CA THR C 253 27.45 -1.71 48.46
C THR C 253 28.57 -0.67 48.46
N ILE C 254 28.37 0.47 47.78
CA ILE C 254 29.40 1.51 47.85
C ILE C 254 29.52 1.94 49.30
N LYS C 255 28.38 2.15 49.97
CA LYS C 255 28.42 2.54 51.36
C LYS C 255 29.14 1.47 52.18
N GLU C 256 28.88 0.19 51.91
CA GLU C 256 29.57 -0.85 52.75
C GLU C 256 31.09 -0.80 52.52
N LEU C 257 31.50 -0.53 51.27
CA LEU C 257 32.91 -0.48 50.91
C LEU C 257 33.58 0.71 51.61
N LEU C 258 32.82 1.79 51.79
CA LEU C 258 33.30 2.93 52.57
C LEU C 258 33.44 2.54 54.04
N LYS C 259 32.45 1.83 54.55
CA LYS C 259 32.45 1.43 55.98
C LYS C 259 33.63 0.52 56.29
N LEU C 260 33.99 -0.30 55.30
CA LEU C 260 35.11 -1.23 55.47
C LEU C 260 36.46 -0.50 55.51
N ASP C 261 36.47 0.74 55.04
CA ASP C 261 37.61 1.64 55.22
C ASP C 261 37.44 2.64 56.35
N GLY C 262 36.56 2.37 57.29
CA GLY C 262 36.40 3.24 58.48
C GLY C 262 35.54 4.48 58.28
N VAL C 263 34.86 4.58 57.13
CA VAL C 263 33.98 5.72 56.90
C VAL C 263 32.53 5.35 57.28
N GLU C 264 31.92 6.09 58.21
CA GLU C 264 30.55 5.78 58.70
C GLU C 264 29.49 6.22 57.68
N ALA C 265 29.43 5.49 56.57
CA ALA C 265 28.63 5.90 55.41
C ALA C 265 27.15 5.60 55.63
N GLY C 266 26.82 4.89 56.72
CA GLY C 266 25.43 4.80 57.17
C GLY C 266 24.43 3.97 56.34
N TYR C 267 23.15 4.25 56.55
CA TYR C 267 22.07 3.49 55.94
C TYR C 267 21.74 4.21 54.65
N CYS C 268 20.94 3.52 53.82
CA CYS C 268 20.21 4.24 52.76
C CYS C 268 18.87 4.75 53.28
N ARG C 269 18.28 5.65 52.52
CA ARG C 269 17.06 6.35 52.90
C ARG C 269 15.84 5.65 52.29
N GLU C 270 14.82 5.36 53.11
CA GLU C 270 13.59 4.74 52.61
C GLU C 270 12.98 5.72 51.59
N PRO C 271 12.31 5.23 50.54
CA PRO C 271 11.90 3.86 50.33
C PRO C 271 12.95 2.92 49.72
N MET C 272 14.19 3.37 49.55
CA MET C 272 15.26 2.40 49.21
C MET C 272 15.44 1.43 50.39
N THR C 273 15.92 0.22 50.09
CA THR C 273 16.24 -0.74 51.17
C THR C 273 17.34 -0.13 52.04
N LYS C 274 17.17 -0.13 53.35
CA LYS C 274 18.08 0.68 54.14
C LYS C 274 19.38 0.06 54.53
N GLU C 275 19.46 -1.26 54.44
CA GLU C 275 20.63 -1.99 54.98
C GLU C 275 20.82 -3.28 54.21
N LEU C 276 22.08 -3.69 54.01
CA LEU C 276 22.38 -4.99 53.39
C LEU C 276 22.03 -6.17 54.29
N SER C 277 21.55 -7.25 53.68
CA SER C 277 21.39 -8.52 54.39
C SER C 277 22.78 -9.07 54.75
N SER C 278 22.83 -10.01 55.69
CA SER C 278 24.09 -10.64 56.08
C SER C 278 24.86 -11.19 54.89
N GLU C 279 24.18 -11.93 54.01
CA GLU C 279 24.82 -12.50 52.80
C GLU C 279 25.45 -11.43 51.90
N LYS C 280 24.76 -10.32 51.76
CA LYS C 280 25.26 -9.23 50.91
C LYS C 280 26.40 -8.44 51.56
N VAL C 281 26.41 -8.33 52.88
CA VAL C 281 27.58 -7.81 53.62
C VAL C 281 28.80 -8.68 53.34
N ALA C 282 28.62 -10.00 53.38
CA ALA C 282 29.73 -10.91 53.14
C ALA C 282 30.24 -10.78 51.72
N PHE C 283 29.32 -10.62 50.75
CA PHE C 283 29.68 -10.42 49.35
C PHE C 283 30.47 -9.12 49.20
N ALA C 284 30.04 -8.05 49.86
CA ALA C 284 30.79 -6.80 49.81
C ALA C 284 32.20 -6.90 50.41
N LYS C 285 32.34 -7.68 51.48
CA LYS C 285 33.66 -7.94 52.04
C LYS C 285 34.56 -8.66 51.04
N GLU C 286 33.96 -9.48 50.17
CA GLU C 286 34.72 -10.23 49.19
C GLU C 286 35.17 -9.26 48.09
N LEU C 287 34.28 -8.35 47.68
CA LEU C 287 34.69 -7.30 46.73
C LEU C 287 35.84 -6.46 47.25
N LYS C 288 35.77 -6.08 48.52
CA LYS C 288 36.83 -5.31 49.17
C LYS C 288 38.15 -6.06 49.06
N ALA C 289 38.12 -7.36 49.40
CA ALA C 289 39.36 -8.17 49.36
C ALA C 289 39.94 -8.25 47.96
N LYS C 290 39.06 -8.41 46.96
CA LYS C 290 39.47 -8.68 45.60
C LYS C 290 39.97 -7.42 44.90
N TYR C 291 39.30 -6.30 45.16
CA TYR C 291 39.51 -5.10 44.32
C TYR C 291 39.99 -3.86 45.04
N LEU C 292 39.81 -3.77 46.35
CA LEU C 292 40.14 -2.55 47.07
C LEU C 292 40.93 -2.82 48.35
N SER C 293 41.89 -3.73 48.31
CA SER C 293 42.61 -3.95 49.57
C SER C 293 44.12 -3.91 49.42
N MET D 1 -16.72 5.48 55.92
CA MET D 1 -17.73 4.47 55.49
C MET D 1 -18.26 4.85 54.10
N LYS D 2 -17.90 6.03 53.58
CA LYS D 2 -18.52 6.51 52.34
C LYS D 2 -18.33 5.52 51.21
N ASN D 3 -19.34 5.40 50.38
CA ASN D 3 -19.22 4.66 49.12
C ASN D 3 -18.22 5.39 48.23
N LEU D 4 -17.24 4.67 47.67
CA LEU D 4 -16.20 5.28 46.84
C LEU D 4 -16.34 4.88 45.39
N LYS D 5 -17.41 4.16 45.05
CA LYS D 5 -17.68 3.89 43.64
C LYS D 5 -18.12 5.15 42.90
N GLY D 6 -18.02 5.08 41.59
CA GLY D 6 -18.57 6.08 40.71
C GLY D 6 -17.56 7.01 40.08
N ILE D 7 -18.03 8.23 39.81
CA ILE D 7 -17.33 9.20 38.98
C ILE D 7 -16.60 10.25 39.83
N PHE D 8 -15.27 10.25 39.69
CA PHE D 8 -14.43 11.17 40.47
C PHE D 8 -13.68 12.08 39.52
N SER D 9 -13.80 13.40 39.76
CA SER D 9 -12.93 14.28 39.01
C SER D 9 -11.57 14.37 39.68
N ALA D 10 -10.54 14.27 38.84
CA ALA D 10 -9.18 14.53 39.31
C ALA D 10 -9.04 16.05 39.38
N LEU D 11 -8.96 16.58 40.59
CA LEU D 11 -9.24 18.01 40.80
C LEU D 11 -8.12 18.85 40.21
N LEU D 12 -8.43 19.78 39.33
CA LEU D 12 -7.45 20.73 38.87
C LEU D 12 -7.33 21.83 39.93
N VAL D 13 -6.21 22.54 39.92
CA VAL D 13 -5.96 23.61 40.92
C VAL D 13 -5.73 24.95 40.18
N SER D 14 -6.35 25.98 40.71
CA SER D 14 -6.18 27.33 40.16
C SER D 14 -4.91 27.91 40.73
N PHE D 15 -4.01 28.31 39.84
CA PHE D 15 -2.78 29.03 40.26
C PHE D 15 -2.80 30.47 39.84
N ASN D 16 -2.16 31.32 40.65
CA ASN D 16 -1.86 32.70 40.22
C ASN D 16 -0.65 32.70 39.29
N ALA D 17 -0.27 33.88 38.79
CA ALA D 17 0.77 33.93 37.75
C ALA D 17 2.16 33.59 38.33
N ASP D 18 2.32 33.63 39.65
CA ASP D 18 3.59 33.33 40.26
C ASP D 18 3.67 31.91 40.76
N GLY D 19 2.66 31.12 40.41
CA GLY D 19 2.54 29.73 40.86
C GLY D 19 1.93 29.47 42.23
N SER D 20 1.56 30.55 42.95
CA SER D 20 0.85 30.36 44.22
C SER D 20 -0.59 29.90 43.96
N ILE D 21 -1.20 29.30 44.99
CA ILE D 21 -2.57 28.82 44.85
C ILE D 21 -3.55 29.99 44.95
N ASN D 22 -4.48 30.02 44.00
N ASN D 22 -4.47 30.01 44.00
CA ASN D 22 -5.61 30.99 44.01
CA ASN D 22 -5.56 30.96 44.09
C ASN D 22 -6.78 30.30 44.75
C ASN D 22 -6.75 30.27 44.77
N GLU D 23 -6.93 30.59 46.05
CA GLU D 23 -7.96 29.92 46.88
C GLU D 23 -9.38 30.14 46.35
N LYS D 24 -9.68 31.36 45.99
CA LYS D 24 -11.01 31.65 45.44
C LYS D 24 -11.28 30.80 44.22
N GLY D 25 -10.27 30.71 43.35
CA GLY D 25 -10.38 29.91 42.08
C GLY D 25 -10.53 28.43 42.37
N LEU D 26 -9.76 27.95 43.36
CA LEU D 26 -9.81 26.52 43.68
C LEU D 26 -11.21 26.19 44.24
N ARG D 27 -11.73 27.02 45.14
CA ARG D 27 -13.09 26.81 45.63
C ARG D 27 -14.12 26.75 44.52
N GLN D 28 -14.01 27.67 43.54
CA GLN D 28 -14.88 27.64 42.35
C GLN D 28 -14.78 26.33 41.54
N ILE D 29 -13.57 25.82 41.43
CA ILE D 29 -13.42 24.52 40.72
C ILE D 29 -14.10 23.38 41.50
N VAL D 30 -13.91 23.33 42.82
CA VAL D 30 -14.58 22.31 43.64
C VAL D 30 -16.10 22.45 43.51
N ARG D 31 -16.61 23.69 43.64
CA ARG D 31 -18.06 23.88 43.57
C ARG D 31 -18.62 23.48 42.21
N TYR D 32 -17.89 23.81 41.15
CA TYR D 32 -18.33 23.46 39.79
C TYR D 32 -18.41 21.94 39.62
N ASN D 33 -17.40 21.22 40.12
CA ASN D 33 -17.47 19.77 40.04
C ASN D 33 -18.66 19.21 40.81
N ILE D 34 -18.91 19.74 42.03
CA ILE D 34 -20.01 19.20 42.80
C ILE D 34 -21.37 19.58 42.17
N ASP D 35 -21.55 20.86 41.86
CA ASP D 35 -22.87 21.36 41.58
C ASP D 35 -23.26 21.25 40.11
N LYS D 36 -22.27 21.21 39.22
CA LYS D 36 -22.51 21.30 37.76
C LYS D 36 -22.07 20.03 37.05
N MET D 37 -20.91 19.49 37.41
CA MET D 37 -20.45 18.21 36.81
C MET D 37 -21.06 17.01 37.57
N LYS D 38 -21.67 17.28 38.73
CA LYS D 38 -22.34 16.26 39.57
C LYS D 38 -21.53 15.00 39.77
N VAL D 39 -20.28 15.18 40.09
CA VAL D 39 -19.42 14.06 40.45
C VAL D 39 -19.81 13.39 41.77
N ASP D 40 -19.40 12.13 41.90
CA ASP D 40 -19.52 11.39 43.13
C ASP D 40 -18.43 11.78 44.11
N GLY D 41 -17.33 12.30 43.57
CA GLY D 41 -16.16 12.58 44.43
C GLY D 41 -15.07 13.34 43.72
N LEU D 42 -14.06 13.71 44.51
CA LEU D 42 -12.85 14.35 44.00
C LEU D 42 -11.64 13.55 44.45
N TYR D 43 -10.72 13.41 43.47
CA TYR D 43 -9.40 12.87 43.70
C TYR D 43 -8.45 14.01 43.71
N VAL D 44 -7.93 14.33 44.92
CA VAL D 44 -7.21 15.60 45.20
C VAL D 44 -5.72 15.32 45.33
N GLY D 45 -4.93 16.18 44.69
CA GLY D 45 -3.45 16.02 44.74
C GLY D 45 -2.86 14.96 43.81
N GLY D 46 -3.60 14.65 42.75
CA GLY D 46 -3.06 13.76 41.74
C GLY D 46 -2.22 14.46 40.67
N SER D 47 -1.88 13.69 39.62
CA SER D 47 -1.16 14.28 38.47
C SER D 47 -1.84 15.53 37.90
N THR D 48 -3.15 15.44 37.76
CA THR D 48 -3.99 16.50 37.19
C THR D 48 -3.95 17.79 38.03
N GLY D 49 -3.76 17.61 39.33
CA GLY D 49 -3.66 18.73 40.30
C GLY D 49 -2.32 19.46 40.25
N GLU D 50 -1.46 19.05 39.28
CA GLU D 50 -0.10 19.59 39.12
C GLU D 50 0.72 19.35 40.41
N ASN D 51 0.30 18.30 41.15
CA ASN D 51 0.82 18.02 42.49
C ASN D 51 2.32 17.87 42.54
N PHE D 52 2.92 17.19 41.56
CA PHE D 52 4.33 16.83 41.69
C PHE D 52 5.27 18.00 41.44
N MET D 53 4.73 19.14 41.02
CA MET D 53 5.48 20.39 40.90
C MET D 53 5.42 21.28 42.16
N LEU D 54 4.75 20.81 43.21
CA LEU D 54 4.48 21.65 44.39
C LEU D 54 5.25 21.29 45.63
N SER D 55 5.28 22.25 46.55
CA SER D 55 5.89 22.06 47.86
C SER D 55 4.93 21.32 48.77
N THR D 56 5.46 20.77 49.86
CA THR D 56 4.62 20.12 50.85
C THR D 56 3.57 21.07 51.46
N GLU D 57 3.96 22.33 51.74
CA GLU D 57 3.00 23.27 52.29
C GLU D 57 1.88 23.61 51.33
N GLU D 58 2.20 23.68 50.03
CA GLU D 58 1.19 23.94 49.01
C GLU D 58 0.21 22.77 48.86
N LYS D 59 0.75 21.56 48.93
CA LYS D 59 -0.09 20.35 48.89
C LYS D 59 -1.06 20.33 50.09
N LYS D 60 -0.55 20.65 51.28
CA LYS D 60 -1.44 20.69 52.43
C LYS D 60 -2.55 21.74 52.27
N GLU D 61 -2.19 22.90 51.75
CA GLU D 61 -3.16 24.01 51.57
C GLU D 61 -4.28 23.55 50.60
N ILE D 62 -3.88 22.86 49.51
CA ILE D 62 -4.88 22.31 48.61
C ILE D 62 -5.80 21.32 49.31
N PHE D 63 -5.22 20.41 50.12
CA PHE D 63 -6.07 19.46 50.84
C PHE D 63 -7.06 20.18 51.78
N ARG D 64 -6.57 21.20 52.47
CA ARG D 64 -7.41 21.96 53.40
C ARG D 64 -8.55 22.69 52.72
N ILE D 65 -8.23 23.41 51.64
CA ILE D 65 -9.25 24.16 50.92
C ILE D 65 -10.28 23.25 50.28
N ALA D 66 -9.83 22.15 49.62
CA ALA D 66 -10.81 21.26 48.97
C ALA D 66 -11.82 20.67 49.96
N LYS D 67 -11.33 20.20 51.09
CA LYS D 67 -12.18 19.61 52.13
C LYS D 67 -13.11 20.67 52.78
N ASP D 68 -12.62 21.87 52.99
CA ASP D 68 -13.47 22.89 53.60
C ASP D 68 -14.59 23.29 52.66
N GLU D 69 -14.28 23.31 51.36
CA GLU D 69 -15.31 23.70 50.41
C GLU D 69 -16.32 22.54 50.19
N ALA D 70 -15.80 21.32 50.07
CA ALA D 70 -16.66 20.16 49.77
C ALA D 70 -17.47 19.68 50.96
N LYS D 71 -16.91 19.84 52.16
CA LYS D 71 -17.49 19.36 53.40
C LYS D 71 -17.81 17.86 53.26
N ASP D 72 -19.05 17.43 53.53
CA ASP D 72 -19.38 16.00 53.40
C ASP D 72 -20.37 15.77 52.25
N GLU D 73 -20.40 16.72 51.31
CA GLU D 73 -21.31 16.62 50.19
C GLU D 73 -20.93 15.45 49.27
N ILE D 74 -19.64 15.17 49.11
CA ILE D 74 -19.13 14.17 48.15
C ILE D 74 -17.99 13.39 48.82
N ALA D 75 -17.56 12.30 48.18
CA ALA D 75 -16.43 11.49 48.69
C ALA D 75 -15.15 12.21 48.33
N LEU D 76 -14.13 12.13 49.18
CA LEU D 76 -12.86 12.73 48.84
C LEU D 76 -11.71 11.75 49.06
N ILE D 77 -10.89 11.63 48.04
CA ILE D 77 -9.62 10.82 48.08
C ILE D 77 -8.40 11.78 47.98
N ALA D 78 -7.40 11.53 48.81
CA ALA D 78 -6.17 12.36 48.83
C ALA D 78 -4.99 11.54 48.35
N GLN D 79 -4.41 11.94 47.23
CA GLN D 79 -3.21 11.32 46.68
C GLN D 79 -2.05 11.98 47.42
N VAL D 80 -1.22 11.17 48.09
CA VAL D 80 -0.16 11.71 48.99
C VAL D 80 1.19 11.14 48.61
N GLY D 81 1.22 10.31 47.55
CA GLY D 81 2.45 9.66 47.12
C GLY D 81 3.49 10.59 46.50
N SER D 82 4.74 10.12 46.45
CA SER D 82 5.88 10.94 46.14
C SER D 82 7.08 9.98 46.07
N VAL D 83 8.19 10.47 45.55
CA VAL D 83 9.46 9.76 45.74
C VAL D 83 9.92 9.83 47.21
N ASN D 84 9.48 10.87 47.92
CA ASN D 84 9.82 11.07 49.34
C ASN D 84 8.75 10.41 50.20
N LEU D 85 9.06 9.22 50.73
CA LEU D 85 8.14 8.48 51.60
C LEU D 85 7.84 9.22 52.90
N GLN D 86 8.82 9.96 53.47
CA GLN D 86 8.54 10.70 54.72
C GLN D 86 7.55 11.86 54.47
N GLU D 87 7.67 12.52 53.32
CA GLU D 87 6.62 13.48 52.86
C GLU D 87 5.25 12.80 52.68
N ALA D 88 5.25 11.61 52.06
CA ALA D 88 3.98 10.90 51.87
C ALA D 88 3.28 10.61 53.19
N ILE D 89 4.05 10.15 54.18
CA ILE D 89 3.50 9.90 55.49
C ILE D 89 2.97 11.20 56.13
N GLU D 90 3.75 12.28 56.06
CA GLU D 90 3.31 13.59 56.61
C GLU D 90 2.00 14.05 55.98
N LEU D 91 1.95 14.03 54.66
CA LEU D 91 0.75 14.39 53.93
C LEU D 91 -0.43 13.44 54.22
N GLY D 92 -0.13 12.14 54.32
CA GLY D 92 -1.19 11.15 54.63
C GLY D 92 -1.80 11.41 56.04
N LYS D 93 -0.97 11.69 57.04
CA LYS D 93 -1.52 12.01 58.38
C LYS D 93 -2.41 13.27 58.33
N TYR D 94 -1.93 14.29 57.62
CA TYR D 94 -2.67 15.53 57.47
C TYR D 94 -4.03 15.31 56.84
N ALA D 95 -4.05 14.64 55.69
CA ALA D 95 -5.32 14.39 54.98
C ALA D 95 -6.26 13.49 55.77
N THR D 96 -5.70 12.57 56.56
CA THR D 96 -6.50 11.70 57.44
C THR D 96 -7.14 12.54 58.54
N GLU D 97 -6.35 13.45 59.10
CA GLU D 97 -6.86 14.31 60.15
C GLU D 97 -7.93 15.24 59.64
N LEU D 98 -7.83 15.66 58.37
CA LEU D 98 -8.86 16.49 57.79
C LEU D 98 -10.14 15.69 57.44
N GLY D 99 -10.07 14.37 57.47
CA GLY D 99 -11.25 13.51 57.22
C GLY D 99 -11.41 12.99 55.79
N TYR D 100 -10.32 12.99 55.01
CA TYR D 100 -10.37 12.34 53.65
C TYR D 100 -10.74 10.87 53.79
N ASP D 101 -11.60 10.39 52.89
CA ASP D 101 -12.25 9.09 53.04
C ASP D 101 -11.31 7.91 52.74
N SER D 102 -10.32 8.16 51.88
CA SER D 102 -9.19 7.29 51.61
C SER D 102 -7.98 8.11 51.17
N LEU D 103 -6.81 7.50 51.34
CA LEU D 103 -5.60 7.96 50.74
C LEU D 103 -5.37 7.22 49.44
N SER D 104 -4.47 7.75 48.66
CA SER D 104 -4.00 7.03 47.48
C SER D 104 -2.55 7.46 47.31
N ALA D 105 -1.74 6.65 46.61
CA ALA D 105 -0.34 7.00 46.47
C ALA D 105 0.17 6.36 45.19
N VAL D 106 0.77 7.22 44.37
CA VAL D 106 1.46 6.80 43.14
C VAL D 106 2.60 5.86 43.57
N THR D 107 2.87 4.87 42.75
CA THR D 107 4.12 4.07 42.92
C THR D 107 5.31 5.03 42.96
N PRO D 108 6.27 4.86 43.90
CA PRO D 108 7.44 5.76 43.88
C PRO D 108 8.24 5.59 42.57
N PHE D 109 8.72 6.71 42.06
CA PHE D 109 9.25 6.79 40.73
C PHE D 109 10.64 7.43 40.76
N TYR D 110 11.16 7.77 39.57
CA TYR D 110 12.55 8.23 39.34
C TYR D 110 13.55 7.09 39.50
N TYR D 111 13.85 6.77 40.74
CA TYR D 111 14.68 5.60 41.00
C TYR D 111 13.94 4.37 40.62
N LYS D 112 14.69 3.30 40.31
CA LYS D 112 14.05 2.02 39.87
C LYS D 112 13.83 1.13 41.12
N PHE D 113 12.87 1.51 41.95
CA PHE D 113 12.60 0.75 43.18
C PHE D 113 12.16 -0.70 42.86
N SER D 114 12.65 -1.64 43.66
CA SER D 114 12.19 -3.04 43.54
C SER D 114 10.75 -3.20 44.03
N PHE D 115 10.13 -4.33 43.69
CA PHE D 115 8.80 -4.54 44.22
C PHE D 115 8.72 -4.55 45.76
N PRO D 116 9.61 -5.29 46.45
CA PRO D 116 9.56 -5.22 47.92
C PRO D 116 9.64 -3.80 48.46
N GLU D 117 10.41 -2.93 47.81
CA GLU D 117 10.50 -1.53 48.28
C GLU D 117 9.19 -0.79 48.09
N ILE D 118 8.57 -1.03 46.92
CA ILE D 118 7.25 -0.48 46.63
C ILE D 118 6.20 -0.98 47.67
N LYS D 119 6.18 -2.29 47.92
CA LYS D 119 5.20 -2.78 48.90
C LYS D 119 5.45 -2.16 50.30
N HIS D 120 6.73 -2.08 50.71
CA HIS D 120 7.07 -1.43 51.99
C HIS D 120 6.60 0.03 52.07
N TYR D 121 6.68 0.76 50.94
CA TYR D 121 6.22 2.14 50.85
C TYR D 121 4.71 2.22 51.10
N TYR D 122 3.91 1.35 50.45
CA TYR D 122 2.48 1.34 50.76
C TYR D 122 2.21 0.96 52.23
N ASP D 123 2.88 -0.09 52.69
CA ASP D 123 2.64 -0.57 54.06
C ASP D 123 3.01 0.51 55.09
N SER D 124 4.01 1.32 54.76
CA SER D 124 4.48 2.37 55.68
C SER D 124 3.51 3.50 55.82
N ILE D 125 2.94 3.93 54.69
CA ILE D 125 1.95 5.00 54.72
C ILE D 125 0.71 4.51 55.49
N ILE D 126 0.26 3.29 55.20
CA ILE D 126 -0.89 2.72 55.90
C ILE D 126 -0.64 2.65 57.39
N GLU D 127 0.51 2.12 57.81
CA GLU D 127 0.78 1.99 59.25
C GLU D 127 0.84 3.33 59.96
N ALA D 128 1.46 4.32 59.34
CA ALA D 128 1.58 5.65 60.00
C ALA D 128 0.26 6.38 60.10
N THR D 129 -0.66 6.15 59.17
CA THR D 129 -1.90 6.96 59.11
C THR D 129 -3.15 6.28 59.60
N GLY D 130 -3.18 4.95 59.51
CA GLY D 130 -4.36 4.18 59.82
C GLY D 130 -5.47 4.27 58.80
N ASN D 131 -5.22 4.98 57.68
CA ASN D 131 -6.28 5.19 56.66
C ASN D 131 -6.25 4.10 55.60
N TYR D 132 -7.38 3.98 54.91
CA TYR D 132 -7.46 3.18 53.64
C TYR D 132 -6.50 3.72 52.57
N MET D 133 -6.10 2.82 51.65
CA MET D 133 -5.14 3.14 50.62
C MET D 133 -5.60 2.60 49.24
N ILE D 134 -5.52 3.47 48.24
CA ILE D 134 -5.74 3.07 46.82
C ILE D 134 -4.41 3.20 46.11
N VAL D 135 -3.94 2.12 45.49
CA VAL D 135 -2.73 2.15 44.69
C VAL D 135 -2.97 3.01 43.46
N TYR D 136 -2.11 3.98 43.19
CA TYR D 136 -2.24 4.79 41.96
C TYR D 136 -1.17 4.32 40.96
N SER D 137 -1.63 3.64 39.89
CA SER D 137 -0.75 3.04 38.89
C SER D 137 -0.87 3.85 37.61
N ILE D 138 0.25 4.44 37.19
CA ILE D 138 0.28 5.26 35.95
C ILE D 138 1.63 4.96 35.24
N PRO D 139 1.74 3.77 34.63
CA PRO D 139 3.01 3.33 34.04
C PRO D 139 3.55 4.24 32.92
N PHE D 140 2.68 4.90 32.16
N PHE D 140 2.66 4.89 32.16
CA PHE D 140 3.20 5.77 31.10
CA PHE D 140 3.09 5.83 31.11
C PHE D 140 3.93 7.01 31.62
C PHE D 140 4.01 6.94 31.66
N LEU D 141 3.79 7.34 32.91
CA LEU D 141 4.64 8.40 33.55
C LEU D 141 5.70 7.84 34.48
N THR D 142 5.38 6.76 35.20
CA THR D 142 6.32 6.26 36.22
C THR D 142 7.28 5.22 35.66
N GLY D 143 6.85 4.48 34.63
CA GLY D 143 7.67 3.34 34.12
C GLY D 143 7.54 2.12 35.04
N VAL D 144 6.66 2.17 36.02
CA VAL D 144 6.49 1.03 36.93
C VAL D 144 5.33 0.14 36.45
N ASN D 145 5.61 -1.14 36.27
CA ASN D 145 4.60 -2.13 35.92
C ASN D 145 4.41 -3.11 37.06
N ILE D 146 3.17 -3.19 37.52
CA ILE D 146 2.82 -4.09 38.61
C ILE D 146 1.97 -5.22 37.98
N GLY D 147 2.34 -6.46 38.20
CA GLY D 147 1.59 -7.62 37.67
C GLY D 147 0.54 -8.17 38.64
N VAL D 148 -0.17 -9.21 38.20
CA VAL D 148 -1.28 -9.72 39.02
C VAL D 148 -0.82 -10.23 40.38
N GLU D 149 0.21 -11.07 40.37
CA GLU D 149 0.71 -11.59 41.64
C GLU D 149 1.16 -10.44 42.57
N GLN D 150 1.80 -9.42 42.01
CA GLN D 150 2.27 -8.27 42.82
C GLN D 150 1.11 -7.47 43.43
N PHE D 151 0.05 -7.22 42.64
CA PHE D 151 -1.17 -6.63 43.25
C PHE D 151 -1.69 -7.46 44.44
N GLY D 152 -1.59 -8.78 44.34
CA GLY D 152 -2.09 -9.64 45.38
C GLY D 152 -1.25 -9.48 46.64
N GLU D 153 0.06 -9.27 46.45
CA GLU D 153 0.95 -9.03 47.59
C GLU D 153 0.61 -7.69 48.24
N LEU D 154 0.33 -6.68 47.42
CA LEU D 154 -0.14 -5.38 47.98
C LEU D 154 -1.45 -5.55 48.75
N TYR D 155 -2.34 -6.40 48.22
CA TYR D 155 -3.66 -6.58 48.79
C TYR D 155 -3.67 -7.48 50.02
N LYS D 156 -2.52 -8.08 50.36
CA LYS D 156 -2.41 -8.76 51.65
C LYS D 156 -2.64 -7.78 52.80
N ASN D 157 -2.38 -6.49 52.56
CA ASN D 157 -2.72 -5.45 53.52
C ASN D 157 -4.20 -5.11 53.42
N PRO D 158 -4.99 -5.41 54.46
CA PRO D 158 -6.45 -5.27 54.38
C PRO D 158 -6.93 -3.81 54.22
N LYS D 159 -6.07 -2.82 54.39
CA LYS D 159 -6.51 -1.42 54.23
C LYS D 159 -6.29 -0.96 52.79
N VAL D 160 -5.72 -1.82 51.95
CA VAL D 160 -5.63 -1.47 50.50
C VAL D 160 -6.95 -1.80 49.82
N LEU D 161 -7.60 -0.80 49.24
CA LEU D 161 -8.97 -0.96 48.77
C LEU D 161 -9.02 -1.42 47.30
N GLY D 162 -7.94 -1.19 46.60
CA GLY D 162 -7.89 -1.40 45.13
C GLY D 162 -6.95 -0.43 44.47
N VAL D 163 -7.22 -0.17 43.18
CA VAL D 163 -6.26 0.51 42.33
C VAL D 163 -6.94 1.53 41.44
N ALA D 164 -6.30 2.70 41.40
CA ALA D 164 -6.66 3.71 40.41
C ALA D 164 -5.75 3.39 39.21
N PHE D 165 -6.39 2.88 38.16
CA PHE D 165 -5.71 2.14 37.08
C PHE D 165 -5.64 3.03 35.85
N THR D 166 -4.59 3.87 35.78
CA THR D 166 -4.39 4.79 34.60
C THR D 166 -3.42 4.08 33.76
N ALA D 167 -3.90 2.95 33.24
CA ALA D 167 -3.11 2.02 32.47
C ALA D 167 -4.00 1.45 31.37
N GLY D 168 -3.35 1.02 30.30
CA GLY D 168 -4.04 0.63 29.09
C GLY D 168 -4.07 -0.86 28.83
N ASP D 169 -3.58 -1.65 29.77
CA ASP D 169 -3.59 -3.10 29.60
C ASP D 169 -4.91 -3.72 30.10
N PHE D 170 -5.82 -3.98 29.16
CA PHE D 170 -7.11 -4.50 29.55
C PHE D 170 -7.11 -6.01 29.86
N TYR D 171 -6.08 -6.75 29.44
CA TYR D 171 -5.91 -8.12 29.91
C TYR D 171 -5.57 -8.06 31.42
N LEU D 172 -4.61 -7.22 31.78
CA LEU D 172 -4.28 -7.08 33.22
C LEU D 172 -5.52 -6.65 34.00
N LEU D 173 -6.27 -5.69 33.45
N LEU D 173 -6.27 -5.68 33.46
CA LEU D 173 -7.47 -5.22 34.10
CA LEU D 173 -7.50 -5.25 34.11
C LEU D 173 -8.49 -6.35 34.38
C LEU D 173 -8.43 -6.42 34.41
N GLU D 174 -8.77 -7.19 33.37
CA GLU D 174 -9.64 -8.35 33.55
C GLU D 174 -9.09 -9.36 34.56
N ARG D 175 -7.79 -9.60 34.51
CA ARG D 175 -7.17 -10.54 35.44
C ARG D 175 -7.26 -10.02 36.87
N LEU D 176 -7.19 -8.71 37.07
CA LEU D 176 -7.35 -8.18 38.42
C LEU D 176 -8.74 -8.37 38.95
N LYS D 177 -9.74 -8.13 38.10
CA LYS D 177 -11.13 -8.33 38.49
C LYS D 177 -11.41 -9.81 38.78
N LYS D 178 -10.77 -10.74 38.07
CA LYS D 178 -10.96 -12.18 38.32
C LYS D 178 -10.31 -12.59 39.62
N ALA D 179 -9.07 -12.14 39.83
CA ALA D 179 -8.28 -12.63 40.97
C ALA D 179 -8.77 -12.07 42.30
N TYR D 180 -9.17 -10.79 42.27
CA TYR D 180 -9.48 -9.99 43.49
C TYR D 180 -10.86 -9.32 43.36
N PRO D 181 -11.93 -10.13 43.37
CA PRO D 181 -13.21 -9.58 42.93
C PRO D 181 -13.82 -8.58 43.92
N ASN D 182 -13.37 -8.59 45.16
CA ASN D 182 -13.87 -7.67 46.15
C ASN D 182 -13.08 -6.39 46.19
N HIS D 183 -11.95 -6.34 45.48
CA HIS D 183 -11.16 -5.10 45.45
C HIS D 183 -11.66 -4.22 44.33
N LEU D 184 -11.51 -2.92 44.54
CA LEU D 184 -12.03 -1.92 43.59
C LEU D 184 -11.05 -1.53 42.52
N ILE D 185 -11.57 -1.17 41.33
CA ILE D 185 -10.77 -0.61 40.28
C ILE D 185 -11.43 0.66 39.78
N TRP D 186 -10.70 1.78 39.74
CA TRP D 186 -11.21 2.97 39.06
C TRP D 186 -10.43 3.11 37.74
N ALA D 187 -11.13 3.23 36.63
CA ALA D 187 -10.45 3.48 35.36
C ALA D 187 -9.87 4.87 35.36
N GLY D 188 -8.71 5.01 34.74
CA GLY D 188 -7.97 6.31 34.73
C GLY D 188 -7.81 6.94 33.35
N PHE D 189 -8.21 6.24 32.28
CA PHE D 189 -8.10 6.84 30.90
C PHE D 189 -9.50 7.20 30.38
N ASP D 190 -9.80 8.49 30.42
CA ASP D 190 -11.14 8.99 30.11
C ASP D 190 -11.54 8.60 28.67
N GLU D 191 -10.57 8.55 27.78
CA GLU D 191 -10.88 8.24 26.37
C GLU D 191 -11.12 6.74 26.16
N MET D 192 -10.83 5.93 27.19
CA MET D 192 -11.13 4.47 27.17
C MET D 192 -12.13 4.07 28.26
N MET D 193 -12.99 4.99 28.62
CA MET D 193 -14.00 4.68 29.66
C MET D 193 -14.98 3.54 29.34
N LEU D 194 -15.50 3.52 28.09
CA LEU D 194 -16.46 2.51 27.69
C LEU D 194 -15.87 1.09 27.81
N PRO D 195 -14.73 0.83 27.15
CA PRO D 195 -14.20 -0.54 27.31
C PRO D 195 -13.80 -0.89 28.77
N ALA D 196 -13.30 0.06 29.54
CA ALA D 196 -13.03 -0.24 30.96
C ALA D 196 -14.31 -0.57 31.73
N ALA D 197 -15.35 0.24 31.55
CA ALA D 197 -16.64 -0.04 32.18
C ALA D 197 -17.23 -1.41 31.75
N SER D 198 -16.95 -1.82 30.51
CA SER D 198 -17.47 -3.16 30.03
C SER D 198 -16.91 -4.31 30.81
N LEU D 199 -15.73 -4.11 31.41
CA LEU D 199 -15.08 -5.12 32.25
C LEU D 199 -15.45 -5.00 33.74
N GLY D 200 -16.39 -4.11 34.08
CA GLY D 200 -16.95 -4.04 35.46
C GLY D 200 -16.11 -3.26 36.46
N VAL D 201 -15.33 -2.30 35.99
CA VAL D 201 -14.66 -1.39 36.96
C VAL D 201 -15.71 -0.70 37.81
N ASP D 202 -15.28 -0.17 38.95
CA ASP D 202 -16.23 0.29 39.93
C ASP D 202 -16.43 1.80 39.83
N GLY D 203 -15.56 2.41 39.05
CA GLY D 203 -15.68 3.84 38.89
C GLY D 203 -14.61 4.32 37.93
N ALA D 204 -14.47 5.64 37.94
CA ALA D 204 -13.50 6.27 37.08
C ALA D 204 -12.98 7.56 37.72
N ILE D 205 -11.69 7.81 37.51
CA ILE D 205 -11.05 9.05 37.97
C ILE D 205 -10.53 9.73 36.72
N GLY D 206 -10.92 10.99 36.49
CA GLY D 206 -10.55 11.66 35.22
C GLY D 206 -10.31 13.16 35.27
N SER D 207 -9.29 13.65 34.55
CA SER D 207 -9.10 15.11 34.42
C SER D 207 -10.21 15.74 33.60
N THR D 208 -10.70 15.05 32.56
CA THR D 208 -11.64 15.76 31.70
C THR D 208 -13.05 15.87 32.33
N PHE D 209 -13.29 15.16 33.44
CA PHE D 209 -14.60 15.20 34.12
C PHE D 209 -14.85 16.59 34.78
N ASN D 210 -13.74 17.34 34.99
CA ASN D 210 -13.89 18.73 35.41
C ASN D 210 -14.73 19.56 34.45
N VAL D 211 -14.81 19.18 33.16
CA VAL D 211 -15.66 19.94 32.20
C VAL D 211 -16.67 19.06 31.50
N ASN D 212 -16.42 17.76 31.49
CA ASN D 212 -17.22 16.80 30.71
C ASN D 212 -17.82 15.70 31.58
N GLY D 213 -18.00 15.98 32.87
CA GLY D 213 -18.47 15.00 33.85
C GLY D 213 -19.88 14.48 33.57
N VAL D 214 -20.71 15.24 32.87
CA VAL D 214 -22.08 14.81 32.57
C VAL D 214 -22.03 13.67 31.56
N ARG D 215 -21.35 13.88 30.42
CA ARG D 215 -21.18 12.79 29.48
C ARG D 215 -20.43 11.62 30.07
N ALA D 216 -19.44 11.90 30.92
CA ALA D 216 -18.68 10.76 31.44
C ALA D 216 -19.57 9.81 32.23
N ARG D 217 -20.45 10.36 33.07
CA ARG D 217 -21.36 9.56 33.89
C ARG D 217 -22.29 8.77 32.99
N GLN D 218 -22.77 9.41 31.91
CA GLN D 218 -23.57 8.66 30.97
C GLN D 218 -22.89 7.47 30.35
N ILE D 219 -21.69 7.71 29.84
CA ILE D 219 -20.96 6.58 29.26
C ILE D 219 -20.86 5.42 30.25
N PHE D 220 -20.42 5.74 31.44
CA PHE D 220 -20.21 4.72 32.46
C PHE D 220 -21.48 3.93 32.78
N GLU D 221 -22.54 4.66 33.10
CA GLU D 221 -23.78 4.02 33.58
C GLU D 221 -24.45 3.26 32.43
N LEU D 222 -24.51 3.91 31.25
CA LEU D 222 -25.11 3.21 30.10
C LEU D 222 -24.33 1.96 29.74
N THR D 223 -23.00 2.03 29.82
CA THR D 223 -22.20 0.84 29.48
C THR D 223 -22.54 -0.30 30.47
N GLN D 224 -22.54 0.01 31.73
CA GLN D 224 -22.83 -1.06 32.69
C GLN D 224 -24.27 -1.59 32.69
N ALA D 225 -25.22 -0.80 32.17
CA ALA D 225 -26.58 -1.28 31.91
C ALA D 225 -26.69 -2.01 30.57
N GLY D 226 -25.60 -2.13 29.82
CA GLY D 226 -25.66 -2.83 28.50
C GLY D 226 -26.13 -2.03 27.29
N LYS D 227 -26.28 -0.72 27.46
CA LYS D 227 -26.74 0.14 26.38
C LYS D 227 -25.52 0.64 25.58
N LEU D 228 -24.88 -0.33 24.90
CA LEU D 228 -23.59 -0.03 24.25
C LEU D 228 -23.67 0.87 23.05
N LYS D 229 -24.78 0.85 22.30
CA LYS D 229 -24.85 1.70 21.09
C LYS D 229 -24.89 3.14 21.55
N GLU D 230 -25.66 3.40 22.62
CA GLU D 230 -25.83 4.75 23.08
C GLU D 230 -24.54 5.24 23.77
N ALA D 231 -23.97 4.35 24.60
CA ALA D 231 -22.70 4.69 25.29
C ALA D 231 -21.58 5.03 24.27
N LEU D 232 -21.52 4.29 23.16
CA LEU D 232 -20.47 4.49 22.16
C LEU D 232 -20.66 5.85 21.43
N GLU D 233 -21.91 6.22 21.21
CA GLU D 233 -22.22 7.50 20.63
C GLU D 233 -21.63 8.64 21.46
N ILE D 234 -21.83 8.52 22.74
CA ILE D 234 -21.39 9.55 23.69
C ILE D 234 -19.87 9.47 23.86
N GLN D 235 -19.28 8.28 23.79
CA GLN D 235 -17.84 8.20 23.85
C GLN D 235 -17.17 8.78 22.65
N HIS D 236 -17.80 8.62 21.50
CA HIS D 236 -17.32 9.25 20.26
C HIS D 236 -17.27 10.76 20.35
N VAL D 237 -18.32 11.40 20.87
CA VAL D 237 -18.32 12.86 21.01
C VAL D 237 -17.31 13.33 22.07
N THR D 238 -17.30 12.61 23.19
CA THR D 238 -16.32 12.82 24.25
C THR D 238 -14.90 12.76 23.67
N ASN D 239 -14.62 11.71 22.89
CA ASN D 239 -13.27 11.60 22.37
C ASN D 239 -12.93 12.63 21.31
N ASP D 240 -13.93 13.16 20.59
CA ASP D 240 -13.67 14.33 19.73
C ASP D 240 -13.20 15.53 20.58
N LEU D 241 -13.87 15.73 21.71
CA LEU D 241 -13.45 16.77 22.63
C LEU D 241 -12.08 16.51 23.23
N ILE D 242 -11.86 15.29 23.69
CA ILE D 242 -10.55 14.94 24.30
C ILE D 242 -9.41 15.09 23.28
N GLU D 243 -9.67 14.68 22.02
CA GLU D 243 -8.63 14.77 21.02
C GLU D 243 -8.25 16.25 20.84
N GLY D 244 -9.25 17.12 20.84
CA GLY D 244 -8.99 18.57 20.80
C GLY D 244 -8.22 19.10 22.00
N ILE D 245 -8.63 18.67 23.19
CA ILE D 245 -7.97 19.08 24.40
C ILE D 245 -6.51 18.69 24.39
N LEU D 246 -6.25 17.42 24.04
CA LEU D 246 -4.87 16.95 24.01
C LEU D 246 -4.00 17.71 23.00
N ALA D 247 -4.55 17.97 21.81
CA ALA D 247 -3.82 18.68 20.75
C ALA D 247 -3.49 20.11 21.18
N ASN D 248 -4.41 20.71 21.91
CA ASN D 248 -4.25 22.11 22.36
C ASN D 248 -3.43 22.31 23.63
N GLY D 249 -3.21 21.24 24.41
CA GLY D 249 -2.53 21.38 25.71
C GLY D 249 -3.53 21.01 26.82
N LEU D 250 -3.40 19.80 27.35
CA LEU D 250 -4.41 19.21 28.22
C LEU D 250 -4.80 20.10 29.41
N TYR D 251 -3.86 20.43 30.29
CA TYR D 251 -4.31 21.09 31.54
C TYR D 251 -4.77 22.52 31.27
N LEU D 252 -4.03 23.20 30.40
CA LEU D 252 -4.39 24.57 30.05
C LEU D 252 -5.77 24.66 29.33
N THR D 253 -6.06 23.68 28.50
CA THR D 253 -7.32 23.67 27.76
C THR D 253 -8.50 23.36 28.67
N ILE D 254 -8.34 22.43 29.61
CA ILE D 254 -9.43 22.19 30.56
C ILE D 254 -9.68 23.42 31.43
N LYS D 255 -8.59 24.08 31.86
CA LYS D 255 -8.73 25.31 32.61
C LYS D 255 -9.41 26.39 31.75
N GLU D 256 -9.08 26.50 30.48
CA GLU D 256 -9.74 27.47 29.60
C GLU D 256 -11.25 27.18 29.42
N LEU D 257 -11.60 25.90 29.31
CA LEU D 257 -13.00 25.56 29.24
C LEU D 257 -13.73 25.86 30.52
N LEU D 258 -13.05 25.72 31.67
CA LEU D 258 -13.64 26.18 32.95
C LEU D 258 -13.83 27.72 33.00
N LYS D 259 -12.83 28.43 32.51
CA LYS D 259 -12.86 29.89 32.53
C LYS D 259 -14.00 30.36 31.67
N LEU D 260 -14.23 29.65 30.59
CA LEU D 260 -15.35 30.01 29.67
C LEU D 260 -16.75 29.78 30.30
N ASP D 261 -16.81 29.00 31.36
CA ASP D 261 -18.05 28.83 32.16
C ASP D 261 -18.09 29.66 33.46
N GLY D 262 -17.20 30.64 33.60
CA GLY D 262 -17.16 31.52 34.76
C GLY D 262 -16.39 31.02 35.97
N VAL D 263 -15.62 29.94 35.81
CA VAL D 263 -14.82 29.39 36.88
C VAL D 263 -13.38 29.91 36.73
N GLU D 264 -12.85 30.60 37.75
CA GLU D 264 -11.51 31.23 37.70
C GLU D 264 -10.39 30.22 37.94
N ALA D 265 -10.23 29.36 36.94
CA ALA D 265 -9.35 28.19 37.04
C ALA D 265 -7.90 28.57 36.91
N GLY D 266 -7.63 29.84 36.54
CA GLY D 266 -6.25 30.36 36.68
C GLY D 266 -5.20 29.81 35.68
N TYR D 267 -3.95 30.02 36.04
CA TYR D 267 -2.78 29.61 35.31
C TYR D 267 -2.40 28.19 35.60
N CYS D 268 -1.57 27.64 34.72
CA CYS D 268 -0.86 26.39 35.12
C CYS D 268 0.42 26.77 35.86
N ARG D 269 1.02 25.77 36.51
CA ARG D 269 2.19 25.99 37.36
C ARG D 269 3.47 25.60 36.59
N GLU D 270 4.42 26.52 36.52
CA GLU D 270 5.71 26.23 35.86
C GLU D 270 6.40 25.12 36.66
N PRO D 271 7.14 24.24 36.00
CA PRO D 271 7.60 24.32 34.60
C PRO D 271 6.61 23.97 33.50
N MET D 272 5.36 23.63 33.82
CA MET D 272 4.37 23.58 32.69
C MET D 272 4.18 24.98 32.13
N THR D 273 3.83 25.05 30.83
CA THR D 273 3.51 26.34 30.23
C THR D 273 2.34 26.98 31.00
N LYS D 274 2.52 28.23 31.43
CA LYS D 274 1.56 28.78 32.37
C LYS D 274 0.28 29.31 31.75
N GLU D 275 0.31 29.65 30.45
CA GLU D 275 -0.90 30.16 29.78
C GLU D 275 -0.92 29.84 28.28
N LEU D 276 -2.11 29.79 27.71
CA LEU D 276 -2.29 29.53 26.29
C LEU D 276 -1.94 30.76 25.47
N SER D 277 -1.39 30.51 24.30
CA SER D 277 -1.24 31.54 23.29
C SER D 277 -2.61 32.00 22.80
N SER D 278 -2.66 33.16 22.14
CA SER D 278 -3.93 33.65 21.67
C SER D 278 -4.57 32.66 20.66
N GLU D 279 -3.78 31.97 19.84
CA GLU D 279 -4.38 31.07 18.84
C GLU D 279 -5.00 29.85 19.52
N LYS D 280 -4.36 29.44 20.60
CA LYS D 280 -4.85 28.30 21.40
C LYS D 280 -6.06 28.67 22.27
N VAL D 281 -6.15 29.92 22.70
CA VAL D 281 -7.38 30.39 23.36
C VAL D 281 -8.54 30.33 22.37
N ALA D 282 -8.26 30.77 21.15
CA ALA D 282 -9.28 30.75 20.08
C ALA D 282 -9.74 29.30 19.82
N PHE D 283 -8.78 28.39 19.80
CA PHE D 283 -9.08 26.97 19.54
C PHE D 283 -9.92 26.41 20.69
N ALA D 284 -9.55 26.75 21.93
CA ALA D 284 -10.36 26.28 23.05
C ALA D 284 -11.81 26.81 22.97
N LYS D 285 -11.97 28.03 22.52
CA LYS D 285 -13.31 28.60 22.37
C LYS D 285 -14.12 27.82 21.32
N GLU D 286 -13.45 27.33 20.29
CA GLU D 286 -14.13 26.51 19.28
C GLU D 286 -14.56 25.17 19.88
N LEU D 287 -13.70 24.56 20.72
CA LEU D 287 -14.08 23.34 21.41
C LEU D 287 -15.31 23.56 22.32
N LYS D 288 -15.34 24.69 23.03
CA LYS D 288 -16.46 25.05 23.89
C LYS D 288 -17.75 25.13 23.04
N ALA D 289 -17.68 25.83 21.91
CA ALA D 289 -18.88 26.00 21.09
C ALA D 289 -19.38 24.67 20.55
N LYS D 290 -18.44 23.80 20.16
CA LYS D 290 -18.79 22.56 19.47
C LYS D 290 -19.33 21.48 20.41
N TYR D 291 -18.74 21.40 21.60
CA TYR D 291 -18.94 20.23 22.47
C TYR D 291 -19.48 20.58 23.86
N LEU D 292 -19.44 21.85 24.29
CA LEU D 292 -19.88 22.14 25.65
C LEU D 292 -20.79 23.39 25.73
N SER D 293 -21.60 23.57 24.71
CA SER D 293 -22.54 24.72 24.66
C SER D 293 -23.98 24.34 24.35
N MET E 1 -36.49 3.89 -16.70
CA MET E 1 -37.73 3.36 -16.05
C MET E 1 -38.23 4.24 -14.90
N LYS E 2 -37.30 4.81 -14.11
CA LYS E 2 -37.69 5.81 -13.12
C LYS E 2 -38.13 7.04 -13.93
N ASN E 3 -39.11 7.74 -13.42
CA ASN E 3 -39.56 8.96 -14.04
C ASN E 3 -38.48 10.00 -13.84
N LEU E 4 -38.03 10.61 -14.93
CA LEU E 4 -36.93 11.57 -14.84
C LEU E 4 -37.38 13.01 -14.97
N LYS E 5 -38.69 13.27 -14.88
CA LYS E 5 -39.19 14.63 -14.98
C LYS E 5 -39.07 15.33 -13.65
N GLY E 6 -39.20 16.65 -13.65
CA GLY E 6 -39.25 17.37 -12.37
C GLY E 6 -38.00 18.14 -12.00
N ILE E 7 -37.77 18.24 -10.70
CA ILE E 7 -36.75 19.12 -10.15
C ILE E 7 -35.56 18.29 -9.69
N PHE E 8 -34.39 18.56 -10.28
CA PHE E 8 -33.17 17.89 -9.92
C PHE E 8 -32.13 18.93 -9.45
N SER E 9 -31.57 18.70 -8.27
CA SER E 9 -30.46 19.51 -7.85
C SER E 9 -29.20 19.02 -8.54
N ALA E 10 -28.43 19.97 -9.06
CA ALA E 10 -27.06 19.69 -9.49
C ALA E 10 -26.21 19.57 -8.24
N LEU E 11 -25.85 18.34 -7.89
CA LEU E 11 -25.24 18.07 -6.61
C LEU E 11 -23.91 18.77 -6.41
N LEU E 12 -23.85 19.63 -5.40
CA LEU E 12 -22.58 20.18 -4.89
C LEU E 12 -21.84 19.13 -4.03
N VAL E 13 -20.51 19.25 -3.98
CA VAL E 13 -19.67 18.29 -3.27
C VAL E 13 -18.90 19.04 -2.19
N SER E 14 -18.84 18.43 -1.01
CA SER E 14 -18.08 18.96 0.10
C SER E 14 -16.62 18.52 -0.01
N PHE E 15 -15.71 19.47 -0.02
CA PHE E 15 -14.26 19.22 -0.02
C PHE E 15 -13.62 19.65 1.29
N ASN E 16 -12.60 18.89 1.68
CA ASN E 16 -11.68 19.28 2.73
C ASN E 16 -10.72 20.38 2.27
N ALA E 17 -10.00 20.98 3.24
CA ALA E 17 -9.02 22.03 2.91
C ALA E 17 -7.94 21.60 1.92
N ASP E 18 -7.58 20.30 1.90
CA ASP E 18 -6.54 19.79 0.98
C ASP E 18 -7.10 19.32 -0.35
N GLY E 19 -8.39 19.57 -0.55
CA GLY E 19 -9.06 19.23 -1.81
C GLY E 19 -9.67 17.86 -1.87
N SER E 20 -9.51 17.03 -0.81
CA SER E 20 -10.07 15.66 -0.86
C SER E 20 -11.57 15.76 -0.61
N ILE E 21 -12.32 14.72 -0.98
CA ILE E 21 -13.75 14.72 -0.75
C ILE E 21 -14.02 14.48 0.73
N ASN E 22 -14.91 15.27 1.30
N ASN E 22 -14.94 15.28 1.28
CA ASN E 22 -15.36 15.00 2.65
CA ASN E 22 -15.49 15.10 2.63
C ASN E 22 -16.66 14.21 2.56
C ASN E 22 -16.72 14.21 2.50
N GLU E 23 -16.55 12.90 2.74
CA GLU E 23 -17.70 11.98 2.58
C GLU E 23 -18.90 12.31 3.49
N LYS E 24 -18.63 12.63 4.76
CA LYS E 24 -19.70 12.92 5.70
C LYS E 24 -20.51 14.14 5.21
N GLY E 25 -19.79 15.17 4.75
CA GLY E 25 -20.43 16.40 4.27
C GLY E 25 -21.21 16.15 2.98
N LEU E 26 -20.64 15.34 2.09
CA LEU E 26 -21.33 15.07 0.82
C LEU E 26 -22.63 14.30 1.12
N ARG E 27 -22.58 13.36 2.08
CA ARG E 27 -23.81 12.64 2.45
C ARG E 27 -24.85 13.59 3.04
N GLN E 28 -24.42 14.56 3.86
CA GLN E 28 -25.32 15.60 4.39
C GLN E 28 -25.99 16.40 3.31
N ILE E 29 -25.23 16.72 2.25
CA ILE E 29 -25.81 17.50 1.12
C ILE E 29 -26.87 16.65 0.39
N VAL E 30 -26.53 15.39 0.16
CA VAL E 30 -27.49 14.46 -0.47
C VAL E 30 -28.77 14.39 0.37
N ARG E 31 -28.59 14.19 1.69
CA ARG E 31 -29.75 14.10 2.57
C ARG E 31 -30.59 15.37 2.53
N TYR E 32 -29.90 16.50 2.52
CA TYR E 32 -30.58 17.79 2.62
C TYR E 32 -31.41 17.98 1.35
N ASN E 33 -30.84 17.59 0.22
CA ASN E 33 -31.59 17.68 -1.04
C ASN E 33 -32.85 16.80 -1.06
N ILE E 34 -32.70 15.55 -0.64
CA ILE E 34 -33.81 14.62 -0.60
C ILE E 34 -34.86 15.05 0.43
N ASP E 35 -34.40 15.30 1.67
CA ASP E 35 -35.30 15.48 2.81
C ASP E 35 -35.86 16.89 3.02
N LYS E 36 -35.07 17.91 2.67
CA LYS E 36 -35.48 19.30 2.90
C LYS E 36 -35.83 20.03 1.60
N MET E 37 -35.06 19.82 0.55
CA MET E 37 -35.38 20.49 -0.70
C MET E 37 -36.42 19.70 -1.51
N LYS E 38 -36.66 18.44 -1.13
CA LYS E 38 -37.67 17.61 -1.75
C LYS E 38 -37.53 17.51 -3.28
N VAL E 39 -36.31 17.24 -3.67
CA VAL E 39 -36.04 17.05 -5.09
C VAL E 39 -36.59 15.74 -5.64
N ASP E 40 -36.82 15.71 -6.96
CA ASP E 40 -37.18 14.48 -7.61
C ASP E 40 -35.92 13.67 -7.86
N GLY E 41 -34.80 14.39 -7.93
CA GLY E 41 -33.56 13.73 -8.27
C GLY E 41 -32.31 14.57 -8.07
N LEU E 42 -31.16 13.92 -8.30
CA LEU E 42 -29.86 14.57 -8.30
C LEU E 42 -29.14 14.32 -9.63
N TYR E 43 -28.48 15.39 -10.09
CA TYR E 43 -27.62 15.33 -11.25
C TYR E 43 -26.21 15.40 -10.72
N VAL E 44 -25.48 14.27 -10.80
CA VAL E 44 -24.21 14.07 -10.08
C VAL E 44 -23.05 14.15 -11.05
N GLY E 45 -22.00 14.91 -10.69
CA GLY E 45 -20.75 14.98 -11.49
C GLY E 45 -20.82 16.03 -12.59
N GLY E 46 -21.73 16.97 -12.41
CA GLY E 46 -21.92 18.11 -13.35
C GLY E 46 -20.96 19.24 -13.03
N SER E 47 -21.07 20.34 -13.81
CA SER E 47 -20.25 21.51 -13.57
C SER E 47 -20.36 21.95 -12.09
N THR E 48 -21.59 21.95 -11.55
CA THR E 48 -21.87 22.31 -10.13
C THR E 48 -21.12 21.49 -9.09
N GLY E 49 -20.82 20.24 -9.43
CA GLY E 49 -20.09 19.38 -8.52
C GLY E 49 -18.60 19.59 -8.58
N GLU E 50 -18.14 20.64 -9.29
CA GLU E 50 -16.70 20.87 -9.46
C GLU E 50 -15.98 19.72 -10.16
N ASN E 51 -16.75 19.02 -10.99
CA ASN E 51 -16.33 17.77 -11.58
C ASN E 51 -15.06 17.89 -12.37
N PHE E 52 -14.99 18.95 -13.18
CA PHE E 52 -13.92 19.03 -14.18
C PHE E 52 -12.53 19.35 -13.60
N MET E 53 -12.50 19.66 -12.30
CA MET E 53 -11.25 19.83 -11.58
C MET E 53 -10.75 18.54 -10.88
N LEU E 54 -11.45 17.42 -11.09
CA LEU E 54 -11.19 16.22 -10.25
C LEU E 54 -10.53 15.08 -11.04
N SER E 55 -9.93 14.13 -10.31
CA SER E 55 -9.35 12.93 -10.90
C SER E 55 -10.44 11.90 -11.17
N THR E 56 -10.13 10.87 -11.97
CA THR E 56 -11.12 9.87 -12.30
C THR E 56 -11.58 9.13 -11.03
N GLU E 57 -10.62 8.80 -10.17
CA GLU E 57 -10.92 8.15 -8.90
C GLU E 57 -11.84 8.96 -7.99
N GLU E 58 -11.61 10.27 -7.96
CA GLU E 58 -12.47 11.17 -7.18
C GLU E 58 -13.90 11.19 -7.72
N LYS E 59 -14.03 11.27 -9.07
CA LYS E 59 -15.34 11.20 -9.70
C LYS E 59 -16.03 9.87 -9.31
N LYS E 60 -15.29 8.78 -9.32
CA LYS E 60 -15.89 7.51 -8.96
C LYS E 60 -16.38 7.54 -7.52
N GLU E 61 -15.57 8.14 -6.64
CA GLU E 61 -15.90 8.17 -5.20
C GLU E 61 -17.21 8.94 -4.99
N ILE E 62 -17.35 10.07 -5.71
CA ILE E 62 -18.59 10.87 -5.62
C ILE E 62 -19.79 10.04 -6.14
N PHE E 63 -19.63 9.32 -7.26
CA PHE E 63 -20.75 8.55 -7.73
C PHE E 63 -21.15 7.46 -6.72
N ARG E 64 -20.15 6.81 -6.13
CA ARG E 64 -20.44 5.75 -5.19
C ARG E 64 -21.14 6.28 -3.91
N ILE E 65 -20.66 7.40 -3.36
CA ILE E 65 -21.23 7.96 -2.13
C ILE E 65 -22.67 8.47 -2.36
N ALA E 66 -22.89 9.12 -3.50
CA ALA E 66 -24.20 9.68 -3.77
C ALA E 66 -25.24 8.58 -3.91
N LYS E 67 -24.89 7.50 -4.62
CA LYS E 67 -25.83 6.39 -4.81
C LYS E 67 -26.08 5.64 -3.51
N ASP E 68 -25.02 5.46 -2.72
CA ASP E 68 -25.17 4.77 -1.45
C ASP E 68 -26.10 5.55 -0.50
N GLU E 69 -26.01 6.88 -0.53
CA GLU E 69 -26.77 7.67 0.42
C GLU E 69 -28.21 7.80 -0.04
N ALA E 70 -28.40 8.02 -1.34
CA ALA E 70 -29.73 8.21 -1.93
C ALA E 70 -30.48 6.91 -2.12
N LYS E 71 -29.76 5.81 -2.32
CA LYS E 71 -30.40 4.49 -2.57
C LYS E 71 -31.42 4.61 -3.70
N ASP E 72 -32.68 4.19 -3.52
CA ASP E 72 -33.68 4.42 -4.60
C ASP E 72 -34.77 5.43 -4.24
N GLU E 73 -34.50 6.33 -3.28
CA GLU E 73 -35.53 7.28 -2.87
C GLU E 73 -35.80 8.30 -3.94
N ILE E 74 -34.78 8.55 -4.76
CA ILE E 74 -34.87 9.57 -5.82
C ILE E 74 -34.22 9.06 -7.09
N ALA E 75 -34.48 9.76 -8.20
CA ALA E 75 -33.78 9.47 -9.42
C ALA E 75 -32.38 10.07 -9.43
N LEU E 76 -31.47 9.39 -10.10
CA LEU E 76 -30.08 9.82 -10.17
C LEU E 76 -29.55 9.80 -11.60
N ILE E 77 -28.99 10.91 -12.05
CA ILE E 77 -28.36 10.98 -13.37
C ILE E 77 -26.86 11.21 -13.15
N ALA E 78 -26.01 10.45 -13.85
CA ALA E 78 -24.55 10.61 -13.73
C ALA E 78 -23.97 11.34 -14.96
N GLN E 79 -23.41 12.54 -14.73
CA GLN E 79 -22.65 13.29 -15.76
C GLN E 79 -21.25 12.67 -15.83
N VAL E 80 -20.93 12.11 -17.00
CA VAL E 80 -19.68 11.33 -17.14
C VAL E 80 -18.79 11.86 -18.29
N GLY E 81 -19.23 12.95 -18.92
CA GLY E 81 -18.53 13.53 -20.06
C GLY E 81 -17.26 14.26 -19.66
N SER E 82 -16.41 14.46 -20.66
CA SER E 82 -15.02 14.84 -20.48
C SER E 82 -14.43 15.11 -21.85
N VAL E 83 -13.30 15.80 -21.87
CA VAL E 83 -12.56 15.87 -23.14
C VAL E 83 -11.95 14.48 -23.44
N ASN E 84 -11.80 13.66 -22.37
CA ASN E 84 -11.25 12.31 -22.52
C ASN E 84 -12.37 11.26 -22.72
N LEU E 85 -12.56 10.75 -23.94
CA LEU E 85 -13.65 9.81 -24.21
C LEU E 85 -13.45 8.49 -23.48
N GLN E 86 -12.19 8.10 -23.28
CA GLN E 86 -11.91 6.83 -22.64
C GLN E 86 -12.30 6.94 -21.14
N GLU E 87 -12.06 8.10 -20.53
CA GLU E 87 -12.54 8.36 -19.15
C GLU E 87 -14.06 8.39 -19.09
N ALA E 88 -14.70 9.02 -20.09
CA ALA E 88 -16.16 9.06 -20.10
C ALA E 88 -16.74 7.67 -20.19
N ILE E 89 -16.14 6.81 -21.03
CA ILE E 89 -16.61 5.42 -21.10
C ILE E 89 -16.40 4.70 -19.72
N GLU E 90 -15.21 4.83 -19.14
CA GLU E 90 -14.93 4.20 -17.84
C GLU E 90 -15.95 4.68 -16.77
N LEU E 91 -16.22 5.98 -16.76
CA LEU E 91 -17.15 6.53 -15.74
C LEU E 91 -18.58 6.08 -16.02
N GLY E 92 -18.91 6.04 -17.32
CA GLY E 92 -20.24 5.60 -17.74
C GLY E 92 -20.48 4.13 -17.38
N LYS E 93 -19.47 3.27 -17.54
CA LYS E 93 -19.62 1.87 -17.11
C LYS E 93 -19.78 1.78 -15.59
N TYR E 94 -19.02 2.60 -14.85
CA TYR E 94 -19.05 2.54 -13.40
C TYR E 94 -20.40 3.01 -12.87
N ALA E 95 -20.90 4.14 -13.41
CA ALA E 95 -22.20 4.65 -12.97
C ALA E 95 -23.32 3.67 -13.35
N THR E 96 -23.17 2.97 -14.48
CA THR E 96 -24.17 1.98 -14.90
C THR E 96 -24.17 0.81 -13.89
N GLU E 97 -22.98 0.34 -13.54
CA GLU E 97 -22.83 -0.73 -12.55
C GLU E 97 -23.44 -0.34 -11.20
N LEU E 98 -23.30 0.91 -10.80
CA LEU E 98 -23.93 1.42 -9.53
C LEU E 98 -25.44 1.57 -9.57
N GLY E 99 -25.98 1.56 -10.78
CA GLY E 99 -27.42 1.63 -10.98
C GLY E 99 -27.98 3.02 -11.21
N TYR E 100 -27.18 3.93 -11.75
CA TYR E 100 -27.66 5.28 -12.09
C TYR E 100 -28.73 5.15 -13.18
N ASP E 101 -29.79 5.94 -13.06
CA ASP E 101 -30.96 5.86 -13.95
C ASP E 101 -30.69 6.30 -15.38
N SER E 102 -29.78 7.25 -15.55
CA SER E 102 -29.34 7.67 -16.91
C SER E 102 -27.94 8.24 -16.78
N LEU E 103 -27.18 8.15 -17.86
CA LEU E 103 -25.94 8.91 -17.95
C LEU E 103 -26.26 10.27 -18.61
N SER E 104 -25.30 11.17 -18.43
CA SER E 104 -25.33 12.44 -19.14
C SER E 104 -23.88 12.79 -19.51
N ALA E 105 -23.68 13.56 -20.59
CA ALA E 105 -22.33 13.96 -20.95
C ALA E 105 -22.30 15.29 -21.60
N VAL E 106 -21.45 16.15 -21.04
CA VAL E 106 -21.17 17.44 -21.67
C VAL E 106 -20.65 17.23 -23.07
N THR E 107 -21.01 18.13 -23.99
CA THR E 107 -20.31 18.15 -25.26
C THR E 107 -18.79 18.27 -25.09
N PRO E 108 -18.01 17.43 -25.78
CA PRO E 108 -16.57 17.62 -25.54
C PRO E 108 -16.06 18.98 -25.97
N PHE E 109 -15.07 19.45 -25.20
CA PHE E 109 -14.72 20.85 -25.23
C PHE E 109 -13.19 21.02 -25.36
N TYR E 110 -12.72 22.27 -25.28
CA TYR E 110 -11.32 22.67 -25.44
C TYR E 110 -10.98 22.61 -26.92
N TYR E 111 -10.78 21.40 -27.45
CA TYR E 111 -10.56 21.35 -28.92
C TYR E 111 -11.86 21.67 -29.66
N LYS E 112 -11.76 22.19 -30.88
CA LYS E 112 -12.97 22.47 -31.66
C LYS E 112 -13.46 21.28 -32.45
N PHE E 113 -14.10 20.37 -31.74
CA PHE E 113 -14.55 19.12 -32.38
C PHE E 113 -15.63 19.40 -33.40
N SER E 114 -15.64 18.65 -34.50
CA SER E 114 -16.74 18.79 -35.46
C SER E 114 -18.02 18.10 -34.94
N PHE E 115 -19.12 18.37 -35.61
CA PHE E 115 -20.32 17.71 -35.20
C PHE E 115 -20.25 16.18 -35.34
N PRO E 116 -19.71 15.66 -36.46
CA PRO E 116 -19.60 14.20 -36.53
C PRO E 116 -18.76 13.64 -35.43
N GLU E 117 -17.72 14.36 -35.02
CA GLU E 117 -16.94 13.86 -33.83
C GLU E 117 -17.74 13.91 -32.52
N ILE E 118 -18.49 14.97 -32.29
CA ILE E 118 -19.38 15.04 -31.13
C ILE E 118 -20.42 13.88 -31.14
N LYS E 119 -21.01 13.60 -32.28
CA LYS E 119 -22.01 12.52 -32.35
C LYS E 119 -21.35 11.19 -32.06
N HIS E 120 -20.16 11.02 -32.61
CA HIS E 120 -19.47 9.74 -32.40
C HIS E 120 -19.12 9.56 -30.89
N TYR E 121 -18.75 10.66 -30.22
CA TYR E 121 -18.53 10.66 -28.74
C TYR E 121 -19.76 10.14 -27.99
N TYR E 122 -20.96 10.70 -28.27
CA TYR E 122 -22.16 10.24 -27.58
C TYR E 122 -22.42 8.77 -27.90
N ASP E 123 -22.37 8.42 -29.19
CA ASP E 123 -22.67 7.03 -29.58
C ASP E 123 -21.69 6.05 -28.94
N SER E 124 -20.45 6.48 -28.74
CA SER E 124 -19.40 5.60 -28.20
C SER E 124 -19.70 5.29 -26.75
N ILE E 125 -20.12 6.30 -26.01
CA ILE E 125 -20.44 6.11 -24.58
C ILE E 125 -21.67 5.19 -24.45
N ILE E 126 -22.67 5.45 -25.28
CA ILE E 126 -23.91 4.64 -25.24
C ILE E 126 -23.62 3.20 -25.61
N GLU E 127 -22.91 3.02 -26.71
CA GLU E 127 -22.67 1.63 -27.19
C GLU E 127 -21.73 0.82 -26.28
N ALA E 128 -20.97 1.52 -25.45
CA ALA E 128 -20.06 0.81 -24.50
C ALA E 128 -20.77 0.43 -23.19
N THR E 129 -21.94 1.03 -22.94
CA THR E 129 -22.65 0.85 -21.65
C THR E 129 -24.06 0.29 -21.76
N GLY E 130 -24.76 0.62 -22.85
CA GLY E 130 -26.14 0.28 -22.99
C GLY E 130 -27.10 1.14 -22.15
N ASN E 131 -26.60 2.18 -21.46
CA ASN E 131 -27.40 3.01 -20.62
C ASN E 131 -28.02 4.14 -21.46
N TYR E 132 -29.03 4.76 -20.89
CA TYR E 132 -29.62 6.01 -21.48
C TYR E 132 -28.65 7.19 -21.40
N MET E 133 -28.86 8.16 -22.29
CA MET E 133 -27.95 9.32 -22.34
C MET E 133 -28.73 10.60 -22.43
N ILE E 134 -28.29 11.58 -21.68
CA ILE E 134 -28.85 12.93 -21.77
C ILE E 134 -27.70 13.82 -22.23
N VAL E 135 -27.96 14.56 -23.33
CA VAL E 135 -26.95 15.49 -23.84
C VAL E 135 -26.89 16.70 -22.88
N TYR E 136 -25.68 17.04 -22.44
CA TYR E 136 -25.51 18.21 -21.58
C TYR E 136 -24.90 19.34 -22.40
N SER E 137 -25.76 20.33 -22.64
CA SER E 137 -25.39 21.44 -23.51
C SER E 137 -25.26 22.71 -22.65
N ILE E 138 -24.04 23.27 -22.59
N ILE E 138 -24.07 23.30 -22.67
CA ILE E 138 -23.77 24.55 -21.88
CA ILE E 138 -23.80 24.49 -21.87
C ILE E 138 -22.84 25.36 -22.74
C ILE E 138 -22.86 25.41 -22.67
N PRO E 139 -23.38 25.99 -23.78
CA PRO E 139 -22.58 26.79 -24.66
C PRO E 139 -21.74 27.88 -23.98
N PHE E 140 -22.22 28.47 -22.89
N PHE E 140 -22.24 28.46 -22.89
CA PHE E 140 -21.48 29.57 -22.28
CA PHE E 140 -21.53 29.52 -22.19
C PHE E 140 -20.15 29.14 -21.64
C PHE E 140 -20.13 29.10 -21.78
N LEU E 141 -19.99 27.83 -21.40
CA LEU E 141 -18.71 27.31 -20.95
C LEU E 141 -17.97 26.59 -22.08
N THR E 142 -18.69 25.86 -22.94
CA THR E 142 -18.00 24.99 -23.91
C THR E 142 -17.77 25.70 -25.23
N GLY E 143 -18.58 26.71 -25.54
CA GLY E 143 -18.54 27.30 -26.89
C GLY E 143 -19.16 26.43 -27.97
N VAL E 144 -19.77 25.33 -27.60
CA VAL E 144 -20.40 24.45 -28.58
C VAL E 144 -21.87 24.79 -28.77
N ASN E 145 -22.27 25.08 -30.02
CA ASN E 145 -23.70 25.29 -30.29
C ASN E 145 -24.19 24.18 -31.19
N ILE E 146 -25.28 23.56 -30.78
CA ILE E 146 -25.91 22.44 -31.48
C ILE E 146 -27.24 22.96 -32.00
N GLY E 147 -27.50 22.78 -33.28
CA GLY E 147 -28.77 23.24 -33.88
C GLY E 147 -29.86 22.17 -33.82
N VAL E 148 -31.05 22.54 -34.32
CA VAL E 148 -32.19 21.61 -34.30
C VAL E 148 -31.91 20.32 -35.07
N GLU E 149 -31.37 20.48 -36.27
CA GLU E 149 -31.10 19.35 -37.12
C GLU E 149 -30.06 18.41 -36.47
N GLN E 150 -29.06 19.02 -35.84
CA GLN E 150 -27.98 18.29 -35.20
C GLN E 150 -28.49 17.50 -33.99
N PHE E 151 -29.39 18.09 -33.19
CA PHE E 151 -30.05 17.34 -32.11
C PHE E 151 -30.82 16.16 -32.67
N GLY E 152 -31.50 16.35 -33.78
CA GLY E 152 -32.12 15.21 -34.45
C GLY E 152 -31.15 14.09 -34.79
N GLU E 153 -29.96 14.46 -35.25
CA GLU E 153 -28.92 13.44 -35.55
C GLU E 153 -28.50 12.71 -34.29
N LEU E 154 -28.30 13.47 -33.22
CA LEU E 154 -28.04 12.79 -31.95
C LEU E 154 -29.18 11.85 -31.50
N TYR E 155 -30.41 12.32 -31.68
CA TYR E 155 -31.58 11.56 -31.26
C TYR E 155 -31.83 10.31 -32.10
N LYS E 156 -31.13 10.17 -33.21
CA LYS E 156 -31.21 8.91 -33.95
C LYS E 156 -30.78 7.71 -33.14
N ASN E 157 -29.96 7.93 -32.11
CA ASN E 157 -29.70 6.87 -31.16
C ASN E 157 -30.85 6.84 -30.14
N PRO E 158 -31.58 5.71 -30.11
CA PRO E 158 -32.80 5.64 -29.34
C PRO E 158 -32.56 5.70 -27.85
N LYS E 159 -31.32 5.54 -27.40
CA LYS E 159 -30.99 5.67 -25.96
C LYS E 159 -30.77 7.13 -25.53
N VAL E 160 -30.76 8.07 -26.47
CA VAL E 160 -30.65 9.49 -26.08
C VAL E 160 -32.06 10.00 -25.72
N LEU E 161 -32.24 10.40 -24.46
CA LEU E 161 -33.58 10.77 -23.95
C LEU E 161 -33.93 12.21 -24.23
N GLY E 162 -32.92 13.05 -24.34
CA GLY E 162 -33.13 14.48 -24.55
C GLY E 162 -31.92 15.24 -24.06
N VAL E 163 -32.15 16.44 -23.56
CA VAL E 163 -31.09 17.44 -23.35
C VAL E 163 -31.27 18.22 -22.03
N ALA E 164 -30.20 18.28 -21.26
CA ALA E 164 -30.03 19.25 -20.16
C ALA E 164 -29.55 20.54 -20.78
N PHE E 165 -30.47 21.50 -20.87
CA PHE E 165 -30.34 22.68 -21.74
C PHE E 165 -29.96 23.89 -20.90
N THR E 166 -28.65 24.05 -20.63
CA THR E 166 -28.13 25.25 -19.92
C THR E 166 -27.76 26.29 -20.96
N ALA E 167 -28.79 26.83 -21.58
CA ALA E 167 -28.64 27.73 -22.69
C ALA E 167 -29.84 28.66 -22.66
N GLY E 168 -29.69 29.83 -23.26
CA GLY E 168 -30.66 30.87 -23.06
C GLY E 168 -31.46 31.17 -24.32
N ASP E 169 -31.22 30.40 -25.37
CA ASP E 169 -31.90 30.59 -26.68
C ASP E 169 -33.28 29.90 -26.64
N PHE E 170 -34.32 30.67 -26.32
CA PHE E 170 -35.66 30.11 -26.14
C PHE E 170 -36.35 29.88 -27.48
N TYR E 171 -35.79 30.42 -28.57
CA TYR E 171 -36.25 30.03 -29.92
C TYR E 171 -35.81 28.60 -30.24
N LEU E 172 -34.53 28.31 -30.03
CA LEU E 172 -34.08 26.95 -30.15
C LEU E 172 -34.87 26.01 -29.22
N LEU E 173 -35.14 26.43 -27.99
CA LEU E 173 -35.84 25.57 -27.02
C LEU E 173 -37.22 25.21 -27.57
N GLU E 174 -37.94 26.23 -28.03
CA GLU E 174 -39.24 26.02 -28.63
C GLU E 174 -39.17 25.09 -29.83
N ARG E 175 -38.18 25.29 -30.70
CA ARG E 175 -38.04 24.47 -31.90
C ARG E 175 -37.73 23.00 -31.61
N LEU E 176 -36.95 22.77 -30.54
CA LEU E 176 -36.64 21.38 -30.13
C LEU E 176 -37.89 20.70 -29.60
N LYS E 177 -38.68 21.43 -28.82
CA LYS E 177 -39.95 20.88 -28.32
C LYS E 177 -40.90 20.58 -29.47
N LYS E 178 -40.93 21.45 -30.47
CA LYS E 178 -41.78 21.20 -31.65
C LYS E 178 -41.31 20.01 -32.49
N ALA E 179 -40.02 20.00 -32.80
CA ALA E 179 -39.45 18.97 -33.67
C ALA E 179 -39.36 17.59 -33.00
N TYR E 180 -39.14 17.56 -31.67
CA TYR E 180 -38.91 16.29 -30.95
C TYR E 180 -39.80 16.15 -29.72
N PRO E 181 -41.14 16.08 -29.93
CA PRO E 181 -42.03 16.30 -28.77
C PRO E 181 -41.96 15.20 -27.71
N ASN E 182 -41.53 14.00 -28.10
CA ASN E 182 -41.34 12.91 -27.13
C ASN E 182 -39.99 12.92 -26.44
N HIS E 183 -39.06 13.77 -26.86
CA HIS E 183 -37.77 13.88 -26.18
C HIS E 183 -37.85 14.92 -25.06
N LEU E 184 -37.07 14.67 -24.02
CA LEU E 184 -37.16 15.49 -22.81
C LEU E 184 -36.23 16.68 -22.89
N ILE E 185 -36.60 17.75 -22.17
CA ILE E 185 -35.75 18.92 -21.96
C ILE E 185 -35.80 19.30 -20.48
N TRP E 186 -34.63 19.38 -19.85
CA TRP E 186 -34.47 19.97 -18.54
C TRP E 186 -33.84 21.38 -18.69
N ALA E 187 -34.50 22.41 -18.16
CA ALA E 187 -33.91 23.75 -18.10
C ALA E 187 -32.73 23.81 -17.14
N GLY E 188 -31.65 24.46 -17.56
CA GLY E 188 -30.45 24.60 -16.77
C GLY E 188 -30.14 25.97 -16.19
N PHE E 189 -30.91 26.99 -16.57
CA PHE E 189 -30.71 28.34 -16.01
C PHE E 189 -31.80 28.64 -14.97
N ASP E 190 -31.44 28.58 -13.69
CA ASP E 190 -32.41 28.68 -12.62
C ASP E 190 -33.12 30.04 -12.63
N GLU E 191 -32.43 31.06 -13.12
CA GLU E 191 -32.99 32.43 -13.14
C GLU E 191 -33.95 32.65 -14.32
N MET E 192 -34.08 31.65 -15.18
CA MET E 192 -35.01 31.73 -16.28
C MET E 192 -35.99 30.55 -16.27
N MET E 193 -36.28 30.06 -15.06
CA MET E 193 -37.15 28.90 -14.92
C MET E 193 -38.53 29.15 -15.46
N LEU E 194 -39.12 30.28 -15.09
CA LEU E 194 -40.51 30.52 -15.51
C LEU E 194 -40.68 30.54 -17.06
N PRO E 195 -39.86 31.34 -17.76
CA PRO E 195 -40.07 31.32 -19.21
C PRO E 195 -39.76 29.95 -19.86
N ALA E 196 -38.81 29.18 -19.30
CA ALA E 196 -38.57 27.83 -19.83
C ALA E 196 -39.77 26.92 -19.61
N ALA E 197 -40.32 27.00 -18.39
CA ALA E 197 -41.48 26.19 -18.04
C ALA E 197 -42.70 26.55 -18.91
N SER E 198 -42.81 27.83 -19.30
CA SER E 198 -43.92 28.29 -20.12
C SER E 198 -43.87 27.62 -21.50
N LEU E 199 -42.66 27.22 -21.92
CA LEU E 199 -42.47 26.55 -23.19
C LEU E 199 -42.57 25.03 -23.09
N GLY E 200 -42.92 24.52 -21.92
CA GLY E 200 -43.14 23.06 -21.79
C GLY E 200 -41.93 22.16 -21.47
N VAL E 201 -40.86 22.69 -20.86
CA VAL E 201 -39.73 21.82 -20.47
C VAL E 201 -40.27 20.83 -19.43
N ASP E 202 -39.59 19.67 -19.35
CA ASP E 202 -40.08 18.55 -18.56
C ASP E 202 -39.56 18.59 -17.14
N GLY E 203 -38.57 19.44 -16.92
CA GLY E 203 -37.95 19.50 -15.61
C GLY E 203 -36.86 20.54 -15.63
N ALA E 204 -36.08 20.56 -14.56
CA ALA E 204 -35.02 21.56 -14.42
C ALA E 204 -33.89 20.97 -13.60
N ILE E 205 -32.66 21.34 -13.93
CA ILE E 205 -31.49 20.89 -13.19
C ILE E 205 -30.79 22.17 -12.77
N GLY E 206 -30.47 22.29 -11.49
CA GLY E 206 -30.01 23.63 -11.02
C GLY E 206 -29.11 23.57 -9.79
N SER E 207 -28.05 24.38 -9.78
CA SER E 207 -27.17 24.51 -8.61
C SER E 207 -27.93 25.14 -7.45
N THR E 208 -28.81 26.11 -7.73
CA THR E 208 -29.45 26.87 -6.62
C THR E 208 -30.56 26.06 -5.92
N PHE E 209 -30.96 24.92 -6.51
CA PHE E 209 -32.03 24.12 -5.92
C PHE E 209 -31.50 23.40 -4.69
N ASN E 210 -30.18 23.30 -4.53
CA ASN E 210 -29.59 22.78 -3.28
C ASN E 210 -30.03 23.59 -2.01
N VAL E 211 -30.41 24.87 -2.21
CA VAL E 211 -30.91 25.70 -1.11
C VAL E 211 -32.27 26.34 -1.36
N ASN E 212 -32.67 26.45 -2.63
CA ASN E 212 -33.90 27.18 -3.02
C ASN E 212 -34.91 26.25 -3.69
N GLY E 213 -34.78 24.97 -3.38
CA GLY E 213 -35.64 23.91 -3.92
C GLY E 213 -37.13 24.09 -3.71
N VAL E 214 -37.54 24.65 -2.58
CA VAL E 214 -38.96 24.87 -2.34
C VAL E 214 -39.57 25.86 -3.36
N ARG E 215 -38.95 27.03 -3.52
CA ARG E 215 -39.44 28.03 -4.47
C ARG E 215 -39.27 27.54 -5.89
N ALA E 216 -38.21 26.77 -6.16
CA ALA E 216 -37.99 26.32 -7.52
C ALA E 216 -39.15 25.42 -7.94
N ARG E 217 -39.51 24.50 -7.05
CA ARG E 217 -40.69 23.68 -7.30
C ARG E 217 -41.97 24.49 -7.48
N GLN E 218 -42.17 25.51 -6.67
CA GLN E 218 -43.37 26.31 -6.78
C GLN E 218 -43.42 26.95 -8.14
N ILE E 219 -42.33 27.63 -8.55
CA ILE E 219 -42.32 28.26 -9.89
C ILE E 219 -42.71 27.29 -10.98
N PHE E 220 -42.08 26.13 -10.97
CA PHE E 220 -42.32 25.14 -12.00
C PHE E 220 -43.78 24.68 -12.05
N GLU E 221 -44.30 24.25 -10.90
CA GLU E 221 -45.64 23.67 -10.88
C GLU E 221 -46.72 24.75 -11.11
N LEU E 222 -46.49 25.95 -10.60
CA LEU E 222 -47.47 27.04 -10.80
C LEU E 222 -47.54 27.44 -12.28
N THR E 223 -46.38 27.47 -12.93
CA THR E 223 -46.29 27.82 -14.34
C THR E 223 -47.02 26.79 -15.22
N GLN E 224 -46.78 25.50 -15.01
CA GLN E 224 -47.47 24.43 -15.77
C GLN E 224 -48.99 24.52 -15.59
N ALA E 225 -49.42 25.00 -14.43
CA ALA E 225 -50.85 25.14 -14.12
C ALA E 225 -51.41 26.47 -14.60
N GLY E 226 -50.62 27.26 -15.30
CA GLY E 226 -51.08 28.56 -15.80
C GLY E 226 -51.20 29.67 -14.77
N LYS E 227 -50.70 29.44 -13.55
CA LYS E 227 -50.70 30.44 -12.49
C LYS E 227 -49.52 31.39 -12.60
N LEU E 228 -49.50 32.17 -13.69
CA LEU E 228 -48.31 32.94 -14.07
C LEU E 228 -47.99 34.09 -13.15
N LYS E 229 -49.03 34.74 -12.62
CA LYS E 229 -48.84 35.88 -11.78
C LYS E 229 -48.21 35.44 -10.48
N GLU E 230 -48.71 34.34 -9.89
CA GLU E 230 -48.09 33.83 -8.66
C GLU E 230 -46.68 33.28 -8.96
N ALA E 231 -46.51 32.58 -10.07
CA ALA E 231 -45.18 32.07 -10.45
C ALA E 231 -44.17 33.24 -10.63
N LEU E 232 -44.62 34.36 -11.20
CA LEU E 232 -43.70 35.45 -11.45
C LEU E 232 -43.23 36.12 -10.18
N GLU E 233 -44.14 36.28 -9.21
CA GLU E 233 -43.72 36.84 -7.93
C GLU E 233 -42.61 35.97 -7.31
N ILE E 234 -42.76 34.65 -7.38
CA ILE E 234 -41.77 33.74 -6.77
C ILE E 234 -40.45 33.74 -7.57
N GLN E 235 -40.53 33.84 -8.89
CA GLN E 235 -39.32 34.01 -9.72
C GLN E 235 -38.56 35.33 -9.40
N HIS E 236 -39.28 36.41 -9.13
CA HIS E 236 -38.66 37.72 -8.78
C HIS E 236 -37.87 37.58 -7.46
N VAL E 237 -38.47 36.94 -6.46
CA VAL E 237 -37.77 36.75 -5.18
C VAL E 237 -36.58 35.82 -5.39
N THR E 238 -36.81 34.76 -6.14
CA THR E 238 -35.73 33.81 -6.46
C THR E 238 -34.55 34.53 -7.11
N ASN E 239 -34.85 35.45 -8.03
CA ASN E 239 -33.82 36.12 -8.76
C ASN E 239 -33.10 37.21 -7.99
N ASP E 240 -33.77 37.79 -6.99
CA ASP E 240 -33.10 38.60 -5.99
C ASP E 240 -32.04 37.78 -5.26
N LEU E 241 -32.42 36.57 -4.80
CA LEU E 241 -31.46 35.69 -4.16
C LEU E 241 -30.30 35.31 -5.09
N ILE E 242 -30.63 34.89 -6.31
CA ILE E 242 -29.59 34.47 -7.25
C ILE E 242 -28.66 35.61 -7.59
N GLU E 243 -29.21 36.82 -7.84
CA GLU E 243 -28.35 37.96 -8.14
C GLU E 243 -27.33 38.11 -7.01
N GLY E 244 -27.79 37.96 -5.76
CA GLY E 244 -26.87 38.04 -4.63
C GLY E 244 -25.81 36.94 -4.62
N ILE E 245 -26.26 35.71 -4.85
CA ILE E 245 -25.36 34.55 -4.94
C ILE E 245 -24.29 34.71 -6.00
N LEU E 246 -24.69 35.24 -7.17
CA LEU E 246 -23.72 35.45 -8.23
C LEU E 246 -22.70 36.51 -7.87
N ALA E 247 -23.17 37.59 -7.23
CA ALA E 247 -22.33 38.74 -6.89
C ALA E 247 -21.30 38.30 -5.82
N ASN E 248 -21.74 37.40 -4.94
CA ASN E 248 -20.91 36.97 -3.79
C ASN E 248 -19.96 35.81 -4.13
N GLY E 249 -20.18 35.15 -5.25
CA GLY E 249 -19.48 33.93 -5.69
C GLY E 249 -20.42 32.73 -5.58
N LEU E 250 -20.86 32.20 -6.72
CA LEU E 250 -21.92 31.18 -6.78
C LEU E 250 -21.71 29.93 -5.90
N TYR E 251 -20.67 29.13 -6.18
CA TYR E 251 -20.57 27.84 -5.47
C TYR E 251 -20.25 28.03 -3.99
N LEU E 252 -19.38 28.99 -3.68
CA LEU E 252 -19.06 29.21 -2.24
C LEU E 252 -20.27 29.73 -1.52
N THR E 253 -21.12 30.49 -2.19
CA THR E 253 -22.25 31.10 -1.48
C THR E 253 -23.35 30.07 -1.27
N ILE E 254 -23.59 29.21 -2.27
CA ILE E 254 -24.54 28.12 -2.03
C ILE E 254 -24.04 27.21 -0.92
N LYS E 255 -22.73 26.91 -0.92
CA LYS E 255 -22.18 26.15 0.22
C LYS E 255 -22.38 26.85 1.57
N GLU E 256 -22.15 28.16 1.61
CA GLU E 256 -22.31 28.88 2.88
C GLU E 256 -23.77 28.85 3.37
N LEU E 257 -24.71 28.95 2.43
CA LEU E 257 -26.14 28.87 2.73
C LEU E 257 -26.52 27.49 3.23
N LEU E 258 -25.83 26.45 2.73
CA LEU E 258 -26.04 25.11 3.27
C LEU E 258 -25.47 25.05 4.68
N LYS E 259 -24.31 25.65 4.89
CA LYS E 259 -23.62 25.56 6.18
C LYS E 259 -24.47 26.25 7.24
N LEU E 260 -25.16 27.31 6.84
CA LEU E 260 -26.04 28.08 7.73
C LEU E 260 -27.28 27.29 8.15
N ASP E 261 -27.55 26.21 7.41
CA ASP E 261 -28.59 25.26 7.75
C ASP E 261 -28.07 23.96 8.33
N GLY E 262 -26.80 23.96 8.73
CA GLY E 262 -26.18 22.83 9.43
C GLY E 262 -25.62 21.74 8.53
N VAL E 263 -25.53 22.00 7.24
CA VAL E 263 -24.98 21.03 6.29
C VAL E 263 -23.51 21.35 6.09
N GLU E 264 -22.66 20.37 6.34
CA GLU E 264 -21.22 20.53 6.30
C GLU E 264 -20.73 20.52 4.86
N ALA E 265 -21.06 21.60 4.14
CA ALA E 265 -20.87 21.62 2.67
C ALA E 265 -19.43 21.90 2.29
N GLY E 266 -18.61 22.31 3.27
CA GLY E 266 -17.16 22.31 3.07
C GLY E 266 -16.60 23.42 2.18
N TYR E 267 -15.36 23.21 1.78
CA TYR E 267 -14.62 24.14 0.93
C TYR E 267 -14.97 23.89 -0.55
N CYS E 268 -14.55 24.85 -1.38
CA CYS E 268 -14.48 24.57 -2.83
C CYS E 268 -13.09 24.02 -3.14
N ARG E 269 -12.98 23.41 -4.32
CA ARG E 269 -11.77 22.74 -4.80
C ARG E 269 -10.90 23.72 -5.63
N GLU E 270 -9.61 23.83 -5.28
CA GLU E 270 -8.69 24.63 -6.13
C GLU E 270 -8.68 23.99 -7.52
N PRO E 271 -8.56 24.82 -8.57
CA PRO E 271 -8.20 26.23 -8.54
C PRO E 271 -9.31 27.26 -8.29
N MET E 272 -10.54 26.81 -8.03
CA MET E 272 -11.53 27.76 -7.51
C MET E 272 -11.06 28.27 -6.16
N THR E 273 -11.45 29.50 -5.87
CA THR E 273 -11.26 30.05 -4.53
C THR E 273 -11.92 29.11 -3.48
N LYS E 274 -11.14 28.75 -2.46
CA LYS E 274 -11.58 27.64 -1.60
C LYS E 274 -12.53 28.05 -0.46
N GLU E 275 -12.43 29.29 -0.03
CA GLU E 275 -13.22 29.81 1.07
C GLU E 275 -13.60 31.30 0.89
N LEU E 276 -14.77 31.71 1.38
CA LEU E 276 -15.20 33.10 1.35
C LEU E 276 -14.42 33.96 2.35
N SER E 277 -14.15 35.20 1.97
CA SER E 277 -13.62 36.18 2.94
C SER E 277 -14.67 36.48 4.00
N SER E 278 -14.23 37.13 5.08
CA SER E 278 -15.13 37.52 6.17
C SER E 278 -16.29 38.35 5.66
N GLU E 279 -16.00 39.30 4.78
CA GLU E 279 -17.03 40.23 4.26
C GLU E 279 -18.09 39.47 3.48
N LYS E 280 -17.66 38.46 2.73
CA LYS E 280 -18.57 37.67 1.92
C LYS E 280 -19.34 36.62 2.74
N VAL E 281 -18.74 36.13 3.83
CA VAL E 281 -19.49 35.34 4.81
C VAL E 281 -20.63 36.20 5.39
N ALA E 282 -20.29 37.38 5.87
CA ALA E 282 -21.32 38.33 6.33
C ALA E 282 -22.43 38.59 5.27
N PHE E 283 -22.07 38.82 4.01
CA PHE E 283 -23.08 39.00 2.96
C PHE E 283 -23.97 37.76 2.76
N ALA E 284 -23.36 36.57 2.77
CA ALA E 284 -24.14 35.32 2.68
C ALA E 284 -25.13 35.20 3.85
N LYS E 285 -24.71 35.58 5.06
CA LYS E 285 -25.65 35.61 6.18
C LYS E 285 -26.86 36.52 5.95
N GLU E 286 -26.63 37.64 5.26
CA GLU E 286 -27.70 38.57 4.94
C GLU E 286 -28.65 38.00 3.92
N LEU E 287 -28.10 37.28 2.92
CA LEU E 287 -28.96 36.59 1.98
C LEU E 287 -29.80 35.55 2.70
N LYS E 288 -29.19 34.84 3.63
CA LYS E 288 -29.92 33.84 4.40
C LYS E 288 -31.08 34.52 5.13
N ALA E 289 -30.75 35.59 5.84
CA ALA E 289 -31.73 36.35 6.60
C ALA E 289 -32.90 36.83 5.75
N LYS E 290 -32.59 37.35 4.57
CA LYS E 290 -33.60 37.93 3.69
C LYS E 290 -34.45 36.90 2.97
N TYR E 291 -33.82 35.84 2.47
CA TYR E 291 -34.48 34.97 1.47
C TYR E 291 -34.77 33.54 1.89
N LEU E 292 -34.08 33.09 2.94
CA LEU E 292 -34.09 31.67 3.29
C LEU E 292 -34.29 31.55 4.79
N SER E 293 -35.20 32.42 5.27
CA SER E 293 -35.49 32.83 6.65
C SER E 293 -34.46 32.47 7.67
N MET F 1 20.37 27.75 -18.58
CA MET F 1 20.74 26.49 -17.86
C MET F 1 20.80 25.44 -18.96
N LYS F 2 19.71 25.34 -19.71
CA LYS F 2 19.77 25.13 -21.14
C LYS F 2 19.12 26.39 -21.69
N ASN F 3 19.70 26.91 -22.76
CA ASN F 3 19.06 27.99 -23.51
C ASN F 3 17.71 27.52 -24.05
N LEU F 4 16.65 28.29 -23.84
CA LEU F 4 15.32 27.87 -24.33
C LEU F 4 14.82 28.66 -25.55
N LYS F 5 15.71 29.46 -26.12
CA LYS F 5 15.34 30.24 -27.32
C LYS F 5 15.29 29.37 -28.56
N GLY F 6 14.58 29.82 -29.57
CA GLY F 6 14.67 29.10 -30.82
C GLY F 6 13.42 28.31 -31.22
N ILE F 7 13.64 27.26 -32.01
CA ILE F 7 12.54 26.59 -32.68
C ILE F 7 12.17 25.31 -31.91
N PHE F 8 10.93 25.24 -31.43
CA PHE F 8 10.39 24.09 -30.71
C PHE F 8 9.23 23.45 -31.47
N SER F 9 9.38 22.19 -31.83
CA SER F 9 8.16 21.48 -32.32
C SER F 9 7.27 21.13 -31.16
N ALA F 10 5.97 21.34 -31.37
CA ALA F 10 4.97 20.92 -30.42
C ALA F 10 4.76 19.45 -30.75
N LEU F 11 5.22 18.59 -29.85
CA LEU F 11 5.34 17.17 -30.19
C LEU F 11 4.00 16.46 -30.42
N LEU F 12 3.86 15.89 -31.62
CA LEU F 12 2.74 15.02 -31.90
C LEU F 12 3.02 13.66 -31.35
N VAL F 13 1.95 12.93 -31.04
CA VAL F 13 2.08 11.57 -30.46
C VAL F 13 1.42 10.54 -31.36
N SER F 14 2.09 9.40 -31.49
CA SER F 14 1.59 8.33 -32.29
C SER F 14 0.67 7.53 -31.40
N PHE F 15 -0.54 7.33 -31.86
CA PHE F 15 -1.50 6.47 -31.16
C PHE F 15 -1.82 5.26 -31.98
N ASN F 16 -2.10 4.18 -31.26
CA ASN F 16 -2.71 2.99 -31.88
C ASN F 16 -4.21 3.21 -32.12
N ALA F 17 -4.87 2.23 -32.80
CA ALA F 17 -6.28 2.40 -33.16
C ALA F 17 -7.21 2.45 -31.96
N ASP F 18 -6.77 1.95 -30.79
CA ASP F 18 -7.58 1.97 -29.58
C ASP F 18 -7.32 3.18 -28.70
N GLY F 19 -6.50 4.12 -29.17
CA GLY F 19 -6.15 5.28 -28.37
C GLY F 19 -4.93 5.15 -27.50
N SER F 20 -4.30 3.97 -27.46
CA SER F 20 -3.11 3.81 -26.64
C SER F 20 -1.91 4.44 -27.35
N ILE F 21 -0.87 4.75 -26.59
CA ILE F 21 0.36 5.25 -27.19
C ILE F 21 1.15 4.16 -27.91
N ASN F 22 1.53 4.47 -29.15
CA ASN F 22 2.47 3.62 -29.93
C ASN F 22 3.89 4.11 -29.60
N GLU F 23 4.56 3.44 -28.66
CA GLU F 23 5.87 3.91 -28.21
C GLU F 23 6.91 3.94 -29.34
N LYS F 24 6.95 2.92 -30.18
CA LYS F 24 7.89 2.90 -31.31
C LYS F 24 7.65 4.13 -32.19
N GLY F 25 6.36 4.41 -32.42
CA GLY F 25 5.99 5.54 -33.27
C GLY F 25 6.41 6.85 -32.66
N LEU F 26 6.18 6.97 -31.37
CA LEU F 26 6.47 8.22 -30.71
C LEU F 26 7.98 8.45 -30.71
N ARG F 27 8.77 7.40 -30.49
CA ARG F 27 10.21 7.56 -30.53
C ARG F 27 10.66 8.00 -31.91
N GLN F 28 10.00 7.45 -32.93
CA GLN F 28 10.33 7.89 -34.31
C GLN F 28 10.03 9.38 -34.57
N ILE F 29 8.93 9.88 -33.98
CA ILE F 29 8.57 11.30 -34.17
C ILE F 29 9.61 12.16 -33.44
N VAL F 30 10.01 11.74 -32.22
CA VAL F 30 11.07 12.49 -31.49
C VAL F 30 12.38 12.54 -32.28
N ARG F 31 12.80 11.37 -32.79
CA ARG F 31 14.02 11.28 -33.58
C ARG F 31 13.99 12.11 -34.87
N TYR F 32 12.85 12.09 -35.56
CA TYR F 32 12.67 12.86 -36.79
C TYR F 32 12.82 14.37 -36.49
N ASN F 33 12.22 14.82 -35.38
CA ASN F 33 12.30 16.22 -35.03
C ASN F 33 13.73 16.65 -34.74
N ILE F 34 14.44 15.79 -34.00
CA ILE F 34 15.84 16.10 -33.63
C ILE F 34 16.75 16.02 -34.85
N ASP F 35 16.65 14.94 -35.60
CA ASP F 35 17.67 14.61 -36.60
C ASP F 35 17.37 15.17 -37.97
N LYS F 36 16.09 15.39 -38.26
CA LYS F 36 15.70 15.81 -39.62
C LYS F 36 15.12 17.21 -39.63
N MET F 37 14.28 17.54 -38.64
CA MET F 37 13.70 18.88 -38.60
C MET F 37 14.68 19.86 -37.92
N LYS F 38 15.68 19.31 -37.22
CA LYS F 38 16.77 20.08 -36.62
C LYS F 38 16.22 21.14 -35.64
N VAL F 39 15.30 20.70 -34.81
CA VAL F 39 14.70 21.63 -33.85
C VAL F 39 15.66 21.91 -32.70
N ASP F 40 15.47 23.07 -32.05
CA ASP F 40 16.15 23.38 -30.76
C ASP F 40 15.57 22.60 -29.58
N GLY F 41 14.30 22.22 -29.66
CA GLY F 41 13.66 21.58 -28.52
C GLY F 41 12.30 21.06 -28.89
N LEU F 42 11.72 20.32 -27.94
CA LEU F 42 10.34 19.82 -28.06
C LEU F 42 9.53 20.41 -26.92
N TYR F 43 8.30 20.78 -27.25
CA TYR F 43 7.29 21.18 -26.30
C TYR F 43 6.34 20.00 -26.24
N VAL F 44 6.38 19.32 -25.09
CA VAL F 44 5.73 17.99 -24.88
C VAL F 44 4.49 18.13 -24.03
N GLY F 45 3.42 17.47 -24.47
CA GLY F 45 2.17 17.49 -23.67
C GLY F 45 1.28 18.68 -23.95
N GLY F 46 1.47 19.33 -25.09
CA GLY F 46 0.64 20.47 -25.42
C GLY F 46 -0.60 20.09 -26.20
N SER F 47 -1.26 21.11 -26.74
CA SER F 47 -2.52 20.91 -27.45
C SER F 47 -2.26 19.95 -28.58
N THR F 48 -1.12 20.15 -29.24
CA THR F 48 -0.69 19.38 -30.40
C THR F 48 -0.50 17.92 -30.09
N GLY F 49 -0.11 17.68 -28.83
CA GLY F 49 0.08 16.31 -28.41
C GLY F 49 -1.19 15.54 -28.13
N GLU F 50 -2.36 16.13 -28.42
CA GLU F 50 -3.69 15.58 -28.06
C GLU F 50 -3.84 15.38 -26.54
N ASN F 51 -3.04 16.15 -25.82
CA ASN F 51 -2.85 15.97 -24.36
C ASN F 51 -4.15 16.00 -23.55
N PHE F 52 -5.07 16.90 -23.95
CA PHE F 52 -6.25 17.11 -23.13
C PHE F 52 -7.30 16.01 -23.24
N MET F 53 -7.05 15.06 -24.16
CA MET F 53 -7.92 13.93 -24.31
C MET F 53 -7.38 12.67 -23.58
N LEU F 54 -6.27 12.84 -22.86
CA LEU F 54 -5.55 11.67 -22.26
C LEU F 54 -5.69 11.59 -20.75
N SER F 55 -5.36 10.41 -20.26
CA SER F 55 -5.34 10.17 -18.78
C SER F 55 -4.02 10.64 -18.25
N THR F 56 -3.98 10.77 -16.94
CA THR F 56 -2.74 11.15 -16.29
C THR F 56 -1.65 10.12 -16.55
N GLU F 57 -1.98 8.82 -16.50
CA GLU F 57 -0.98 7.82 -16.74
C GLU F 57 -0.41 7.92 -18.14
N GLU F 58 -1.27 8.15 -19.12
CA GLU F 58 -0.82 8.36 -20.48
C GLU F 58 0.09 9.56 -20.65
N LYS F 59 -0.25 10.65 -19.98
CA LYS F 59 0.58 11.86 -20.07
C LYS F 59 1.96 11.55 -19.48
N LYS F 60 1.99 10.83 -18.36
CA LYS F 60 3.30 10.46 -17.79
C LYS F 60 4.14 9.58 -18.77
N GLU F 61 3.51 8.61 -19.41
CA GLU F 61 4.21 7.78 -20.37
C GLU F 61 4.86 8.58 -21.48
N ILE F 62 4.10 9.53 -22.01
CA ILE F 62 4.59 10.40 -23.09
C ILE F 62 5.82 11.21 -22.60
N PHE F 63 5.73 11.81 -21.42
CA PHE F 63 6.91 12.50 -20.85
C PHE F 63 8.12 11.55 -20.72
N ARG F 64 7.90 10.35 -20.20
CA ARG F 64 9.03 9.40 -20.02
C ARG F 64 9.67 9.00 -21.37
N ILE F 65 8.82 8.69 -22.33
CA ILE F 65 9.32 8.24 -23.62
C ILE F 65 10.06 9.38 -24.33
N ALA F 66 9.48 10.58 -24.34
CA ALA F 66 10.11 11.71 -25.06
C ALA F 66 11.47 12.01 -24.44
N LYS F 67 11.55 11.94 -23.10
CA LYS F 67 12.84 12.30 -22.46
C LYS F 67 13.89 11.19 -22.64
N ASP F 68 13.49 9.94 -22.54
CA ASP F 68 14.40 8.86 -22.75
C ASP F 68 14.94 8.91 -24.17
N GLU F 69 14.09 9.18 -25.15
CA GLU F 69 14.58 9.23 -26.52
C GLU F 69 15.47 10.45 -26.84
N ALA F 70 15.05 11.64 -26.39
CA ALA F 70 15.78 12.88 -26.66
C ALA F 70 17.07 12.99 -25.82
N LYS F 71 17.05 12.41 -24.61
CA LYS F 71 18.17 12.55 -23.67
C LYS F 71 18.50 14.00 -23.44
N ASP F 72 19.75 14.38 -23.65
CA ASP F 72 20.14 15.79 -23.49
C ASP F 72 20.53 16.47 -24.80
N GLU F 73 20.05 15.93 -25.92
CA GLU F 73 20.45 16.47 -27.18
C GLU F 73 19.73 17.80 -27.49
N ILE F 74 18.53 18.00 -26.95
CA ILE F 74 17.74 19.22 -27.20
C ILE F 74 17.11 19.67 -25.90
N ALA F 75 16.53 20.87 -25.92
CA ALA F 75 15.78 21.34 -24.75
C ALA F 75 14.39 20.74 -24.78
N LEU F 76 13.85 20.47 -23.57
CA LEU F 76 12.50 19.93 -23.43
C LEU F 76 11.68 20.73 -22.45
N ILE F 77 10.47 21.09 -22.90
CA ILE F 77 9.51 21.83 -22.09
C ILE F 77 8.32 20.90 -21.88
N ALA F 78 7.87 20.76 -20.60
CA ALA F 78 6.71 19.89 -20.32
C ALA F 78 5.45 20.70 -19.99
N GLN F 79 4.44 20.56 -20.86
CA GLN F 79 3.17 21.24 -20.59
C GLN F 79 2.37 20.29 -19.67
N VAL F 80 2.00 20.82 -18.51
CA VAL F 80 1.39 20.02 -17.44
C VAL F 80 0.06 20.63 -16.99
N GLY F 81 -0.36 21.73 -17.63
CA GLY F 81 -1.58 22.39 -17.20
C GLY F 81 -2.84 21.59 -17.44
N SER F 82 -3.92 21.91 -16.72
CA SER F 82 -5.27 21.44 -17.03
C SER F 82 -6.21 22.08 -16.04
N VAL F 83 -7.46 21.65 -16.08
CA VAL F 83 -8.47 22.19 -15.16
C VAL F 83 -8.25 21.64 -13.74
N ASN F 84 -7.54 20.50 -13.65
CA ASN F 84 -7.29 19.84 -12.36
C ASN F 84 -5.90 20.25 -11.89
N LEU F 85 -5.88 21.18 -10.94
CA LEU F 85 -4.60 21.69 -10.41
C LEU F 85 -3.82 20.57 -9.71
N GLN F 86 -4.52 19.65 -9.02
CA GLN F 86 -3.79 18.51 -8.39
C GLN F 86 -3.09 17.62 -9.41
N GLU F 87 -3.73 17.36 -10.56
CA GLU F 87 -3.08 16.66 -11.65
C GLU F 87 -1.91 17.48 -12.19
N ALA F 88 -2.10 18.80 -12.38
CA ALA F 88 -1.01 19.66 -12.88
C ALA F 88 0.23 19.58 -11.99
N ILE F 89 0.01 19.55 -10.68
CA ILE F 89 1.13 19.47 -9.72
C ILE F 89 1.81 18.08 -9.84
N GLU F 90 0.99 17.04 -9.94
CA GLU F 90 1.52 15.68 -10.02
C GLU F 90 2.39 15.53 -11.28
N LEU F 91 1.84 15.99 -12.42
CA LEU F 91 2.60 15.92 -13.67
C LEU F 91 3.84 16.81 -13.63
N GLY F 92 3.68 18.00 -13.05
CA GLY F 92 4.82 18.95 -12.91
C GLY F 92 5.97 18.32 -12.12
N LYS F 93 5.63 17.66 -11.02
CA LYS F 93 6.68 17.00 -10.22
C LYS F 93 7.35 15.89 -11.03
N TYR F 94 6.54 15.09 -11.72
CA TYR F 94 7.05 13.96 -12.50
C TYR F 94 7.96 14.45 -13.60
N ALA F 95 7.56 15.47 -14.34
CA ALA F 95 8.45 15.99 -15.40
C ALA F 95 9.69 16.67 -14.86
N THR F 96 9.54 17.25 -13.66
CA THR F 96 10.69 17.84 -13.00
C THR F 96 11.72 16.72 -12.66
N GLU F 97 11.24 15.64 -12.04
CA GLU F 97 12.14 14.49 -11.73
C GLU F 97 12.81 13.90 -12.97
N LEU F 98 12.08 13.88 -14.09
CA LEU F 98 12.65 13.45 -15.32
C LEU F 98 13.72 14.40 -15.90
N GLY F 99 13.77 15.66 -15.46
CA GLY F 99 14.79 16.56 -16.00
C GLY F 99 14.35 17.51 -17.13
N TYR F 100 13.05 17.67 -17.30
CA TYR F 100 12.54 18.71 -18.21
C TYR F 100 13.04 20.09 -17.80
N ASP F 101 13.41 20.88 -18.80
CA ASP F 101 14.15 22.11 -18.57
C ASP F 101 13.26 23.20 -18.01
N SER F 102 11.98 23.14 -18.35
CA SER F 102 11.01 24.00 -17.73
C SER F 102 9.70 23.32 -17.83
N LEU F 103 8.78 23.75 -16.98
CA LEU F 103 7.40 23.38 -17.18
C LEU F 103 6.68 24.51 -17.97
N SER F 104 5.46 24.19 -18.37
CA SER F 104 4.54 25.16 -19.00
C SER F 104 3.13 24.70 -18.60
N ALA F 105 2.20 25.63 -18.55
CA ALA F 105 0.83 25.30 -18.17
C ALA F 105 -0.18 26.21 -18.85
N VAL F 106 -1.11 25.58 -19.55
CA VAL F 106 -2.27 26.30 -20.06
C VAL F 106 -3.03 27.02 -18.95
N THR F 107 -3.56 28.17 -19.30
CA THR F 107 -4.45 28.87 -18.33
C THR F 107 -5.61 27.90 -18.02
N PRO F 108 -6.01 27.72 -16.75
CA PRO F 108 -7.09 26.74 -16.52
C PRO F 108 -8.36 27.23 -17.19
N PHE F 109 -9.10 26.30 -17.77
CA PHE F 109 -10.19 26.61 -18.71
C PHE F 109 -11.51 25.94 -18.24
N TYR F 110 -12.55 25.96 -19.09
CA TYR F 110 -13.91 25.46 -18.79
C TYR F 110 -14.63 26.41 -17.83
N TYR F 111 -14.28 26.34 -16.54
CA TYR F 111 -14.87 27.29 -15.60
C TYR F 111 -14.27 28.63 -15.91
N LYS F 112 -15.02 29.67 -15.56
CA LYS F 112 -14.55 31.05 -15.77
C LYS F 112 -13.72 31.53 -14.57
N PHE F 113 -12.52 30.99 -14.44
CA PHE F 113 -11.67 31.35 -13.28
C PHE F 113 -11.34 32.81 -13.28
N SER F 114 -11.30 33.42 -12.10
CA SER F 114 -10.90 34.80 -11.96
C SER F 114 -9.39 34.96 -12.18
N PHE F 115 -8.91 36.20 -12.42
CA PHE F 115 -7.44 36.32 -12.55
C PHE F 115 -6.70 35.90 -11.26
N PRO F 116 -7.18 36.31 -10.08
CA PRO F 116 -6.45 35.80 -8.90
C PRO F 116 -6.38 34.28 -8.79
N GLU F 117 -7.42 33.58 -9.26
CA GLU F 117 -7.40 32.10 -9.26
C GLU F 117 -6.36 31.58 -10.22
N ILE F 118 -6.28 32.21 -11.41
CA ILE F 118 -5.30 31.83 -12.42
C ILE F 118 -3.86 32.03 -11.86
N LYS F 119 -3.61 33.18 -11.24
CA LYS F 119 -2.29 33.46 -10.67
C LYS F 119 -1.93 32.42 -9.62
N HIS F 120 -2.89 32.12 -8.73
CA HIS F 120 -2.66 31.15 -7.65
C HIS F 120 -2.39 29.78 -8.23
N TYR F 121 -3.08 29.42 -9.31
CA TYR F 121 -2.75 28.19 -10.06
C TYR F 121 -1.30 28.11 -10.52
N TYR F 122 -0.79 29.18 -11.18
CA TYR F 122 0.61 29.16 -11.58
C TYR F 122 1.55 29.12 -10.35
N ASP F 123 1.27 29.97 -9.38
CA ASP F 123 2.10 30.01 -8.16
C ASP F 123 2.15 28.64 -7.41
N SER F 124 1.04 27.92 -7.42
CA SER F 124 0.96 26.58 -6.78
C SER F 124 1.78 25.53 -7.47
N ILE F 125 1.72 25.50 -8.82
CA ILE F 125 2.56 24.58 -9.57
C ILE F 125 4.06 24.84 -9.34
N ILE F 126 4.44 26.13 -9.39
CA ILE F 126 5.82 26.50 -9.17
C ILE F 126 6.28 26.13 -7.74
N GLU F 127 5.48 26.44 -6.73
CA GLU F 127 5.90 26.15 -5.33
C GLU F 127 6.05 24.64 -5.15
N ALA F 128 5.14 23.87 -5.76
CA ALA F 128 5.14 22.42 -5.54
C ALA F 128 6.28 21.70 -6.23
N THR F 129 6.76 22.25 -7.36
CA THR F 129 7.78 21.57 -8.18
C THR F 129 9.16 22.22 -8.09
N GLY F 130 9.21 23.50 -7.72
CA GLY F 130 10.46 24.28 -7.79
C GLY F 130 11.03 24.61 -9.18
N ASN F 131 10.31 24.21 -10.25
CA ASN F 131 10.81 24.32 -11.62
C ASN F 131 10.39 25.67 -12.24
N TYR F 132 11.01 26.00 -13.37
CA TYR F 132 10.63 27.20 -14.10
C TYR F 132 9.26 26.95 -14.74
N MET F 133 8.59 28.06 -15.08
CA MET F 133 7.24 28.03 -15.61
C MET F 133 7.09 28.95 -16.81
N ILE F 134 6.55 28.39 -17.87
CA ILE F 134 6.12 29.17 -19.05
C ILE F 134 4.61 29.24 -19.14
N VAL F 135 4.04 30.44 -19.09
CA VAL F 135 2.58 30.56 -19.22
C VAL F 135 2.16 30.17 -20.65
N TYR F 136 1.18 29.28 -20.82
CA TYR F 136 0.72 28.92 -22.19
C TYR F 136 -0.63 29.59 -22.37
N SER F 137 -0.65 30.61 -23.24
CA SER F 137 -1.85 31.41 -23.52
C SER F 137 -2.38 31.04 -24.92
N ILE F 138 -3.59 30.47 -24.97
N ILE F 138 -3.61 30.59 -24.96
CA ILE F 138 -4.28 30.18 -26.26
CA ILE F 138 -4.23 30.16 -26.23
C ILE F 138 -5.73 30.56 -26.11
C ILE F 138 -5.73 30.53 -26.16
N PRO F 139 -6.04 31.86 -26.19
CA PRO F 139 -7.38 32.39 -26.06
C PRO F 139 -8.39 31.76 -27.04
N PHE F 140 -7.96 31.40 -28.25
N PHE F 140 -7.94 31.41 -28.26
CA PHE F 140 -8.94 30.85 -29.22
CA PHE F 140 -8.83 30.81 -29.25
C PHE F 140 -9.51 29.49 -28.81
C PHE F 140 -9.54 29.56 -28.71
N LEU F 141 -8.83 28.77 -27.91
CA LEU F 141 -9.40 27.55 -27.30
C LEU F 141 -9.89 27.78 -25.88
N THR F 142 -9.18 28.58 -25.08
CA THR F 142 -9.60 28.70 -23.67
C THR F 142 -10.62 29.80 -23.39
N GLY F 143 -10.66 30.83 -24.24
CA GLY F 143 -11.50 32.01 -23.92
C GLY F 143 -10.88 32.94 -22.87
N VAL F 144 -9.64 32.66 -22.49
CA VAL F 144 -8.99 33.46 -21.42
C VAL F 144 -8.09 34.51 -22.05
N ASN F 145 -8.36 35.76 -21.73
CA ASN F 145 -7.50 36.82 -22.19
C ASN F 145 -6.78 37.43 -21.01
N ILE F 146 -5.46 37.42 -21.08
CA ILE F 146 -4.63 38.04 -20.05
C ILE F 146 -4.08 39.34 -20.63
N GLY F 147 -4.20 40.45 -19.90
CA GLY F 147 -3.67 41.77 -20.35
C GLY F 147 -2.24 42.03 -19.86
N VAL F 148 -1.66 43.15 -20.33
CA VAL F 148 -0.30 43.50 -19.98
C VAL F 148 -0.07 43.57 -18.47
N GLU F 149 -0.96 44.22 -17.74
CA GLU F 149 -0.68 44.30 -16.29
C GLU F 149 -0.88 42.98 -15.55
N GLN F 150 -1.79 42.14 -16.05
CA GLN F 150 -1.97 40.77 -15.52
C GLN F 150 -0.72 39.91 -15.76
N PHE F 151 -0.10 40.01 -16.96
CA PHE F 151 1.17 39.30 -17.15
C PHE F 151 2.21 39.78 -16.14
N GLY F 152 2.21 41.09 -15.87
CA GLY F 152 3.12 41.66 -14.87
C GLY F 152 2.93 40.99 -13.51
N GLU F 153 1.68 40.74 -13.15
CA GLU F 153 1.41 40.12 -11.82
C GLU F 153 1.93 38.68 -11.82
N LEU F 154 1.80 37.99 -12.96
CA LEU F 154 2.28 36.60 -13.08
C LEU F 154 3.78 36.63 -12.98
N TYR F 155 4.40 37.63 -13.61
CA TYR F 155 5.85 37.72 -13.63
C TYR F 155 6.49 38.15 -12.30
N LYS F 156 5.67 38.59 -11.34
CA LYS F 156 6.24 38.80 -9.99
C LYS F 156 6.88 37.55 -9.43
N ASN F 157 6.40 36.39 -9.88
CA ASN F 157 7.01 35.11 -9.48
C ASN F 157 8.25 34.94 -10.34
N PRO F 158 9.43 34.96 -9.71
CA PRO F 158 10.65 34.99 -10.48
C PRO F 158 10.87 33.71 -11.28
N LYS F 159 10.12 32.63 -11.02
CA LYS F 159 10.35 31.42 -11.82
C LYS F 159 9.50 31.38 -13.09
N VAL F 160 8.66 32.39 -13.31
CA VAL F 160 7.91 32.46 -14.58
C VAL F 160 8.83 33.09 -15.61
N LEU F 161 9.10 32.35 -16.67
CA LEU F 161 10.11 32.75 -17.65
C LEU F 161 9.53 33.65 -18.73
N GLY F 162 8.24 33.51 -18.94
CA GLY F 162 7.57 34.22 -20.07
C GLY F 162 6.38 33.45 -20.54
N VAL F 163 6.06 33.58 -21.84
CA VAL F 163 4.79 33.13 -22.34
C VAL F 163 4.94 32.49 -23.73
N ALA F 164 4.28 31.35 -23.86
CA ALA F 164 4.03 30.69 -25.15
C ALA F 164 2.72 31.28 -25.61
N PHE F 165 2.85 32.17 -26.59
CA PHE F 165 1.84 33.15 -26.98
C PHE F 165 1.18 32.62 -28.25
N THR F 166 0.21 31.71 -28.06
CA THR F 166 -0.61 31.24 -29.21
C THR F 166 -1.81 32.15 -29.29
N ALA F 167 -1.54 33.35 -29.78
CA ALA F 167 -2.49 34.46 -29.73
C ALA F 167 -2.18 35.44 -30.88
N GLY F 168 -3.23 36.09 -31.37
CA GLY F 168 -3.07 36.86 -32.62
C GLY F 168 -2.97 38.37 -32.40
N ASP F 169 -2.97 38.81 -31.16
CA ASP F 169 -2.95 40.25 -30.90
C ASP F 169 -1.51 40.76 -30.90
N PHE F 170 -1.07 41.36 -32.02
CA PHE F 170 0.30 41.85 -32.15
C PHE F 170 0.57 43.17 -31.40
N TYR F 171 -0.49 43.89 -31.02
CA TYR F 171 -0.34 45.05 -30.16
C TYR F 171 0.00 44.57 -28.73
N LEU F 172 -0.72 43.56 -28.27
CA LEU F 172 -0.43 42.98 -26.94
C LEU F 172 1.01 42.42 -26.95
N LEU F 173 1.37 41.75 -28.03
CA LEU F 173 2.70 41.15 -28.14
C LEU F 173 3.80 42.21 -27.99
N GLU F 174 3.66 43.30 -28.75
CA GLU F 174 4.62 44.40 -28.65
C GLU F 174 4.67 45.03 -27.26
N ARG F 175 3.50 45.21 -26.66
CA ARG F 175 3.41 45.83 -25.34
C ARG F 175 4.07 44.93 -24.28
N LEU F 176 3.99 43.62 -24.50
CA LEU F 176 4.65 42.69 -23.54
C LEU F 176 6.17 42.77 -23.63
N LYS F 177 6.68 42.81 -24.85
CA LYS F 177 8.11 43.00 -25.07
C LYS F 177 8.61 44.34 -24.60
N LYS F 178 7.77 45.36 -24.67
CA LYS F 178 8.12 46.67 -24.18
C LYS F 178 8.17 46.64 -22.65
N ALA F 179 7.17 46.02 -22.02
CA ALA F 179 7.02 46.11 -20.54
C ALA F 179 7.98 45.20 -19.81
N TYR F 180 8.20 44.03 -20.38
CA TYR F 180 8.91 42.91 -19.73
C TYR F 180 10.02 42.44 -20.67
N PRO F 181 11.06 43.30 -20.86
CA PRO F 181 11.99 43.03 -21.96
C PRO F 181 12.90 41.84 -21.69
N ASN F 182 13.04 41.44 -20.43
CA ASN F 182 13.83 40.27 -20.10
C ASN F 182 13.04 38.95 -20.04
N HIS F 183 11.72 39.05 -20.14
CA HIS F 183 10.91 37.81 -20.16
C HIS F 183 10.79 37.34 -21.62
N LEU F 184 10.70 36.04 -21.80
CA LEU F 184 10.71 35.43 -23.12
C LEU F 184 9.30 35.34 -23.68
N ILE F 185 9.23 35.37 -25.02
CA ILE F 185 8.03 35.09 -25.75
C ILE F 185 8.32 34.10 -26.88
N TRP F 186 7.53 33.02 -26.94
CA TRP F 186 7.54 32.12 -28.05
C TRP F 186 6.27 32.29 -28.85
N ALA F 187 6.39 32.57 -30.15
CA ALA F 187 5.21 32.67 -30.97
C ALA F 187 4.58 31.33 -31.17
N GLY F 188 3.25 31.31 -31.23
CA GLY F 188 2.51 30.05 -31.31
C GLY F 188 1.75 29.80 -32.61
N PHE F 189 1.61 30.82 -33.46
CA PHE F 189 0.90 30.63 -34.76
C PHE F 189 1.92 30.58 -35.90
N ASP F 190 2.11 29.37 -36.46
CA ASP F 190 3.13 29.08 -37.43
C ASP F 190 2.91 29.89 -38.72
N GLU F 191 1.66 30.19 -39.01
CA GLU F 191 1.30 30.90 -40.26
C GLU F 191 1.54 32.41 -40.09
N MET F 192 1.91 32.84 -38.86
CA MET F 192 2.21 34.28 -38.58
C MET F 192 3.59 34.42 -37.96
N MET F 193 4.47 33.49 -38.34
CA MET F 193 5.81 33.51 -37.76
C MET F 193 6.59 34.76 -38.14
N LEU F 194 6.53 35.17 -39.41
CA LEU F 194 7.32 36.32 -39.82
C LEU F 194 6.94 37.60 -39.03
N PRO F 195 5.65 38.01 -39.01
CA PRO F 195 5.35 39.26 -38.26
C PRO F 195 5.67 39.11 -36.76
N ALA F 196 5.50 37.91 -36.16
CA ALA F 196 5.86 37.76 -34.73
C ALA F 196 7.37 37.89 -34.60
N ALA F 197 8.11 37.27 -35.52
CA ALA F 197 9.59 37.41 -35.47
C ALA F 197 10.04 38.86 -35.64
N SER F 198 9.27 39.65 -36.44
CA SER F 198 9.66 41.04 -36.61
C SER F 198 9.58 41.86 -35.33
N LEU F 199 8.76 41.43 -34.36
CA LEU F 199 8.60 42.10 -33.06
C LEU F 199 9.60 41.58 -32.00
N GLY F 200 10.52 40.74 -32.42
CA GLY F 200 11.66 40.32 -31.55
C GLY F 200 11.29 39.20 -30.56
N VAL F 201 10.33 38.35 -30.91
CA VAL F 201 10.10 37.16 -30.06
C VAL F 201 11.34 36.29 -30.01
N ASP F 202 11.40 35.47 -28.94
CA ASP F 202 12.61 34.71 -28.66
C ASP F 202 12.63 33.34 -29.28
N GLY F 203 11.49 32.88 -29.75
CA GLY F 203 11.45 31.55 -30.39
C GLY F 203 10.04 31.36 -30.87
N ALA F 204 9.76 30.12 -31.25
CA ALA F 204 8.46 29.71 -31.72
C ALA F 204 8.21 28.30 -31.34
N ILE F 205 6.97 27.99 -31.03
CA ILE F 205 6.56 26.60 -30.80
C ILE F 205 5.45 26.31 -31.76
N GLY F 206 5.57 25.18 -32.49
CA GLY F 206 4.60 24.95 -33.58
C GLY F 206 4.34 23.50 -33.93
N SER F 207 3.10 23.20 -34.28
CA SER F 207 2.73 21.85 -34.73
C SER F 207 3.30 21.53 -36.10
N THR F 208 3.34 22.56 -36.97
CA THR F 208 3.76 22.22 -38.32
C THR F 208 5.29 22.00 -38.43
N PHE F 209 6.06 22.37 -37.39
CA PHE F 209 7.51 22.19 -37.43
C PHE F 209 7.90 20.70 -37.41
N ASN F 210 6.93 19.84 -37.05
CA ASN F 210 7.15 18.39 -37.08
C ASN F 210 7.45 17.92 -38.52
N VAL F 211 6.99 18.67 -39.53
CA VAL F 211 7.29 18.32 -40.94
C VAL F 211 7.94 19.47 -41.74
N ASN F 212 7.74 20.72 -41.27
CA ASN F 212 8.24 21.94 -41.96
C ASN F 212 9.25 22.75 -41.14
N GLY F 213 9.94 22.05 -40.24
CA GLY F 213 10.85 22.73 -39.30
C GLY F 213 11.99 23.45 -40.00
N VAL F 214 12.42 22.94 -41.15
CA VAL F 214 13.55 23.52 -41.86
C VAL F 214 13.18 24.94 -42.36
N ARG F 215 12.06 25.03 -43.10
CA ARG F 215 11.55 26.34 -43.51
C ARG F 215 11.26 27.29 -42.34
N ALA F 216 10.70 26.72 -41.27
CA ALA F 216 10.30 27.54 -40.13
C ALA F 216 11.53 28.22 -39.53
N ARG F 217 12.65 27.48 -39.39
CA ARG F 217 13.88 28.08 -38.86
C ARG F 217 14.37 29.19 -39.79
N GLN F 218 14.34 28.93 -41.12
CA GLN F 218 14.75 29.96 -42.11
C GLN F 218 13.92 31.24 -41.95
N ILE F 219 12.59 31.10 -41.88
CA ILE F 219 11.71 32.30 -41.77
C ILE F 219 12.13 33.10 -40.50
N PHE F 220 12.27 32.39 -39.39
CA PHE F 220 12.55 33.03 -38.12
C PHE F 220 13.91 33.75 -38.13
N GLU F 221 14.94 33.03 -38.56
CA GLU F 221 16.29 33.59 -38.52
C GLU F 221 16.47 34.70 -39.56
N LEU F 222 15.96 34.48 -40.77
CA LEU F 222 16.09 35.53 -41.77
C LEU F 222 15.34 36.79 -41.37
N THR F 223 14.15 36.61 -40.83
CA THR F 223 13.36 37.79 -40.44
C THR F 223 14.16 38.61 -39.40
N GLN F 224 14.70 37.93 -38.38
CA GLN F 224 15.42 38.68 -37.34
C GLN F 224 16.72 39.27 -37.84
N ALA F 225 17.26 38.74 -38.95
CA ALA F 225 18.47 39.33 -39.57
C ALA F 225 18.08 40.45 -40.53
N GLY F 226 16.79 40.72 -40.68
CA GLY F 226 16.35 41.83 -41.55
C GLY F 226 16.18 41.44 -43.02
N LYS F 227 16.28 40.14 -43.32
CA LYS F 227 16.14 39.68 -44.71
C LYS F 227 14.69 39.38 -45.01
N LEU F 228 13.89 40.45 -45.09
CA LEU F 228 12.43 40.32 -45.13
C LEU F 228 11.91 39.80 -46.44
N LYS F 229 12.55 40.16 -47.55
CA LYS F 229 12.02 39.66 -48.85
C LYS F 229 12.13 38.15 -48.92
N GLU F 230 13.28 37.60 -48.49
CA GLU F 230 13.50 36.16 -48.58
C GLU F 230 12.63 35.44 -47.56
N ALA F 231 12.56 36.00 -46.35
CA ALA F 231 11.70 35.38 -45.31
C ALA F 231 10.23 35.33 -45.79
N LEU F 232 9.79 36.40 -46.45
CA LEU F 232 8.39 36.42 -46.91
C LEU F 232 8.14 35.34 -47.98
N GLU F 233 9.11 35.11 -48.88
CA GLU F 233 8.96 34.08 -49.90
C GLU F 233 8.78 32.74 -49.22
N ILE F 234 9.54 32.52 -48.12
CA ILE F 234 9.50 31.21 -47.48
C ILE F 234 8.21 31.13 -46.67
N GLN F 235 7.72 32.25 -46.13
CA GLN F 235 6.44 32.24 -45.41
C GLN F 235 5.27 31.98 -46.37
N HIS F 236 5.39 32.45 -47.61
CA HIS F 236 4.35 32.21 -48.55
C HIS F 236 4.20 30.75 -48.91
N VAL F 237 5.31 30.07 -49.12
CA VAL F 237 5.29 28.66 -49.44
C VAL F 237 4.84 27.90 -48.22
N THR F 238 5.39 28.29 -47.06
CA THR F 238 4.90 27.69 -45.83
C THR F 238 3.42 27.75 -45.63
N ASN F 239 2.84 28.92 -45.89
CA ASN F 239 1.40 29.11 -45.74
C ASN F 239 0.52 28.43 -46.81
N ASP F 240 1.08 28.17 -48.00
CA ASP F 240 0.44 27.33 -48.95
C ASP F 240 0.27 25.91 -48.36
N LEU F 241 1.35 25.41 -47.79
CA LEU F 241 1.33 24.12 -47.11
C LEU F 241 0.38 24.11 -45.91
N ILE F 242 0.47 25.13 -45.06
CA ILE F 242 -0.38 25.16 -43.86
C ILE F 242 -1.88 25.25 -44.26
N GLU F 243 -2.16 26.08 -45.24
CA GLU F 243 -3.54 26.22 -45.67
C GLU F 243 -4.07 24.83 -46.08
N GLY F 244 -3.22 24.07 -46.78
CA GLY F 244 -3.64 22.70 -47.24
C GLY F 244 -3.84 21.79 -46.04
N ILE F 245 -2.90 21.87 -45.12
CA ILE F 245 -2.97 21.08 -43.91
C ILE F 245 -4.25 21.35 -43.14
N LEU F 246 -4.57 22.62 -42.97
CA LEU F 246 -5.78 23.03 -42.23
C LEU F 246 -7.03 22.55 -42.94
N ALA F 247 -7.07 22.68 -44.27
CA ALA F 247 -8.26 22.29 -45.02
C ALA F 247 -8.50 20.78 -44.92
N ASN F 248 -7.42 20.02 -44.86
CA ASN F 248 -7.49 18.55 -44.86
C ASN F 248 -7.67 17.92 -43.47
N GLY F 249 -7.39 18.70 -42.43
CA GLY F 249 -7.48 18.23 -41.04
C GLY F 249 -6.09 18.28 -40.42
N LEU F 250 -5.88 19.20 -39.50
CA LEU F 250 -4.51 19.53 -39.08
C LEU F 250 -3.72 18.34 -38.54
N TYR F 251 -4.17 17.75 -37.44
CA TYR F 251 -3.28 16.76 -36.87
C TYR F 251 -3.13 15.52 -37.71
N LEU F 252 -4.22 15.08 -38.29
CA LEU F 252 -4.15 13.91 -39.17
C LEU F 252 -3.27 14.16 -40.37
N THR F 253 -3.32 15.35 -40.93
CA THR F 253 -2.46 15.54 -42.10
C THR F 253 -0.98 15.73 -41.77
N ILE F 254 -0.65 16.36 -40.63
CA ILE F 254 0.77 16.36 -40.26
C ILE F 254 1.24 14.94 -40.06
N LYS F 255 0.40 14.11 -39.40
CA LYS F 255 0.79 12.69 -39.15
C LYS F 255 0.96 11.95 -40.47
N GLU F 256 0.08 12.20 -41.45
CA GLU F 256 0.24 11.59 -42.77
C GLU F 256 1.53 12.06 -43.48
N LEU F 257 1.88 13.36 -43.38
CA LEU F 257 3.13 13.78 -43.95
C LEU F 257 4.34 13.15 -43.23
N LEU F 258 4.22 12.87 -41.93
CA LEU F 258 5.27 12.08 -41.30
C LEU F 258 5.33 10.63 -41.83
N LYS F 259 4.17 9.99 -42.00
CA LYS F 259 4.11 8.62 -42.47
C LYS F 259 4.71 8.50 -43.83
N LEU F 260 4.45 9.51 -44.67
CA LEU F 260 5.04 9.54 -46.01
C LEU F 260 6.59 9.66 -46.05
N ASP F 261 7.18 10.01 -44.90
CA ASP F 261 8.63 10.07 -44.72
C ASP F 261 9.15 8.92 -43.86
N GLY F 262 8.33 7.90 -43.69
CA GLY F 262 8.73 6.72 -42.98
C GLY F 262 8.66 6.82 -41.46
N VAL F 263 7.94 7.82 -40.94
CA VAL F 263 7.74 7.97 -39.49
C VAL F 263 6.35 7.42 -39.12
N GLU F 264 6.28 6.39 -38.28
CA GLU F 264 4.98 5.75 -37.96
C GLU F 264 4.15 6.57 -36.96
N ALA F 265 3.67 7.73 -37.42
CA ALA F 265 3.01 8.71 -36.56
C ALA F 265 1.62 8.31 -36.14
N GLY F 266 1.10 7.22 -36.71
CA GLY F 266 -0.10 6.55 -36.15
C GLY F 266 -1.43 7.28 -36.32
N TYR F 267 -2.38 6.94 -35.46
CA TYR F 267 -3.75 7.43 -35.58
C TYR F 267 -3.87 8.69 -34.71
N CYS F 268 -4.99 9.41 -34.87
CA CYS F 268 -5.33 10.42 -33.86
C CYS F 268 -6.18 9.75 -32.80
N ARG F 269 -6.28 10.43 -31.66
CA ARG F 269 -7.00 9.93 -30.52
C ARG F 269 -8.46 10.43 -30.48
N GLU F 270 -9.38 9.49 -30.37
CA GLU F 270 -10.77 9.86 -30.25
C GLU F 270 -10.97 10.63 -28.97
N PRO F 271 -11.84 11.65 -28.96
CA PRO F 271 -12.88 11.93 -29.94
C PRO F 271 -12.47 12.69 -31.21
N MET F 272 -11.19 13.04 -31.36
CA MET F 272 -10.76 13.50 -32.70
C MET F 272 -10.98 12.38 -33.72
N THR F 273 -11.24 12.75 -34.98
CA THR F 273 -11.30 11.73 -36.02
C THR F 273 -9.97 10.96 -36.10
N LYS F 274 -10.06 9.62 -36.10
CA LYS F 274 -8.84 8.87 -35.85
C LYS F 274 -8.00 8.61 -37.08
N GLU F 275 -8.63 8.70 -38.27
CA GLU F 275 -7.95 8.34 -39.51
C GLU F 275 -8.52 9.17 -40.68
N LEU F 276 -7.68 9.46 -41.65
CA LEU F 276 -8.10 10.18 -42.85
C LEU F 276 -8.86 9.25 -43.79
N SER F 277 -9.86 9.80 -44.47
CA SER F 277 -10.51 9.11 -45.57
C SER F 277 -9.56 8.95 -46.77
N SER F 278 -9.91 8.07 -47.72
CA SER F 278 -9.05 7.83 -48.86
C SER F 278 -8.75 9.10 -49.61
N GLU F 279 -9.76 9.94 -49.78
CA GLU F 279 -9.62 11.16 -50.60
C GLU F 279 -8.66 12.13 -49.92
N LYS F 280 -8.75 12.17 -48.59
CA LYS F 280 -7.85 13.04 -47.83
C LYS F 280 -6.44 12.51 -47.75
N VAL F 281 -6.29 11.19 -47.78
CA VAL F 281 -4.95 10.56 -47.89
C VAL F 281 -4.27 11.02 -49.22
N ALA F 282 -5.07 10.95 -50.29
CA ALA F 282 -4.63 11.41 -51.60
C ALA F 282 -4.26 12.88 -51.61
N PHE F 283 -5.06 13.71 -50.96
CA PHE F 283 -4.75 15.13 -50.84
C PHE F 283 -3.43 15.36 -50.12
N ALA F 284 -3.23 14.64 -49.02
CA ALA F 284 -2.00 14.75 -48.28
C ALA F 284 -0.78 14.35 -49.14
N LYS F 285 -0.93 13.33 -49.99
CA LYS F 285 0.16 12.92 -50.87
C LYS F 285 0.49 14.07 -51.84
N GLU F 286 -0.53 14.82 -52.26
CA GLU F 286 -0.29 15.94 -53.16
C GLU F 286 0.46 17.07 -52.47
N LEU F 287 0.07 17.36 -51.22
CA LEU F 287 0.84 18.31 -50.41
C LEU F 287 2.31 17.91 -50.30
N LYS F 288 2.55 16.63 -50.00
CA LYS F 288 3.91 16.11 -49.88
C LYS F 288 4.67 16.38 -51.16
N ALA F 289 4.03 16.06 -52.28
CA ALA F 289 4.72 16.21 -53.54
C ALA F 289 5.03 17.68 -53.82
N LYS F 290 4.10 18.59 -53.52
CA LYS F 290 4.27 19.97 -53.93
C LYS F 290 5.26 20.72 -52.98
N TYR F 291 5.23 20.39 -51.69
CA TYR F 291 5.90 21.22 -50.64
C TYR F 291 7.00 20.55 -49.77
N LEU F 292 7.06 19.23 -49.78
CA LEU F 292 8.01 18.50 -48.93
C LEU F 292 8.72 17.36 -49.64
N SER F 293 9.07 17.56 -50.90
CA SER F 293 9.76 16.50 -51.64
C SER F 293 10.97 17.00 -52.46
N MET G 1 15.99 -2.57 -37.57
CA MET G 1 14.93 -3.64 -37.41
C MET G 1 15.53 -5.01 -37.75
N LYS G 2 15.13 -6.03 -37.02
CA LYS G 2 15.84 -7.30 -37.09
C LYS G 2 15.48 -8.12 -38.34
N ASN G 3 16.50 -8.68 -38.97
CA ASN G 3 16.32 -9.63 -40.06
C ASN G 3 15.64 -10.85 -39.42
N LEU G 4 14.48 -11.24 -39.96
CA LEU G 4 13.72 -12.34 -39.36
C LEU G 4 13.84 -13.62 -40.16
N LYS G 5 14.79 -13.67 -41.10
CA LYS G 5 15.06 -14.89 -41.86
C LYS G 5 15.87 -15.91 -41.05
N GLY G 6 15.75 -17.18 -41.41
CA GLY G 6 16.65 -18.18 -40.81
C GLY G 6 15.94 -19.12 -39.86
N ILE G 7 16.68 -19.56 -38.83
CA ILE G 7 16.29 -20.72 -38.01
C ILE G 7 15.79 -20.22 -36.67
N PHE G 8 14.50 -20.47 -36.41
CA PHE G 8 13.83 -20.09 -35.17
C PHE G 8 13.40 -21.32 -34.39
N SER G 9 13.88 -21.47 -33.16
CA SER G 9 13.30 -22.53 -32.33
C SER G 9 11.95 -22.11 -31.76
N ALA G 10 10.96 -23.00 -31.84
CA ALA G 10 9.70 -22.76 -31.13
C ALA G 10 9.98 -23.08 -29.67
N LEU G 11 9.98 -22.05 -28.84
CA LEU G 11 10.49 -22.16 -27.46
C LEU G 11 9.64 -23.10 -26.56
N LEU G 12 10.26 -24.11 -25.97
CA LEU G 12 9.58 -24.95 -24.98
C LEU G 12 9.66 -24.22 -23.65
N VAL G 13 8.78 -24.58 -22.74
CA VAL G 13 8.73 -23.91 -21.45
C VAL G 13 8.87 -24.96 -20.35
N SER G 14 9.66 -24.62 -19.32
CA SER G 14 9.87 -25.49 -18.18
C SER G 14 8.76 -25.26 -17.14
N PHE G 15 7.98 -26.30 -16.80
CA PHE G 15 6.98 -26.19 -15.76
C PHE G 15 7.39 -26.87 -14.51
N ASN G 16 6.97 -26.29 -13.38
CA ASN G 16 7.00 -27.02 -12.08
C ASN G 16 5.93 -28.12 -12.01
N ALA G 17 5.98 -28.95 -10.95
CA ALA G 17 5.02 -30.04 -10.77
C ALA G 17 3.59 -29.54 -10.72
N ASP G 18 3.36 -28.34 -10.18
CA ASP G 18 2.00 -27.80 -10.08
C ASP G 18 1.52 -27.02 -11.32
N GLY G 19 2.31 -27.00 -12.39
CA GLY G 19 1.90 -26.31 -13.63
C GLY G 19 2.38 -24.88 -13.72
N SER G 20 2.94 -24.36 -12.62
CA SER G 20 3.51 -23.01 -12.67
C SER G 20 4.81 -22.98 -13.51
N ILE G 21 5.25 -21.77 -13.85
CA ILE G 21 6.47 -21.64 -14.65
C ILE G 21 7.73 -21.70 -13.81
N ASN G 22 8.67 -22.54 -14.24
N ASN G 22 8.69 -22.50 -14.27
CA ASN G 22 9.97 -22.60 -13.61
CA ASN G 22 10.00 -22.66 -13.62
C ASN G 22 10.85 -21.62 -14.36
C ASN G 22 10.94 -21.66 -14.30
N GLU G 23 11.03 -20.43 -13.77
CA GLU G 23 11.83 -19.36 -14.43
C GLU G 23 13.28 -19.75 -14.70
N LYS G 24 13.94 -20.32 -13.67
CA LYS G 24 15.30 -20.78 -13.83
C LYS G 24 15.47 -21.75 -15.00
N GLY G 25 14.58 -22.73 -15.08
CA GLY G 25 14.59 -23.69 -16.19
C GLY G 25 14.31 -23.03 -17.52
N LEU G 26 13.35 -22.10 -17.55
CA LEU G 26 13.00 -21.43 -18.84
C LEU G 26 14.22 -20.59 -19.31
N ARG G 27 14.90 -19.90 -18.38
CA ARG G 27 16.13 -19.18 -18.76
C ARG G 27 17.18 -20.11 -19.31
N GLN G 28 17.31 -21.29 -18.71
CA GLN G 28 18.26 -22.29 -19.26
C GLN G 28 17.91 -22.75 -20.66
N ILE G 29 16.62 -22.95 -20.92
CA ILE G 29 16.23 -23.32 -22.27
C ILE G 29 16.56 -22.20 -23.27
N VAL G 30 16.27 -20.97 -22.88
CA VAL G 30 16.58 -19.83 -23.77
C VAL G 30 18.09 -19.75 -24.09
N ARG G 31 18.91 -19.83 -23.03
CA ARG G 31 20.34 -19.82 -23.16
C ARG G 31 20.86 -20.95 -24.05
N TYR G 32 20.33 -22.16 -23.83
CA TYR G 32 20.76 -23.32 -24.62
C TYR G 32 20.49 -23.10 -26.13
N ASN G 33 19.31 -22.56 -26.45
CA ASN G 33 18.98 -22.25 -27.84
C ASN G 33 19.91 -21.20 -28.47
N ILE G 34 20.22 -20.16 -27.71
CA ILE G 34 21.09 -19.09 -28.21
C ILE G 34 22.53 -19.56 -28.36
N ASP G 35 23.05 -20.17 -27.28
CA ASP G 35 24.48 -20.47 -27.17
C ASP G 35 24.89 -21.79 -27.84
N LYS G 36 24.03 -22.82 -27.77
CA LYS G 36 24.44 -24.17 -28.21
C LYS G 36 23.77 -24.51 -29.55
N MET G 37 22.48 -24.24 -29.65
CA MET G 37 21.76 -24.53 -30.91
C MET G 37 22.04 -23.47 -31.96
N LYS G 38 22.55 -22.30 -31.51
CA LYS G 38 22.92 -21.19 -32.38
C LYS G 38 21.80 -20.75 -33.31
N VAL G 39 20.59 -20.64 -32.75
CA VAL G 39 19.44 -20.18 -33.54
C VAL G 39 19.50 -18.71 -33.91
N ASP G 40 18.87 -18.34 -35.02
CA ASP G 40 18.70 -16.94 -35.38
C ASP G 40 17.68 -16.23 -34.48
N GLY G 41 16.73 -16.98 -33.93
CA GLY G 41 15.72 -16.37 -33.07
C GLY G 41 14.88 -17.40 -32.36
N LEU G 42 13.97 -16.90 -31.52
CA LEU G 42 12.97 -17.74 -30.84
C LEU G 42 11.57 -17.29 -31.21
N TYR G 43 10.71 -18.29 -31.38
CA TYR G 43 9.29 -18.08 -31.56
C TYR G 43 8.66 -18.47 -30.22
N VAL G 44 8.16 -17.46 -29.51
CA VAL G 44 7.74 -17.59 -28.07
C VAL G 44 6.21 -17.56 -27.97
N GLY G 45 5.64 -18.53 -27.21
CA GLY G 45 4.21 -18.54 -26.96
C GLY G 45 3.45 -19.36 -27.99
N GLY G 46 4.15 -20.26 -28.66
CA GLY G 46 3.57 -21.06 -29.75
C GLY G 46 2.95 -22.34 -29.21
N SER G 47 2.41 -23.13 -30.14
CA SER G 47 1.90 -24.47 -29.74
C SER G 47 2.91 -25.24 -28.89
N THR G 48 4.17 -25.20 -29.31
CA THR G 48 5.26 -25.96 -28.69
C THR G 48 5.49 -25.47 -27.23
N GLY G 49 5.14 -24.21 -26.98
CA GLY G 49 5.32 -23.63 -25.62
C GLY G 49 4.22 -24.01 -24.66
N GLU G 50 3.31 -24.90 -25.07
CA GLU G 50 2.15 -25.32 -24.24
C GLU G 50 1.21 -24.13 -23.98
N ASN G 51 1.29 -23.14 -24.87
CA ASN G 51 0.74 -21.81 -24.64
C ASN G 51 -0.76 -21.89 -24.41
N PHE G 52 -1.46 -22.75 -25.18
CA PHE G 52 -2.94 -22.67 -25.16
C PHE G 52 -3.58 -23.32 -23.90
N MET G 53 -2.76 -23.94 -23.05
CA MET G 53 -3.20 -24.48 -21.77
C MET G 53 -2.97 -23.50 -20.60
N LEU G 54 -2.47 -22.31 -20.91
CA LEU G 54 -2.07 -21.34 -19.89
C LEU G 54 -2.99 -20.11 -19.73
N SER G 55 -2.84 -19.46 -18.58
CA SER G 55 -3.55 -18.20 -18.29
C SER G 55 -2.83 -17.02 -18.94
N THR G 56 -3.56 -15.91 -19.07
CA THR G 56 -3.00 -14.71 -19.63
C THR G 56 -1.78 -14.27 -18.82
N GLU G 57 -1.89 -14.35 -17.49
CA GLU G 57 -0.76 -14.00 -16.62
C GLU G 57 0.48 -14.84 -16.88
N GLU G 58 0.29 -16.15 -17.04
CA GLU G 58 1.42 -17.04 -17.31
C GLU G 58 2.04 -16.74 -18.68
N LYS G 59 1.22 -16.47 -19.68
CA LYS G 59 1.74 -16.13 -21.00
C LYS G 59 2.61 -14.85 -20.92
N LYS G 60 2.17 -13.91 -20.11
CA LYS G 60 2.91 -12.67 -19.94
C LYS G 60 4.26 -12.94 -19.27
N GLU G 61 4.26 -13.77 -18.21
CA GLU G 61 5.47 -14.14 -17.50
C GLU G 61 6.50 -14.78 -18.45
N ILE G 62 6.05 -15.71 -19.27
CA ILE G 62 6.94 -16.34 -20.28
C ILE G 62 7.53 -15.29 -21.24
N PHE G 63 6.68 -14.39 -21.74
CA PHE G 63 7.22 -13.35 -22.67
C PHE G 63 8.27 -12.45 -21.98
N ARG G 64 8.02 -12.08 -20.73
CA ARG G 64 8.96 -11.25 -19.98
C ARG G 64 10.29 -11.96 -19.69
N ILE G 65 10.22 -13.22 -19.26
CA ILE G 65 11.45 -13.96 -18.95
C ILE G 65 12.27 -14.20 -20.24
N ALA G 66 11.62 -14.69 -21.29
CA ALA G 66 12.33 -14.95 -22.54
C ALA G 66 13.04 -13.71 -23.06
N LYS G 67 12.35 -12.59 -23.05
CA LYS G 67 12.97 -11.35 -23.52
C LYS G 67 14.09 -10.86 -22.57
N ASP G 68 13.84 -10.90 -21.26
CA ASP G 68 14.91 -10.57 -20.31
C ASP G 68 16.16 -11.43 -20.50
N GLU G 69 16.00 -12.72 -20.78
CA GLU G 69 17.15 -13.60 -20.93
C GLU G 69 17.92 -13.40 -22.26
N ALA G 70 17.16 -13.25 -23.35
CA ALA G 70 17.71 -13.20 -24.70
C ALA G 70 18.28 -11.84 -25.03
N LYS G 71 17.70 -10.81 -24.40
CA LYS G 71 18.08 -9.40 -24.63
C LYS G 71 17.98 -9.06 -26.12
N ASP G 72 19.04 -8.52 -26.72
CA ASP G 72 19.03 -8.24 -28.15
C ASP G 72 19.93 -9.21 -28.92
N GLU G 73 20.27 -10.35 -28.33
CA GLU G 73 21.23 -11.28 -28.96
C GLU G 73 20.68 -12.00 -30.19
N ILE G 74 19.36 -12.18 -30.24
CA ILE G 74 18.68 -12.92 -31.29
C ILE G 74 17.38 -12.22 -31.65
N ALA G 75 16.73 -12.63 -32.73
CA ALA G 75 15.39 -12.11 -33.01
C ALA G 75 14.36 -12.81 -32.14
N LEU G 76 13.26 -12.12 -31.84
CA LEU G 76 12.17 -12.73 -31.04
C LEU G 76 10.81 -12.42 -31.63
N ILE G 77 9.99 -13.48 -31.75
CA ILE G 77 8.64 -13.41 -32.29
C ILE G 77 7.67 -13.87 -31.21
N ALA G 78 6.63 -13.07 -30.95
CA ALA G 78 5.66 -13.40 -29.89
C ALA G 78 4.36 -13.86 -30.54
N GLN G 79 4.01 -15.13 -30.31
CA GLN G 79 2.73 -15.69 -30.77
C GLN G 79 1.71 -15.28 -29.69
N VAL G 80 0.72 -14.49 -30.06
CA VAL G 80 -0.28 -13.96 -29.10
C VAL G 80 -1.73 -14.29 -29.46
N GLY G 81 -1.92 -15.12 -30.48
CA GLY G 81 -3.23 -15.57 -30.92
C GLY G 81 -4.02 -16.41 -29.94
N SER G 82 -5.33 -16.37 -30.14
CA SER G 82 -6.26 -16.95 -29.25
C SER G 82 -7.65 -16.92 -29.84
N VAL G 83 -8.53 -17.74 -29.27
CA VAL G 83 -9.97 -17.61 -29.60
C VAL G 83 -10.51 -16.26 -29.06
N ASN G 84 -9.82 -15.71 -28.03
CA ASN G 84 -10.21 -14.44 -27.40
C ASN G 84 -9.37 -13.33 -27.98
N LEU G 85 -9.97 -12.56 -28.91
CA LEU G 85 -9.31 -11.42 -29.58
C LEU G 85 -8.85 -10.38 -28.59
N GLN G 86 -9.65 -10.15 -27.55
CA GLN G 86 -9.22 -9.15 -26.56
C GLN G 86 -7.97 -9.58 -25.85
N GLU G 87 -7.89 -10.89 -25.51
CA GLU G 87 -6.66 -11.42 -24.92
C GLU G 87 -5.49 -11.33 -25.90
N ALA G 88 -5.70 -11.62 -27.20
CA ALA G 88 -4.65 -11.51 -28.19
C ALA G 88 -4.14 -10.06 -28.33
N ILE G 89 -5.04 -9.07 -28.23
CA ILE G 89 -4.67 -7.68 -28.24
C ILE G 89 -3.88 -7.30 -26.97
N GLU G 90 -4.36 -7.76 -25.84
CA GLU G 90 -3.67 -7.51 -24.58
C GLU G 90 -2.25 -8.07 -24.64
N LEU G 91 -2.13 -9.33 -25.06
CA LEU G 91 -0.80 -9.97 -25.17
C LEU G 91 0.09 -9.31 -26.23
N GLY G 92 -0.49 -8.96 -27.38
CA GLY G 92 0.23 -8.25 -28.45
C GLY G 92 0.75 -6.90 -28.02
N LYS G 93 -0.05 -6.16 -27.26
CA LYS G 93 0.44 -4.91 -26.68
C LYS G 93 1.60 -5.17 -25.71
N TYR G 94 1.47 -6.19 -24.87
CA TYR G 94 2.47 -6.44 -23.84
C TYR G 94 3.79 -6.88 -24.48
N ALA G 95 3.74 -7.81 -25.42
CA ALA G 95 4.97 -8.23 -26.11
C ALA G 95 5.58 -7.08 -26.91
N THR G 96 4.74 -6.22 -27.48
CA THR G 96 5.25 -5.04 -28.19
C THR G 96 5.99 -4.10 -27.23
N GLU G 97 5.45 -3.91 -26.04
CA GLU G 97 6.12 -3.08 -25.02
C GLU G 97 7.44 -3.65 -24.54
N LEU G 98 7.53 -4.97 -24.52
CA LEU G 98 8.76 -5.64 -24.17
C LEU G 98 9.82 -5.58 -25.27
N GLY G 99 9.42 -5.30 -26.51
CA GLY G 99 10.38 -5.14 -27.58
C GLY G 99 10.54 -6.31 -28.54
N TYR G 100 9.57 -7.21 -28.52
CA TYR G 100 9.54 -8.30 -29.48
C TYR G 100 9.52 -7.74 -30.89
N ASP G 101 10.27 -8.39 -31.77
CA ASP G 101 10.50 -7.93 -33.14
C ASP G 101 9.31 -8.06 -34.07
N SER G 102 8.45 -9.05 -33.84
CA SER G 102 7.19 -9.13 -34.57
C SER G 102 6.22 -9.89 -33.69
N LEU G 103 4.93 -9.72 -33.94
CA LEU G 103 3.95 -10.62 -33.36
C LEU G 103 3.65 -11.72 -34.38
N SER G 104 3.01 -12.77 -33.87
CA SER G 104 2.42 -13.81 -34.70
C SER G 104 1.12 -14.21 -34.02
N ALA G 105 0.19 -14.72 -34.83
CA ALA G 105 -1.07 -15.18 -34.25
C ALA G 105 -1.65 -16.33 -35.04
N VAL G 106 -1.95 -17.39 -34.30
CA VAL G 106 -2.68 -18.54 -34.86
C VAL G 106 -4.04 -18.07 -35.40
N THR G 107 -4.48 -18.68 -36.47
CA THR G 107 -5.84 -18.39 -36.94
C THR G 107 -6.82 -18.70 -35.78
N PRO G 108 -7.85 -17.85 -35.55
CA PRO G 108 -8.74 -18.19 -34.45
C PRO G 108 -9.47 -19.53 -34.72
N PHE G 109 -9.66 -20.29 -33.67
CA PHE G 109 -10.12 -21.68 -33.74
C PHE G 109 -11.33 -21.97 -32.83
N TYR G 110 -11.76 -23.24 -32.81
CA TYR G 110 -12.92 -23.75 -32.06
C TYR G 110 -14.17 -23.41 -32.85
N TYR G 111 -14.62 -22.15 -32.78
CA TYR G 111 -15.68 -21.72 -33.69
C TYR G 111 -15.21 -21.73 -35.13
N LYS G 112 -16.17 -21.93 -36.01
CA LYS G 112 -15.87 -21.91 -37.46
C LYS G 112 -15.96 -20.48 -37.98
N PHE G 113 -14.93 -19.71 -37.74
CA PHE G 113 -14.92 -18.32 -38.16
C PHE G 113 -14.83 -18.20 -39.68
N SER G 114 -15.52 -17.20 -40.23
CA SER G 114 -15.45 -16.88 -41.65
C SER G 114 -14.14 -16.21 -41.99
N PHE G 115 -13.80 -16.18 -43.29
CA PHE G 115 -12.57 -15.50 -43.65
C PHE G 115 -12.58 -14.00 -43.31
N PRO G 116 -13.69 -13.29 -43.59
CA PRO G 116 -13.75 -11.89 -43.15
C PRO G 116 -13.54 -11.69 -41.66
N GLU G 117 -14.02 -12.64 -40.84
CA GLU G 117 -13.78 -12.57 -39.40
C GLU G 117 -12.32 -12.82 -39.08
N ILE G 118 -11.70 -13.76 -39.79
CA ILE G 118 -10.27 -14.05 -39.59
C ILE G 118 -9.43 -12.82 -40.01
N LYS G 119 -9.76 -12.18 -41.13
CA LYS G 119 -8.99 -11.00 -41.53
C LYS G 119 -9.14 -9.86 -40.50
N HIS G 120 -10.36 -9.67 -39.98
CA HIS G 120 -10.60 -8.64 -38.98
C HIS G 120 -9.81 -8.86 -37.68
N TYR G 121 -9.69 -10.14 -37.31
CA TYR G 121 -8.86 -10.55 -36.16
C TYR G 121 -7.42 -10.11 -36.33
N TYR G 122 -6.81 -10.44 -37.49
CA TYR G 122 -5.44 -10.01 -37.74
C TYR G 122 -5.33 -8.49 -37.79
N ASP G 123 -6.25 -7.83 -38.50
CA ASP G 123 -6.15 -6.38 -38.62
C ASP G 123 -6.33 -5.71 -37.25
N SER G 124 -7.17 -6.31 -36.42
CA SER G 124 -7.44 -5.71 -35.07
C SER G 124 -6.22 -5.80 -34.15
N ILE G 125 -5.48 -6.90 -34.24
CA ILE G 125 -4.28 -7.05 -33.40
C ILE G 125 -3.23 -6.06 -33.88
N ILE G 126 -3.03 -5.99 -35.19
CA ILE G 126 -2.04 -5.05 -35.76
C ILE G 126 -2.40 -3.61 -35.41
N GLU G 127 -3.64 -3.21 -35.62
CA GLU G 127 -3.93 -1.80 -35.45
C GLU G 127 -3.92 -1.39 -33.98
N ALA G 128 -4.07 -2.36 -33.07
CA ALA G 128 -4.00 -1.98 -31.66
C ALA G 128 -2.56 -1.97 -31.08
N THR G 129 -1.60 -2.51 -31.82
CA THR G 129 -0.19 -2.62 -31.34
C THR G 129 0.80 -1.84 -32.20
N GLY G 130 0.51 -1.65 -33.49
CA GLY G 130 1.51 -1.06 -34.37
C GLY G 130 2.69 -1.97 -34.75
N ASN G 131 2.63 -3.25 -34.41
CA ASN G 131 3.77 -4.18 -34.65
C ASN G 131 3.51 -4.97 -35.92
N TYR G 132 4.57 -5.62 -36.42
CA TYR G 132 4.50 -6.59 -37.50
C TYR G 132 3.75 -7.82 -37.08
N MET G 133 3.21 -8.49 -38.09
CA MET G 133 2.41 -9.71 -37.86
C MET G 133 2.82 -10.83 -38.80
N ILE G 134 2.97 -12.02 -38.24
CA ILE G 134 3.18 -13.24 -39.00
C ILE G 134 1.95 -14.14 -38.79
N VAL G 135 1.22 -14.45 -39.87
CA VAL G 135 0.13 -15.41 -39.81
C VAL G 135 0.67 -16.79 -39.44
N TYR G 136 0.09 -17.41 -38.39
CA TYR G 136 0.45 -18.76 -37.98
C TYR G 136 -0.65 -19.69 -38.43
N SER G 137 -0.32 -20.47 -39.47
CA SER G 137 -1.23 -21.42 -40.04
C SER G 137 -0.88 -22.87 -39.66
N ILE G 138 -1.73 -23.52 -38.85
N ILE G 138 -1.80 -23.54 -38.98
CA ILE G 138 -1.56 -24.96 -38.52
CA ILE G 138 -1.55 -24.88 -38.50
C ILE G 138 -2.91 -25.64 -38.64
C ILE G 138 -2.84 -25.72 -38.61
N PRO G 139 -3.30 -25.96 -39.87
CA PRO G 139 -4.60 -26.61 -40.10
C PRO G 139 -4.77 -27.95 -39.40
N PHE G 140 -3.67 -28.67 -39.17
CA PHE G 140 -3.73 -29.96 -38.43
C PHE G 140 -4.39 -29.82 -37.07
N LEU G 141 -4.22 -28.67 -36.42
CA LEU G 141 -4.83 -28.46 -35.10
C LEU G 141 -6.07 -27.57 -35.18
N THR G 142 -6.07 -26.58 -36.08
CA THR G 142 -7.20 -25.65 -36.11
C THR G 142 -8.30 -26.02 -37.06
N GLY G 143 -7.98 -26.82 -38.07
CA GLY G 143 -8.92 -27.05 -39.22
C GLY G 143 -9.15 -25.91 -40.18
N VAL G 144 -8.35 -24.87 -40.08
CA VAL G 144 -8.56 -23.66 -40.89
C VAL G 144 -7.62 -23.73 -42.08
N ASN G 145 -8.17 -23.61 -43.29
CA ASN G 145 -7.35 -23.63 -44.48
C ASN G 145 -7.54 -22.30 -45.18
N ILE G 146 -6.43 -21.67 -45.48
CA ILE G 146 -6.39 -20.37 -46.12
C ILE G 146 -5.75 -20.57 -47.50
N GLY G 147 -6.39 -20.06 -48.53
CA GLY G 147 -5.88 -20.24 -49.89
C GLY G 147 -5.09 -19.04 -50.37
N VAL G 148 -4.64 -19.08 -51.62
CA VAL G 148 -3.70 -18.04 -52.08
C VAL G 148 -4.38 -16.68 -52.12
N GLU G 149 -5.59 -16.62 -52.70
CA GLU G 149 -6.32 -15.37 -52.79
C GLU G 149 -6.53 -14.81 -51.36
N GLN G 150 -6.85 -15.69 -50.41
CA GLN G 150 -7.10 -15.22 -49.02
C GLN G 150 -5.83 -14.71 -48.36
N PHE G 151 -4.69 -15.36 -48.60
CA PHE G 151 -3.41 -14.78 -48.10
C PHE G 151 -3.15 -13.39 -48.67
N GLY G 152 -3.51 -13.17 -49.94
CA GLY G 152 -3.40 -11.82 -50.53
C GLY G 152 -4.22 -10.76 -49.82
N GLU G 153 -5.41 -11.16 -49.36
CA GLU G 153 -6.30 -10.24 -48.64
C GLU G 153 -5.67 -9.90 -47.32
N LEU G 154 -5.14 -10.91 -46.63
CA LEU G 154 -4.39 -10.64 -45.38
C LEU G 154 -3.20 -9.72 -45.65
N TYR G 155 -2.52 -9.94 -46.79
CA TYR G 155 -1.32 -9.18 -47.12
C TYR G 155 -1.62 -7.72 -47.51
N LYS G 156 -2.90 -7.36 -47.62
CA LYS G 156 -3.26 -5.97 -47.89
C LYS G 156 -2.85 -5.05 -46.76
N ASN G 157 -2.74 -5.60 -45.54
CA ASN G 157 -2.19 -4.87 -44.41
C ASN G 157 -0.68 -4.91 -44.51
N PRO G 158 -0.01 -3.75 -44.72
CA PRO G 158 1.44 -3.77 -44.93
C PRO G 158 2.29 -4.27 -43.74
N LYS G 159 1.70 -4.38 -42.54
CA LYS G 159 2.42 -4.92 -41.37
C LYS G 159 2.46 -6.46 -41.37
N VAL G 160 1.70 -7.11 -42.23
CA VAL G 160 1.72 -8.58 -42.32
C VAL G 160 2.96 -8.99 -43.13
N LEU G 161 3.90 -9.67 -42.49
CA LEU G 161 5.16 -9.95 -43.14
C LEU G 161 5.13 -11.22 -44.00
N GLY G 162 4.23 -12.13 -43.65
CA GLY G 162 4.16 -13.45 -44.23
C GLY G 162 3.54 -14.45 -43.26
N VAL G 163 4.00 -15.69 -43.39
CA VAL G 163 3.27 -16.84 -42.81
C VAL G 163 4.25 -17.89 -42.29
N ALA G 164 3.96 -18.27 -41.05
CA ALA G 164 4.55 -19.43 -40.46
C ALA G 164 3.65 -20.61 -40.91
N PHE G 165 4.19 -21.36 -41.87
CA PHE G 165 3.44 -22.36 -42.65
C PHE G 165 3.72 -23.76 -42.09
N THR G 166 2.92 -24.16 -41.10
CA THR G 166 3.06 -25.47 -40.47
C THR G 166 1.97 -26.26 -41.10
N ALA G 167 2.18 -26.57 -42.37
CA ALA G 167 1.18 -27.12 -43.30
C ALA G 167 1.90 -27.94 -44.39
N GLY G 168 1.24 -29.00 -44.87
CA GLY G 168 1.85 -29.99 -45.78
C GLY G 168 1.65 -29.85 -47.27
N ASP G 169 0.89 -28.84 -47.69
CA ASP G 169 0.58 -28.68 -49.10
C ASP G 169 1.68 -27.90 -49.85
N PHE G 170 2.54 -28.63 -50.58
CA PHE G 170 3.67 -27.99 -51.23
C PHE G 170 3.29 -27.30 -52.53
N TYR G 171 2.11 -27.58 -53.06
CA TYR G 171 1.59 -26.81 -54.20
C TYR G 171 1.17 -25.40 -53.69
N LEU G 172 0.41 -25.35 -52.59
CA LEU G 172 0.07 -24.08 -51.96
C LEU G 172 1.34 -23.28 -51.65
N LEU G 173 2.33 -23.97 -51.11
CA LEU G 173 3.57 -23.31 -50.73
C LEU G 173 4.21 -22.65 -51.97
N GLU G 174 4.32 -23.42 -53.07
CA GLU G 174 4.89 -22.87 -54.29
C GLU G 174 4.09 -21.68 -54.81
N ARG G 175 2.77 -21.82 -54.77
CA ARG G 175 1.87 -20.79 -55.33
C ARG G 175 1.95 -19.50 -54.52
N LEU G 176 2.20 -19.66 -53.22
CA LEU G 176 2.30 -18.48 -52.34
C LEU G 176 3.59 -17.72 -52.62
N LYS G 177 4.68 -18.47 -52.80
CA LYS G 177 5.97 -17.86 -53.15
C LYS G 177 5.94 -17.20 -54.51
N LYS G 178 5.28 -17.83 -55.46
CA LYS G 178 5.11 -17.21 -56.78
C LYS G 178 4.27 -15.93 -56.69
N ALA G 179 3.15 -15.96 -55.98
CA ALA G 179 2.21 -14.83 -56.02
C ALA G 179 2.66 -13.63 -55.21
N TYR G 180 3.39 -13.87 -54.11
CA TYR G 180 3.74 -12.82 -53.13
C TYR G 180 5.22 -12.99 -52.80
N PRO G 181 6.07 -12.73 -53.82
CA PRO G 181 7.49 -13.05 -53.74
C PRO G 181 8.26 -12.27 -52.67
N ASN G 182 7.78 -11.08 -52.31
CA ASN G 182 8.42 -10.29 -51.23
C ASN G 182 7.93 -10.61 -49.84
N HIS G 183 6.92 -11.46 -49.74
CA HIS G 183 6.43 -11.86 -48.42
C HIS G 183 7.17 -13.08 -47.96
N LEU G 184 7.32 -13.23 -46.65
CA LEU G 184 8.17 -14.26 -46.11
C LEU G 184 7.38 -15.54 -45.81
N ILE G 185 8.06 -16.68 -45.89
CA ILE G 185 7.47 -17.94 -45.46
C ILE G 185 8.47 -18.64 -44.56
N TRP G 186 8.03 -18.98 -43.33
CA TRP G 186 8.81 -19.90 -42.53
C TRP G 186 8.19 -21.30 -42.59
N ALA G 187 8.98 -22.31 -42.90
CA ALA G 187 8.53 -23.68 -42.83
C ALA G 187 8.33 -24.13 -41.38
N GLY G 188 7.23 -24.82 -41.12
CA GLY G 188 6.90 -25.26 -39.74
C GLY G 188 6.95 -26.78 -39.49
N PHE G 189 7.29 -27.55 -40.52
CA PHE G 189 7.38 -29.01 -40.41
C PHE G 189 8.85 -29.42 -40.55
N ASP G 190 9.48 -29.63 -39.38
CA ASP G 190 10.91 -29.89 -39.29
C ASP G 190 11.32 -31.10 -40.15
N GLU G 191 10.44 -32.08 -40.25
CA GLU G 191 10.73 -33.30 -41.02
C GLU G 191 10.59 -33.10 -42.54
N MET G 192 10.12 -31.94 -42.97
CA MET G 192 10.08 -31.66 -44.40
C MET G 192 10.87 -30.40 -44.73
N MET G 193 11.97 -30.18 -44.01
CA MET G 193 12.72 -28.93 -44.18
C MET G 193 13.34 -28.84 -45.57
N LEU G 194 13.92 -29.97 -46.01
CA LEU G 194 14.65 -30.00 -47.26
C LEU G 194 13.72 -29.61 -48.44
N PRO G 195 12.58 -30.32 -48.61
CA PRO G 195 11.67 -29.94 -49.73
C PRO G 195 11.12 -28.50 -49.58
N ALA G 196 10.87 -28.03 -48.37
CA ALA G 196 10.41 -26.64 -48.23
C ALA G 196 11.50 -25.67 -48.65
N ALA G 197 12.72 -25.91 -48.20
CA ALA G 197 13.84 -25.02 -48.58
C ALA G 197 14.14 -25.07 -50.09
N SER G 198 13.78 -26.17 -50.75
CA SER G 198 13.98 -26.30 -52.20
C SER G 198 13.01 -25.38 -52.95
N LEU G 199 11.89 -25.01 -52.33
CA LEU G 199 10.91 -24.07 -52.93
C LEU G 199 11.17 -22.65 -52.50
N GLY G 200 12.25 -22.44 -51.77
CA GLY G 200 12.72 -21.07 -51.44
C GLY G 200 12.09 -20.38 -50.25
N VAL G 201 11.67 -21.17 -49.25
CA VAL G 201 11.18 -20.56 -47.96
C VAL G 201 12.34 -19.78 -47.39
N ASP G 202 12.03 -18.81 -46.53
CA ASP G 202 13.01 -17.85 -46.02
C ASP G 202 13.56 -18.26 -44.66
N GLY G 203 12.97 -19.29 -44.06
CA GLY G 203 13.40 -19.70 -42.72
C GLY G 203 12.57 -20.87 -42.28
N ALA G 204 12.76 -21.26 -41.02
CA ALA G 204 11.98 -22.35 -40.45
C ALA G 204 11.75 -22.06 -38.99
N ILE G 205 10.57 -22.47 -38.49
CA ILE G 205 10.27 -22.39 -37.03
C ILE G 205 9.96 -23.81 -36.61
N GLY G 206 10.65 -24.30 -35.59
CA GLY G 206 10.56 -25.74 -35.24
C GLY G 206 10.76 -26.08 -33.77
N SER G 207 9.93 -26.98 -33.26
CA SER G 207 10.10 -27.53 -31.90
C SER G 207 11.38 -28.33 -31.74
N THR G 208 11.75 -29.08 -32.77
CA THR G 208 12.95 -29.94 -32.65
C THR G 208 14.27 -29.16 -32.70
N PHE G 209 14.24 -27.88 -33.06
CA PHE G 209 15.45 -27.12 -33.16
C PHE G 209 16.01 -26.82 -31.77
N ASN G 210 15.14 -26.90 -30.73
CA ASN G 210 15.59 -26.85 -29.33
C ASN G 210 16.73 -27.85 -29.04
N VAL G 211 16.76 -28.99 -29.77
CA VAL G 211 17.83 -29.97 -29.58
C VAL G 211 18.63 -30.34 -30.82
N ASN G 212 18.06 -30.10 -32.01
CA ASN G 212 18.67 -30.48 -33.29
C ASN G 212 18.98 -29.29 -34.20
N GLY G 213 19.15 -28.11 -33.59
CA GLY G 213 19.36 -26.86 -34.31
C GLY G 213 20.60 -26.84 -35.18
N VAL G 214 21.63 -27.61 -34.80
CA VAL G 214 22.86 -27.74 -35.62
C VAL G 214 22.56 -28.41 -36.98
N ARG G 215 21.97 -29.62 -36.97
CA ARG G 215 21.56 -30.22 -38.24
C ARG G 215 20.55 -29.38 -39.00
N ALA G 216 19.61 -28.79 -38.26
CA ALA G 216 18.55 -28.03 -38.94
C ALA G 216 19.14 -26.91 -39.79
N ARG G 217 20.09 -26.16 -39.21
CA ARG G 217 20.78 -25.10 -39.94
C ARG G 217 21.50 -25.68 -41.18
N GLN G 218 22.17 -26.81 -40.99
CA GLN G 218 22.89 -27.48 -42.07
C GLN G 218 22.00 -27.83 -43.26
N ILE G 219 20.84 -28.45 -42.98
CA ILE G 219 19.90 -28.82 -44.08
C ILE G 219 19.50 -27.55 -44.83
N PHE G 220 19.12 -26.53 -44.05
CA PHE G 220 18.60 -25.27 -44.62
C PHE G 220 19.63 -24.61 -45.52
N GLU G 221 20.85 -24.42 -45.00
CA GLU G 221 21.91 -23.74 -45.76
C GLU G 221 22.47 -24.57 -46.90
N LEU G 222 22.61 -25.87 -46.71
CA LEU G 222 23.10 -26.72 -47.81
C LEU G 222 22.11 -26.72 -48.96
N THR G 223 20.81 -26.81 -48.64
CA THR G 223 19.77 -26.82 -49.65
C THR G 223 19.79 -25.51 -50.43
N GLN G 224 19.90 -24.39 -49.73
CA GLN G 224 19.95 -23.08 -50.36
C GLN G 224 21.19 -22.93 -51.24
N ALA G 225 22.27 -23.65 -50.89
CA ALA G 225 23.50 -23.67 -51.70
C ALA G 225 23.46 -24.69 -52.84
N GLY G 226 22.35 -25.40 -52.99
CA GLY G 226 22.24 -26.43 -54.06
C GLY G 226 22.99 -27.73 -53.79
N LYS G 227 23.43 -27.93 -52.55
CA LYS G 227 24.08 -29.18 -52.12
C LYS G 227 23.06 -30.20 -51.61
N LEU G 228 22.24 -30.72 -52.51
CA LEU G 228 21.08 -31.52 -52.10
C LEU G 228 21.50 -32.87 -51.56
N LYS G 229 22.48 -33.52 -52.18
CA LYS G 229 22.95 -34.83 -51.73
C LYS G 229 23.33 -34.79 -50.25
N GLU G 230 24.17 -33.82 -49.91
CA GLU G 230 24.57 -33.57 -48.52
C GLU G 230 23.40 -33.22 -47.61
N ALA G 231 22.56 -32.31 -48.05
CA ALA G 231 21.41 -31.93 -47.24
C ALA G 231 20.50 -33.16 -46.98
N LEU G 232 20.26 -33.95 -48.03
CA LEU G 232 19.42 -35.15 -47.87
C LEU G 232 19.97 -36.10 -46.82
N GLU G 233 21.27 -36.32 -46.80
CA GLU G 233 21.85 -37.27 -45.81
C GLU G 233 21.53 -36.78 -44.41
N ILE G 234 21.64 -35.47 -44.23
CA ILE G 234 21.35 -34.87 -42.91
C ILE G 234 19.84 -34.86 -42.58
N GLN G 235 18.98 -34.65 -43.59
CA GLN G 235 17.53 -34.77 -43.38
C GLN G 235 17.16 -36.20 -42.98
N HIS G 236 17.85 -37.20 -43.54
CA HIS G 236 17.53 -38.59 -43.22
C HIS G 236 17.86 -38.86 -41.75
N VAL G 237 19.00 -38.36 -41.28
CA VAL G 237 19.39 -38.61 -39.88
C VAL G 237 18.45 -37.83 -38.94
N THR G 238 18.15 -36.60 -39.34
CA THR G 238 17.20 -35.76 -38.60
C THR G 238 15.85 -36.45 -38.45
N ASN G 239 15.36 -37.06 -39.53
CA ASN G 239 14.06 -37.70 -39.44
C ASN G 239 14.08 -39.02 -38.72
N ASP G 240 15.24 -39.71 -38.67
CA ASP G 240 15.35 -40.82 -37.70
C ASP G 240 15.12 -40.35 -36.29
N LEU G 241 15.74 -39.23 -35.96
CA LEU G 241 15.55 -38.61 -34.66
C LEU G 241 14.10 -38.16 -34.45
N ILE G 242 13.53 -37.47 -35.42
CA ILE G 242 12.18 -36.93 -35.27
C ILE G 242 11.16 -38.06 -35.18
N GLU G 243 11.36 -39.12 -35.94
CA GLU G 243 10.47 -40.30 -35.88
C GLU G 243 10.45 -40.83 -34.44
N GLY G 244 11.63 -40.91 -33.83
CA GLY G 244 11.73 -41.42 -32.43
C GLY G 244 11.03 -40.48 -31.44
N ILE G 245 11.24 -39.18 -31.63
CA ILE G 245 10.67 -38.16 -30.74
C ILE G 245 9.13 -38.23 -30.79
N LEU G 246 8.58 -38.28 -32.01
CA LEU G 246 7.12 -38.38 -32.16
C LEU G 246 6.55 -39.65 -31.54
N ALA G 247 7.24 -40.78 -31.75
CA ALA G 247 6.77 -42.08 -31.22
C ALA G 247 6.72 -42.05 -29.70
N ASN G 248 7.69 -41.35 -29.13
CA ASN G 248 7.92 -41.41 -27.66
C ASN G 248 7.06 -40.39 -26.98
N GLY G 249 6.61 -39.38 -27.73
CA GLY G 249 5.82 -38.27 -27.19
C GLY G 249 6.65 -37.01 -27.28
N LEU G 250 6.29 -36.12 -28.23
CA LEU G 250 7.16 -35.03 -28.62
C LEU G 250 7.55 -34.09 -27.48
N TYR G 251 6.57 -33.56 -26.75
CA TYR G 251 6.83 -32.50 -25.82
C TYR G 251 7.81 -32.98 -24.71
N LEU G 252 7.47 -34.11 -24.09
CA LEU G 252 8.32 -34.59 -22.98
C LEU G 252 9.65 -35.14 -23.46
N THR G 253 9.70 -35.67 -24.68
CA THR G 253 10.94 -36.25 -25.20
C THR G 253 11.95 -35.15 -25.52
N ILE G 254 11.50 -34.07 -26.15
CA ILE G 254 12.37 -32.91 -26.34
C ILE G 254 12.87 -32.40 -24.98
N LYS G 255 11.96 -32.27 -24.02
CA LYS G 255 12.41 -31.87 -22.67
C LYS G 255 13.41 -32.82 -22.09
N GLU G 256 13.23 -34.12 -22.30
CA GLU G 256 14.21 -35.08 -21.76
C GLU G 256 15.60 -34.95 -22.44
N LEU G 257 15.61 -34.73 -23.76
CA LEU G 257 16.87 -34.51 -24.46
C LEU G 257 17.59 -33.23 -23.97
N LEU G 258 16.81 -32.21 -23.60
CA LEU G 258 17.39 -30.98 -23.01
C LEU G 258 18.01 -31.31 -21.64
N LYS G 259 17.26 -32.10 -20.86
CA LYS G 259 17.69 -32.49 -19.51
C LYS G 259 18.97 -33.32 -19.56
N LEU G 260 19.12 -34.11 -20.61
CA LEU G 260 20.33 -34.92 -20.78
C LEU G 260 21.56 -34.07 -21.07
N ASP G 261 21.35 -32.82 -21.47
CA ASP G 261 22.42 -31.82 -21.70
C ASP G 261 22.51 -30.80 -20.58
N GLY G 262 21.90 -31.08 -19.43
CA GLY G 262 22.00 -30.23 -18.27
C GLY G 262 20.99 -29.09 -18.16
N VAL G 263 20.01 -29.03 -19.04
CA VAL G 263 18.98 -27.99 -19.02
C VAL G 263 17.77 -28.46 -18.24
N GLU G 264 17.34 -27.60 -17.30
CA GLU G 264 16.26 -27.95 -16.38
C GLU G 264 14.90 -27.72 -17.05
N ALA G 265 14.58 -28.61 -17.98
CA ALA G 265 13.49 -28.36 -18.92
C ALA G 265 12.12 -28.63 -18.31
N GLY G 266 12.12 -29.29 -17.14
CA GLY G 266 10.91 -29.36 -16.32
C GLY G 266 9.86 -30.38 -16.78
N TYR G 267 8.68 -30.25 -16.18
CA TYR G 267 7.51 -31.09 -16.50
C TYR G 267 6.77 -30.51 -17.70
N CYS G 268 5.82 -31.29 -18.20
CA CYS G 268 4.78 -30.69 -19.10
C CYS G 268 3.62 -30.19 -18.23
N ARG G 269 2.73 -29.44 -18.85
CA ARG G 269 1.62 -28.82 -18.16
C ARG G 269 0.36 -29.63 -18.41
N GLU G 270 -0.33 -30.01 -17.33
CA GLU G 270 -1.62 -30.75 -17.50
C GLU G 270 -2.65 -29.81 -18.16
N PRO G 271 -3.52 -30.33 -19.02
CA PRO G 271 -3.86 -31.71 -19.27
C PRO G 271 -2.96 -32.57 -20.18
N MET G 272 -1.84 -32.04 -20.69
CA MET G 272 -0.81 -32.95 -21.22
C MET G 272 -0.27 -33.83 -20.10
N THR G 273 0.18 -35.02 -20.46
CA THR G 273 0.88 -35.90 -19.51
C THR G 273 2.09 -35.15 -18.91
N LYS G 274 2.14 -35.07 -17.56
CA LYS G 274 3.08 -34.21 -16.85
C LYS G 274 4.52 -34.73 -16.82
N GLU G 275 4.67 -36.05 -16.66
CA GLU G 275 5.95 -36.62 -16.31
C GLU G 275 6.26 -37.81 -17.25
N LEU G 276 7.48 -37.89 -17.69
CA LEU G 276 7.88 -38.95 -18.62
C LEU G 276 8.19 -40.21 -17.82
N SER G 277 7.59 -41.31 -18.25
CA SER G 277 7.79 -42.61 -17.60
C SER G 277 9.22 -43.14 -17.80
N SER G 278 9.63 -44.08 -16.96
CA SER G 278 10.98 -44.63 -17.10
C SER G 278 11.25 -45.28 -18.44
N GLU G 279 10.25 -45.93 -19.03
CA GLU G 279 10.50 -46.60 -20.29
C GLU G 279 10.70 -45.58 -21.43
N LYS G 280 10.02 -44.45 -21.30
CA LYS G 280 10.17 -43.38 -22.29
C LYS G 280 11.46 -42.59 -22.04
N VAL G 281 11.86 -42.48 -20.78
CA VAL G 281 13.16 -41.88 -20.47
C VAL G 281 14.27 -42.75 -21.05
N ALA G 282 14.20 -44.07 -20.88
CA ALA G 282 15.18 -44.97 -21.43
C ALA G 282 15.25 -44.83 -22.97
N PHE G 283 14.09 -44.71 -23.63
CA PHE G 283 14.01 -44.57 -25.11
C PHE G 283 14.70 -43.24 -25.51
N ALA G 284 14.42 -42.16 -24.79
CA ALA G 284 15.05 -40.86 -25.09
C ALA G 284 16.57 -40.91 -24.92
N LYS G 285 17.07 -41.64 -23.90
CA LYS G 285 18.49 -41.83 -23.73
C LYS G 285 19.12 -42.54 -24.92
N GLU G 286 18.41 -43.50 -25.52
CA GLU G 286 18.90 -44.15 -26.72
C GLU G 286 18.92 -43.17 -27.90
N LEU G 287 17.88 -42.34 -28.01
CA LEU G 287 17.90 -41.31 -29.09
C LEU G 287 19.10 -40.37 -28.91
N LYS G 288 19.37 -39.99 -27.67
CA LYS G 288 20.46 -39.08 -27.36
C LYS G 288 21.73 -39.76 -27.82
N ALA G 289 21.93 -41.02 -27.41
CA ALA G 289 23.18 -41.73 -27.77
C ALA G 289 23.32 -41.86 -29.28
N LYS G 290 22.24 -42.13 -29.99
CA LYS G 290 22.33 -42.43 -31.43
C LYS G 290 22.52 -41.16 -32.26
N TYR G 291 21.91 -40.05 -31.82
CA TYR G 291 21.74 -38.87 -32.70
C TYR G 291 22.28 -37.52 -32.20
N LEU G 292 22.53 -37.42 -30.90
CA LEU G 292 22.86 -36.14 -30.24
C LEU G 292 24.00 -36.28 -29.22
N SER G 293 24.94 -37.16 -29.49
CA SER G 293 26.06 -37.22 -28.55
C SER G 293 27.32 -37.24 -29.36
N MET H 1 -30.84 -33.97 -5.90
CA MET H 1 -30.44 -32.63 -6.46
C MET H 1 -31.71 -31.86 -6.90
N LYS H 2 -31.62 -31.18 -8.06
CA LYS H 2 -32.80 -30.73 -8.82
C LYS H 2 -32.87 -31.62 -10.02
N ASN H 3 -34.08 -31.75 -10.57
CA ASN H 3 -34.31 -32.56 -11.75
C ASN H 3 -33.60 -31.88 -12.92
N LEU H 4 -32.76 -32.66 -13.62
CA LEU H 4 -32.03 -32.11 -14.78
C LEU H 4 -32.57 -32.56 -16.12
N LYS H 5 -33.72 -33.24 -16.11
CA LYS H 5 -34.34 -33.67 -17.38
C LYS H 5 -35.04 -32.51 -18.04
N GLY H 6 -35.28 -32.66 -19.35
CA GLY H 6 -36.12 -31.72 -20.06
C GLY H 6 -35.40 -30.71 -20.94
N ILE H 7 -36.02 -29.54 -21.09
CA ILE H 7 -35.59 -28.55 -22.11
C ILE H 7 -34.70 -27.51 -21.44
N PHE H 8 -33.46 -27.41 -21.92
CA PHE H 8 -32.49 -26.40 -21.48
C PHE H 8 -32.08 -25.50 -22.61
N SER H 9 -32.27 -24.20 -22.47
CA SER H 9 -31.67 -23.24 -23.42
C SER H 9 -30.18 -23.07 -23.12
N ALA H 10 -29.39 -23.12 -24.18
CA ALA H 10 -27.97 -22.80 -24.09
C ALA H 10 -27.97 -21.25 -24.04
N LEU H 11 -27.63 -20.68 -22.90
CA LEU H 11 -27.87 -19.22 -22.70
C LEU H 11 -27.00 -18.36 -23.59
N LEU H 12 -27.65 -17.49 -24.38
CA LEU H 12 -26.93 -16.45 -25.12
C LEU H 12 -26.63 -15.29 -24.18
N VAL H 13 -25.60 -14.52 -24.53
CA VAL H 13 -25.17 -13.42 -23.69
C VAL H 13 -25.26 -12.11 -24.47
N SER H 14 -25.74 -11.06 -23.78
CA SER H 14 -25.81 -9.75 -24.37
C SER H 14 -24.48 -9.00 -24.17
N PHE H 15 -23.87 -8.58 -25.28
CA PHE H 15 -22.59 -7.83 -25.23
C PHE H 15 -22.84 -6.40 -25.69
N ASN H 16 -22.08 -5.48 -25.13
CA ASN H 16 -21.98 -4.13 -25.63
C ASN H 16 -21.08 -4.10 -26.86
N ALA H 17 -20.88 -2.92 -27.48
CA ALA H 17 -20.20 -2.88 -28.79
C ALA H 17 -18.73 -3.11 -28.60
N ASP H 18 -18.25 -2.92 -27.37
CA ASP H 18 -16.84 -3.13 -27.07
C ASP H 18 -16.55 -4.56 -26.62
N GLY H 19 -17.56 -5.41 -26.58
CA GLY H 19 -17.33 -6.83 -26.21
C GLY H 19 -17.56 -7.06 -24.73
N SER H 20 -17.79 -5.99 -23.97
CA SER H 20 -18.15 -6.14 -22.52
C SER H 20 -19.58 -6.69 -22.32
N ILE H 21 -19.80 -7.37 -21.18
CA ILE H 21 -21.14 -7.92 -20.91
C ILE H 21 -22.11 -6.80 -20.55
N ASN H 22 -23.27 -6.82 -21.18
N ASN H 22 -23.26 -6.79 -21.20
CA ASN H 22 -24.37 -5.93 -20.82
CA ASN H 22 -24.34 -5.91 -20.76
C ASN H 22 -25.28 -6.64 -19.80
C ASN H 22 -25.24 -6.65 -19.79
N GLU H 23 -25.11 -6.33 -18.50
CA GLU H 23 -25.87 -7.04 -17.43
C GLU H 23 -27.39 -6.93 -17.57
N LYS H 24 -27.88 -5.72 -17.86
CA LYS H 24 -29.30 -5.54 -18.02
C LYS H 24 -29.82 -6.48 -19.10
N GLY H 25 -29.11 -6.50 -20.23
CA GLY H 25 -29.51 -7.36 -21.36
C GLY H 25 -29.45 -8.83 -21.01
N LEU H 26 -28.38 -9.23 -20.32
CA LEU H 26 -28.25 -10.64 -19.97
C LEU H 26 -29.41 -11.06 -19.02
N ARG H 27 -29.78 -10.18 -18.10
CA ARG H 27 -30.90 -10.47 -17.20
C ARG H 27 -32.19 -10.61 -18.01
N GLN H 28 -32.36 -9.75 -19.00
CA GLN H 28 -33.57 -9.89 -19.85
C GLN H 28 -33.61 -11.23 -20.62
N ILE H 29 -32.45 -11.69 -21.08
CA ILE H 29 -32.40 -12.98 -21.80
C ILE H 29 -32.79 -14.09 -20.84
N VAL H 30 -32.24 -14.03 -19.61
CA VAL H 30 -32.57 -15.06 -18.60
C VAL H 30 -34.06 -15.11 -18.31
N ARG H 31 -34.66 -13.94 -18.05
CA ARG H 31 -36.10 -13.80 -17.79
C ARG H 31 -36.94 -14.30 -18.93
N TYR H 32 -36.55 -13.98 -20.17
CA TYR H 32 -37.30 -14.43 -21.33
C TYR H 32 -37.32 -15.94 -21.39
N ASN H 33 -36.15 -16.56 -21.14
CA ASN H 33 -36.10 -18.04 -21.21
C ASN H 33 -36.99 -18.66 -20.10
N ILE H 34 -36.92 -18.10 -18.90
CA ILE H 34 -37.72 -18.65 -17.78
C ILE H 34 -39.22 -18.40 -17.98
N ASP H 35 -39.58 -17.16 -18.27
CA ASP H 35 -40.98 -16.72 -18.28
C ASP H 35 -41.73 -16.95 -19.58
N LYS H 36 -41.06 -16.85 -20.73
CA LYS H 36 -41.71 -16.93 -22.02
C LYS H 36 -41.41 -18.25 -22.75
N MET H 37 -40.16 -18.68 -22.72
CA MET H 37 -39.80 -19.97 -23.32
C MET H 37 -40.12 -21.16 -22.41
N LYS H 38 -40.39 -20.88 -21.11
CA LYS H 38 -40.75 -21.90 -20.15
C LYS H 38 -39.79 -23.08 -20.13
N VAL H 39 -38.50 -22.78 -20.06
CA VAL H 39 -37.45 -23.80 -20.06
C VAL H 39 -37.43 -24.49 -18.71
N ASP H 40 -36.96 -25.72 -18.69
CA ASP H 40 -36.65 -26.37 -17.38
C ASP H 40 -35.37 -25.87 -16.79
N GLY H 41 -34.45 -25.42 -17.63
CA GLY H 41 -33.17 -24.89 -17.09
C GLY H 41 -32.37 -24.15 -18.15
N LEU H 42 -31.23 -23.64 -17.70
CA LEU H 42 -30.26 -22.96 -18.56
C LEU H 42 -28.92 -23.66 -18.45
N TYR H 43 -28.30 -23.82 -19.62
CA TYR H 43 -26.92 -24.29 -19.72
C TYR H 43 -26.05 -23.04 -20.02
N VAL H 44 -25.27 -22.65 -19.02
CA VAL H 44 -24.55 -21.37 -19.05
C VAL H 44 -23.06 -21.57 -19.32
N GLY H 45 -22.49 -20.70 -20.16
CA GLY H 45 -21.05 -20.74 -20.45
C GLY H 45 -20.69 -21.75 -21.55
N GLY H 46 -21.68 -22.07 -22.36
CA GLY H 46 -21.50 -23.03 -23.44
C GLY H 46 -21.02 -22.34 -24.71
N SER H 47 -20.85 -23.15 -25.77
CA SER H 47 -20.47 -22.56 -27.10
C SER H 47 -21.39 -21.40 -27.44
N THR H 48 -22.68 -21.60 -27.21
CA THR H 48 -23.73 -20.60 -27.53
C THR H 48 -23.56 -19.26 -26.84
N GLY H 49 -23.02 -19.35 -25.61
CA GLY H 49 -22.75 -18.18 -24.81
C GLY H 49 -21.54 -17.41 -25.29
N GLU H 50 -20.94 -17.77 -26.43
CA GLU H 50 -19.69 -17.12 -26.91
C GLU H 50 -18.52 -17.30 -25.91
N ASN H 51 -18.65 -18.34 -25.10
CA ASN H 51 -17.77 -18.52 -23.91
C ASN H 51 -16.28 -18.56 -24.24
N PHE H 52 -15.95 -19.26 -25.33
CA PHE H 52 -14.53 -19.54 -25.64
C PHE H 52 -13.76 -18.32 -26.15
N MET H 53 -14.49 -17.23 -26.39
CA MET H 53 -13.92 -15.96 -26.80
C MET H 53 -13.73 -14.98 -25.62
N LEU H 54 -14.01 -15.46 -24.39
CA LEU H 54 -14.01 -14.55 -23.18
C LEU H 54 -12.88 -14.83 -22.18
N SER H 55 -12.64 -13.84 -21.33
CA SER H 55 -11.65 -14.00 -20.24
C SER H 55 -12.30 -14.75 -19.08
N THR H 56 -11.46 -15.23 -18.15
CA THR H 56 -11.98 -15.91 -16.97
C THR H 56 -12.91 -14.97 -16.16
N GLU H 57 -12.50 -13.72 -15.96
CA GLU H 57 -13.32 -12.75 -15.22
C GLU H 57 -14.69 -12.53 -15.87
N GLU H 58 -14.72 -12.49 -17.21
CA GLU H 58 -16.01 -12.34 -17.91
C GLU H 58 -16.90 -13.59 -17.74
N LYS H 59 -16.29 -14.78 -17.80
CA LYS H 59 -17.09 -15.99 -17.63
C LYS H 59 -17.71 -16.01 -16.22
N LYS H 60 -16.91 -15.59 -15.24
CA LYS H 60 -17.42 -15.54 -13.84
C LYS H 60 -18.58 -14.55 -13.74
N GLU H 61 -18.45 -13.41 -14.40
CA GLU H 61 -19.54 -12.42 -14.35
C GLU H 61 -20.82 -12.99 -14.92
N ILE H 62 -20.73 -13.70 -16.04
CA ILE H 62 -21.90 -14.34 -16.60
C ILE H 62 -22.51 -15.37 -15.65
N PHE H 63 -21.71 -16.21 -14.99
CA PHE H 63 -22.23 -17.19 -14.03
C PHE H 63 -22.99 -16.48 -12.90
N ARG H 64 -22.38 -15.44 -12.35
CA ARG H 64 -22.97 -14.66 -11.26
C ARG H 64 -24.33 -14.06 -11.61
N ILE H 65 -24.38 -13.36 -12.73
CA ILE H 65 -25.60 -12.68 -13.18
C ILE H 65 -26.70 -13.71 -13.50
N ALA H 66 -26.36 -14.75 -14.27
CA ALA H 66 -27.39 -15.75 -14.63
C ALA H 66 -28.00 -16.34 -13.34
N LYS H 67 -27.16 -16.75 -12.39
CA LYS H 67 -27.69 -17.34 -11.17
C LYS H 67 -28.53 -16.33 -10.30
N ASP H 68 -28.07 -15.08 -10.24
CA ASP H 68 -28.77 -14.08 -9.41
C ASP H 68 -30.13 -13.78 -9.99
N GLU H 69 -30.21 -13.79 -11.32
CA GLU H 69 -31.51 -13.55 -11.96
C GLU H 69 -32.45 -14.76 -11.84
N ALA H 70 -31.92 -15.96 -12.08
CA ALA H 70 -32.72 -17.18 -12.13
C ALA H 70 -33.10 -17.65 -10.76
N LYS H 71 -32.26 -17.34 -9.77
CA LYS H 71 -32.45 -17.86 -8.40
C LYS H 71 -32.68 -19.38 -8.45
N ASP H 72 -33.75 -19.89 -7.84
CA ASP H 72 -34.01 -21.32 -7.80
C ASP H 72 -35.20 -21.70 -8.63
N GLU H 73 -35.59 -20.84 -9.57
CA GLU H 73 -36.83 -21.10 -10.32
C GLU H 73 -36.66 -22.20 -11.34
N ILE H 74 -35.41 -22.38 -11.81
CA ILE H 74 -35.08 -23.40 -12.83
C ILE H 74 -33.76 -24.09 -12.45
N ALA H 75 -33.45 -25.20 -13.13
CA ALA H 75 -32.14 -25.83 -13.01
C ALA H 75 -31.08 -25.04 -13.79
N LEU H 76 -29.84 -25.06 -13.31
CA LEU H 76 -28.75 -24.36 -13.97
C LEU H 76 -27.53 -25.27 -14.04
N ILE H 77 -26.99 -25.40 -15.23
CA ILE H 77 -25.76 -26.18 -15.46
C ILE H 77 -24.68 -25.19 -15.95
N ALA H 78 -23.49 -25.28 -15.33
CA ALA H 78 -22.36 -24.37 -15.66
C ALA H 78 -21.28 -25.10 -16.48
N GLN H 79 -21.12 -24.70 -17.76
CA GLN H 79 -20.04 -25.27 -18.59
C GLN H 79 -18.75 -24.49 -18.26
N VAL H 80 -17.73 -25.20 -17.78
CA VAL H 80 -16.50 -24.62 -17.27
C VAL H 80 -15.25 -25.18 -17.98
N GLY H 81 -15.45 -26.00 -19.00
CA GLY H 81 -14.35 -26.57 -19.73
C GLY H 81 -13.50 -25.56 -20.49
N SER H 82 -12.27 -25.98 -20.76
CA SER H 82 -11.25 -25.16 -21.39
C SER H 82 -10.06 -26.02 -21.80
N VAL H 83 -9.22 -25.53 -22.69
CA VAL H 83 -7.90 -26.14 -22.90
C VAL H 83 -7.01 -25.93 -21.63
N ASN H 84 -7.34 -24.94 -20.81
CA ASN H 84 -6.61 -24.70 -19.53
C ASN H 84 -7.34 -25.35 -18.38
N LEU H 85 -6.77 -26.44 -17.87
CA LEU H 85 -7.33 -27.22 -16.78
C LEU H 85 -7.44 -26.37 -15.49
N GLN H 86 -6.45 -25.51 -15.25
CA GLN H 86 -6.47 -24.68 -14.03
C GLN H 86 -7.61 -23.69 -14.08
N GLU H 87 -7.89 -23.17 -15.29
CA GLU H 87 -9.02 -22.27 -15.48
C GLU H 87 -10.36 -23.03 -15.28
N ALA H 88 -10.45 -24.25 -15.82
CA ALA H 88 -11.66 -25.05 -15.67
C ALA H 88 -11.96 -25.31 -14.19
N ILE H 89 -10.92 -25.58 -13.41
CA ILE H 89 -11.07 -25.81 -11.99
C ILE H 89 -11.53 -24.50 -11.26
N GLU H 90 -10.88 -23.38 -11.58
CA GLU H 90 -11.26 -22.08 -11.00
C GLU H 90 -12.73 -21.77 -11.29
N LEU H 91 -13.15 -21.96 -12.55
CA LEU H 91 -14.55 -21.66 -12.88
C LEU H 91 -15.48 -22.68 -12.23
N GLY H 92 -15.06 -23.96 -12.20
CA GLY H 92 -15.90 -24.98 -11.60
C GLY H 92 -16.13 -24.70 -10.11
N LYS H 93 -15.09 -24.32 -9.39
CA LYS H 93 -15.25 -23.94 -7.98
C LYS H 93 -16.19 -22.75 -7.84
N TYR H 94 -16.03 -21.75 -8.70
CA TYR H 94 -16.82 -20.55 -8.56
C TYR H 94 -18.28 -20.85 -8.85
N ALA H 95 -18.53 -21.59 -9.95
CA ALA H 95 -19.94 -21.97 -10.23
C ALA H 95 -20.55 -22.86 -9.14
N THR H 96 -19.75 -23.73 -8.52
CA THR H 96 -20.30 -24.59 -7.46
C THR H 96 -20.63 -23.72 -6.22
N GLU H 97 -19.73 -22.79 -5.89
CA GLU H 97 -20.03 -21.80 -4.81
C GLU H 97 -21.37 -21.06 -5.03
N LEU H 98 -21.63 -20.65 -6.27
CA LEU H 98 -22.89 -19.96 -6.59
C LEU H 98 -24.14 -20.85 -6.56
N GLY H 99 -23.94 -22.16 -6.59
CA GLY H 99 -25.02 -23.12 -6.41
C GLY H 99 -25.55 -23.72 -7.73
N TYR H 100 -24.73 -23.67 -8.77
CA TYR H 100 -25.08 -24.38 -10.03
C TYR H 100 -25.30 -25.87 -9.72
N ASP H 101 -26.38 -26.43 -10.30
CA ASP H 101 -26.81 -27.81 -10.00
C ASP H 101 -25.86 -28.91 -10.50
N SER H 102 -25.17 -28.63 -11.59
CA SER H 102 -24.08 -29.49 -12.10
C SER H 102 -23.11 -28.61 -12.87
N LEU H 103 -21.90 -29.11 -13.03
CA LEU H 103 -20.98 -28.58 -14.02
C LEU H 103 -21.06 -29.41 -15.26
N SER H 104 -20.48 -28.84 -16.32
CA SER H 104 -20.29 -29.49 -17.59
C SER H 104 -18.91 -29.05 -18.10
N ALA H 105 -18.23 -29.88 -18.92
CA ALA H 105 -16.95 -29.42 -19.49
C ALA H 105 -16.75 -30.06 -20.84
N VAL H 106 -16.49 -29.19 -21.81
CA VAL H 106 -16.08 -29.62 -23.13
C VAL H 106 -14.80 -30.47 -23.04
N THR H 107 -14.71 -31.46 -23.90
CA THR H 107 -13.46 -32.21 -23.98
C THR H 107 -12.35 -31.22 -24.35
N PRO H 108 -11.19 -31.32 -23.73
CA PRO H 108 -10.12 -30.34 -24.05
C PRO H 108 -9.69 -30.52 -25.49
N PHE H 109 -9.48 -29.38 -26.12
CA PHE H 109 -9.32 -29.29 -27.57
C PHE H 109 -7.98 -28.58 -27.97
N TYR H 110 -7.84 -28.27 -29.26
CA TYR H 110 -6.63 -27.72 -29.88
C TYR H 110 -5.51 -28.73 -29.93
N TYR H 111 -4.90 -29.01 -28.80
CA TYR H 111 -3.97 -30.14 -28.79
C TYR H 111 -4.67 -31.47 -28.93
N LYS H 112 -3.97 -32.48 -29.41
CA LYS H 112 -4.61 -33.77 -29.60
C LYS H 112 -4.38 -34.62 -28.33
N PHE H 113 -5.20 -34.36 -27.33
CA PHE H 113 -5.06 -35.03 -26.03
C PHE H 113 -5.42 -36.50 -26.18
N SER H 114 -4.69 -37.37 -25.48
CA SER H 114 -5.06 -38.80 -25.43
C SER H 114 -6.28 -39.02 -24.52
N PHE H 115 -6.88 -40.21 -24.59
CA PHE H 115 -8.01 -40.46 -23.74
C PHE H 115 -7.58 -40.44 -22.27
N PRO H 116 -6.44 -41.05 -21.92
CA PRO H 116 -6.06 -40.95 -20.47
C PRO H 116 -5.94 -39.51 -19.95
N GLU H 117 -5.45 -38.62 -20.83
CA GLU H 117 -5.34 -37.21 -20.51
C GLU H 117 -6.72 -36.59 -20.30
N ILE H 118 -7.63 -36.91 -21.20
CA ILE H 118 -9.00 -36.43 -21.10
C ILE H 118 -9.69 -36.91 -19.80
N LYS H 119 -9.54 -38.20 -19.51
CA LYS H 119 -10.15 -38.73 -18.30
C LYS H 119 -9.57 -38.03 -17.09
N HIS H 120 -8.25 -37.79 -17.08
CA HIS H 120 -7.65 -37.10 -15.91
C HIS H 120 -8.21 -35.68 -15.77
N TYR H 121 -8.44 -35.01 -16.91
CA TYR H 121 -9.05 -33.67 -16.87
C TYR H 121 -10.44 -33.70 -16.21
N TYR H 122 -11.32 -34.64 -16.62
CA TYR H 122 -12.62 -34.71 -15.96
C TYR H 122 -12.47 -35.05 -14.48
N ASP H 123 -11.63 -36.02 -14.18
CA ASP H 123 -11.50 -36.45 -12.76
C ASP H 123 -10.94 -35.30 -11.89
N SER H 124 -10.06 -34.49 -12.47
CA SER H 124 -9.45 -33.35 -11.74
C SER H 124 -10.47 -32.27 -11.42
N ILE H 125 -11.32 -31.91 -12.39
CA ILE H 125 -12.37 -30.94 -12.14
C ILE H 125 -13.34 -31.41 -11.04
N ILE H 126 -13.75 -32.68 -11.13
CA ILE H 126 -14.69 -33.24 -10.20
C ILE H 126 -14.06 -33.21 -8.80
N GLU H 127 -12.80 -33.64 -8.73
CA GLU H 127 -12.14 -33.76 -7.41
C GLU H 127 -12.02 -32.38 -6.73
N ALA H 128 -11.65 -31.39 -7.53
CA ALA H 128 -11.39 -30.01 -7.00
C ALA H 128 -12.69 -29.31 -6.56
N THR H 129 -13.79 -29.61 -7.25
CA THR H 129 -15.06 -28.87 -6.97
C THR H 129 -16.03 -29.59 -6.09
N GLY H 130 -16.01 -30.92 -6.14
CA GLY H 130 -17.00 -31.77 -5.45
C GLY H 130 -18.39 -31.82 -6.06
N ASN H 131 -18.53 -31.28 -7.27
CA ASN H 131 -19.86 -31.14 -7.90
C ASN H 131 -20.01 -32.25 -8.95
N TYR H 132 -21.21 -32.38 -9.48
CA TYR H 132 -21.48 -33.33 -10.53
C TYR H 132 -20.92 -32.79 -11.82
N MET H 133 -20.76 -33.70 -12.79
CA MET H 133 -20.20 -33.35 -14.09
C MET H 133 -20.97 -33.97 -15.21
N ILE H 134 -21.20 -33.14 -16.22
CA ILE H 134 -21.76 -33.63 -17.53
C ILE H 134 -20.67 -33.45 -18.59
N VAL H 135 -20.32 -34.55 -19.28
CA VAL H 135 -19.38 -34.45 -20.37
C VAL H 135 -20.06 -33.73 -21.54
N TYR H 136 -19.36 -32.72 -22.07
CA TYR H 136 -19.86 -31.97 -23.23
C TYR H 136 -19.06 -32.43 -24.45
N SER H 137 -19.75 -33.16 -25.34
CA SER H 137 -19.15 -33.71 -26.55
C SER H 137 -19.68 -32.97 -27.77
N ILE H 138 -18.79 -32.26 -28.48
N ILE H 138 -18.77 -32.39 -28.53
CA ILE H 138 -19.14 -31.63 -29.80
CA ILE H 138 -19.13 -31.58 -29.72
C ILE H 138 -18.01 -31.84 -30.76
C ILE H 138 -18.02 -31.80 -30.77
N PRO H 139 -17.92 -33.06 -31.29
CA PRO H 139 -16.85 -33.46 -32.18
C PRO H 139 -16.75 -32.54 -33.43
N PHE H 140 -17.85 -31.92 -33.84
CA PHE H 140 -17.75 -31.09 -35.03
C PHE H 140 -16.95 -29.80 -34.82
N LEU H 141 -16.73 -29.40 -33.56
CA LEU H 141 -15.84 -28.28 -33.27
C LEU H 141 -14.50 -28.73 -32.65
N THR H 142 -14.52 -29.81 -31.89
CA THR H 142 -13.33 -30.18 -31.18
C THR H 142 -12.49 -31.19 -31.94
N GLY H 143 -13.12 -31.99 -32.83
CA GLY H 143 -12.44 -33.14 -33.44
C GLY H 143 -12.23 -34.33 -32.51
N VAL H 144 -12.81 -34.27 -31.32
CA VAL H 144 -12.59 -35.37 -30.34
C VAL H 144 -13.73 -36.35 -30.43
N ASN H 145 -13.43 -37.62 -30.65
CA ASN H 145 -14.48 -38.66 -30.73
C ASN H 145 -14.23 -39.63 -29.57
N ILE H 146 -15.23 -39.76 -28.70
CA ILE H 146 -15.17 -40.68 -27.53
C ILE H 146 -16.08 -41.86 -27.88
N GLY H 147 -15.55 -43.06 -27.74
CA GLY H 147 -16.33 -44.26 -28.04
C GLY H 147 -17.09 -44.74 -26.82
N VAL H 148 -17.90 -45.80 -27.05
CA VAL H 148 -18.73 -46.34 -25.97
C VAL H 148 -17.88 -46.80 -24.80
N GLU H 149 -16.81 -47.54 -25.08
CA GLU H 149 -16.02 -48.06 -23.94
C GLU H 149 -15.38 -46.90 -23.15
N GLN H 150 -14.92 -45.90 -23.87
CA GLN H 150 -14.32 -44.72 -23.24
C GLN H 150 -15.30 -43.92 -22.37
N PHE H 151 -16.54 -43.76 -22.84
CA PHE H 151 -17.59 -43.19 -21.98
C PHE H 151 -17.77 -44.00 -20.71
N GLY H 152 -17.68 -45.33 -20.84
CA GLY H 152 -17.75 -46.22 -19.66
C GLY H 152 -16.65 -45.92 -18.66
N GLU H 153 -15.44 -45.66 -19.16
CA GLU H 153 -14.31 -45.33 -18.26
C GLU H 153 -14.58 -43.97 -17.58
N LEU H 154 -15.10 -42.99 -18.33
CA LEU H 154 -15.46 -41.71 -17.69
C LEU H 154 -16.53 -41.90 -16.62
N TYR H 155 -17.49 -42.78 -16.91
CA TYR H 155 -18.60 -42.99 -16.01
C TYR H 155 -18.20 -43.82 -14.80
N LYS H 156 -16.99 -44.37 -14.78
CA LYS H 156 -16.53 -45.03 -13.52
C LYS H 156 -16.46 -44.03 -12.37
N ASN H 157 -16.30 -42.75 -12.70
CA ASN H 157 -16.39 -41.70 -11.68
C ASN H 157 -17.88 -41.43 -11.39
N PRO H 158 -18.34 -41.74 -10.17
CA PRO H 158 -19.79 -41.69 -9.89
C PRO H 158 -20.41 -40.31 -9.99
N LYS H 159 -19.60 -39.24 -10.04
CA LYS H 159 -20.16 -37.89 -10.13
C LYS H 159 -20.39 -37.47 -11.57
N VAL H 160 -19.99 -38.33 -12.52
CA VAL H 160 -20.32 -38.07 -13.94
C VAL H 160 -21.76 -38.51 -14.20
N LEU H 161 -22.63 -37.56 -14.58
CA LEU H 161 -24.05 -37.86 -14.72
C LEU H 161 -24.44 -38.41 -16.09
N GLY H 162 -23.65 -38.02 -17.09
CA GLY H 162 -23.98 -38.31 -18.47
C GLY H 162 -23.29 -37.34 -19.41
N VAL H 163 -23.92 -37.15 -20.58
CA VAL H 163 -23.30 -36.43 -21.68
C VAL H 163 -24.27 -35.50 -22.36
N ALA H 164 -23.79 -34.31 -22.63
CA ALA H 164 -24.49 -33.38 -23.48
C ALA H 164 -23.92 -33.63 -24.89
N PHE H 165 -24.78 -34.19 -25.73
CA PHE H 165 -24.36 -34.96 -26.89
C PHE H 165 -24.69 -34.14 -28.10
N THR H 166 -23.76 -33.25 -28.46
CA THR H 166 -23.95 -32.37 -29.62
C THR H 166 -23.22 -33.03 -30.74
N ALA H 167 -23.80 -34.13 -31.19
CA ALA H 167 -23.20 -35.02 -32.16
C ALA H 167 -24.34 -35.72 -32.86
N GLY H 168 -24.08 -36.15 -34.10
CA GLY H 168 -25.09 -36.73 -34.97
C GLY H 168 -24.99 -38.23 -35.16
N ASP H 169 -24.12 -38.90 -34.40
CA ASP H 169 -24.00 -40.37 -34.54
C ASP H 169 -25.05 -41.03 -33.68
N PHE H 170 -26.15 -41.43 -34.32
CA PHE H 170 -27.29 -41.99 -33.59
CA PHE H 170 -27.25 -41.98 -33.53
C PHE H 170 -27.09 -43.47 -33.26
N TYR H 171 -26.09 -44.10 -33.88
CA TYR H 171 -25.70 -45.46 -33.50
C TYR H 171 -24.96 -45.37 -32.16
N LEU H 172 -24.00 -44.43 -32.07
CA LEU H 172 -23.34 -44.19 -30.76
C LEU H 172 -24.38 -43.82 -29.70
N LEU H 173 -25.30 -42.90 -30.00
CA LEU H 173 -26.32 -42.52 -29.02
C LEU H 173 -27.07 -43.78 -28.50
N GLU H 174 -27.53 -44.62 -29.43
CA GLU H 174 -28.25 -45.84 -28.97
C GLU H 174 -27.37 -46.74 -28.15
N ARG H 175 -26.11 -46.90 -28.59
CA ARG H 175 -25.21 -47.78 -27.81
C ARG H 175 -24.95 -47.26 -26.38
N LEU H 176 -24.92 -45.94 -26.22
CA LEU H 176 -24.76 -45.36 -24.90
C LEU H 176 -25.98 -45.61 -23.99
N LYS H 177 -27.17 -45.50 -24.55
CA LYS H 177 -28.39 -45.85 -23.81
C LYS H 177 -28.48 -47.32 -23.46
N LYS H 178 -27.97 -48.19 -24.34
CA LYS H 178 -27.92 -49.59 -24.04
C LYS H 178 -26.93 -49.90 -22.92
N ALA H 179 -25.74 -49.32 -23.00
CA ALA H 179 -24.66 -49.72 -22.08
C ALA H 179 -24.77 -49.08 -20.69
N TYR H 180 -25.31 -47.87 -20.65
CA TYR H 180 -25.30 -47.03 -19.43
C TYR H 180 -26.72 -46.48 -19.22
N PRO H 181 -27.68 -47.38 -18.97
CA PRO H 181 -29.08 -46.98 -19.01
C PRO H 181 -29.44 -45.97 -17.92
N ASN H 182 -28.67 -45.91 -16.85
CA ASN H 182 -28.96 -44.97 -15.77
C ASN H 182 -28.24 -43.64 -15.91
N HIS H 183 -27.41 -43.51 -16.95
CA HIS H 183 -26.74 -42.22 -17.23
C HIS H 183 -27.56 -41.42 -18.17
N LEU H 184 -27.49 -40.11 -18.02
CA LEU H 184 -28.37 -39.19 -18.79
C LEU H 184 -27.74 -38.79 -20.11
N ILE H 185 -28.59 -38.47 -21.08
CA ILE H 185 -28.12 -37.90 -22.37
C ILE H 185 -29.00 -36.70 -22.71
N TRP H 186 -28.38 -35.57 -23.03
CA TRP H 186 -29.10 -34.41 -23.56
C TRP H 186 -28.70 -34.25 -25.02
N ALA H 187 -29.69 -34.17 -25.89
CA ALA H 187 -29.40 -33.95 -27.29
C ALA H 187 -28.97 -32.53 -27.52
N GLY H 188 -27.97 -32.30 -28.39
CA GLY H 188 -27.48 -30.95 -28.64
C GLY H 188 -27.76 -30.40 -30.02
N PHE H 189 -28.30 -31.21 -30.90
CA PHE H 189 -28.62 -30.69 -32.26
C PHE H 189 -30.13 -30.44 -32.34
N ASP H 190 -30.51 -29.16 -32.27
CA ASP H 190 -31.93 -28.76 -32.26
C ASP H 190 -32.72 -29.29 -33.48
N GLU H 191 -32.05 -29.34 -34.63
CA GLU H 191 -32.69 -29.73 -35.88
C GLU H 191 -32.86 -31.25 -35.97
N MET H 192 -32.34 -32.00 -34.98
CA MET H 192 -32.56 -33.47 -34.94
C MET H 192 -33.13 -33.88 -33.56
N MET H 193 -33.88 -32.99 -32.97
CA MET H 193 -34.55 -33.24 -31.71
C MET H 193 -35.46 -34.45 -31.76
N LEU H 194 -36.32 -34.55 -32.79
CA LEU H 194 -37.26 -35.67 -32.84
C LEU H 194 -36.55 -37.05 -32.87
N PRO H 195 -35.56 -37.25 -33.78
CA PRO H 195 -35.01 -38.60 -33.80
C PRO H 195 -34.19 -38.88 -32.53
N ALA H 196 -33.61 -37.85 -31.91
CA ALA H 196 -32.92 -38.06 -30.62
C ALA H 196 -33.91 -38.44 -29.56
N ALA H 197 -35.03 -37.71 -29.54
CA ALA H 197 -36.06 -37.98 -28.55
C ALA H 197 -36.67 -39.37 -28.78
N SER H 198 -36.69 -39.83 -30.04
CA SER H 198 -37.16 -41.21 -30.31
C SER H 198 -36.31 -42.30 -29.71
N LEU H 199 -35.02 -42.01 -29.48
CA LEU H 199 -34.10 -42.96 -28.86
C LEU H 199 -34.05 -42.82 -27.33
N GLY H 200 -34.89 -41.99 -26.76
CA GLY H 200 -34.99 -41.96 -25.29
C GLY H 200 -34.04 -41.01 -24.58
N VAL H 201 -33.56 -40.00 -25.29
CA VAL H 201 -32.74 -38.97 -24.58
C VAL H 201 -33.55 -38.33 -23.45
N ASP H 202 -32.86 -37.83 -22.44
CA ASP H 202 -33.54 -37.33 -21.24
C ASP H 202 -33.87 -35.87 -21.31
N GLY H 203 -33.28 -35.18 -22.28
CA GLY H 203 -33.55 -33.77 -22.44
C GLY H 203 -32.82 -33.27 -23.67
N ALA H 204 -32.80 -31.95 -23.80
CA ALA H 204 -32.10 -31.32 -24.88
C ALA H 204 -31.57 -29.98 -24.44
N ILE H 205 -30.44 -29.59 -25.02
CA ILE H 205 -29.78 -28.31 -24.72
C ILE H 205 -29.64 -27.66 -26.09
N GLY H 206 -30.22 -26.47 -26.25
CA GLY H 206 -30.29 -25.88 -27.64
C GLY H 206 -30.16 -24.37 -27.62
N SER H 207 -29.45 -23.83 -28.62
CA SER H 207 -29.37 -22.36 -28.74
C SER H 207 -30.71 -21.85 -29.24
N THR H 208 -31.40 -22.63 -30.09
CA THR H 208 -32.64 -22.06 -30.72
C THR H 208 -33.82 -21.99 -29.75
N PHE H 209 -33.64 -22.61 -28.58
CA PHE H 209 -34.66 -22.67 -27.56
C PHE H 209 -34.81 -21.31 -26.92
N ASN H 210 -33.80 -20.43 -27.06
CA ASN H 210 -33.91 -19.04 -26.60
C ASN H 210 -35.08 -18.28 -27.28
N VAL H 211 -35.49 -18.74 -28.46
CA VAL H 211 -36.60 -18.14 -29.20
C VAL H 211 -37.70 -19.13 -29.63
N ASN H 212 -37.38 -20.44 -29.68
CA ASN H 212 -38.29 -21.43 -30.24
C ASN H 212 -38.58 -22.48 -29.19
N GLY H 213 -38.47 -22.06 -27.94
CA GLY H 213 -38.67 -22.95 -26.80
C GLY H 213 -40.08 -23.60 -26.74
N VAL H 214 -41.10 -22.91 -27.27
CA VAL H 214 -42.46 -23.45 -27.22
C VAL H 214 -42.56 -24.70 -28.13
N ARG H 215 -42.17 -24.53 -29.40
CA ARG H 215 -42.11 -25.68 -30.31
C ARG H 215 -41.17 -26.77 -29.81
N ALA H 216 -40.01 -26.39 -29.24
CA ALA H 216 -39.03 -27.42 -28.85
C ALA H 216 -39.64 -28.38 -27.79
N ARG H 217 -40.31 -27.82 -26.78
CA ARG H 217 -40.98 -28.64 -25.79
C ARG H 217 -42.07 -29.50 -26.43
N GLN H 218 -42.79 -28.94 -27.38
CA GLN H 218 -43.84 -29.75 -28.04
C GLN H 218 -43.23 -30.95 -28.77
N ILE H 219 -42.17 -30.74 -29.53
CA ILE H 219 -41.57 -31.88 -30.29
C ILE H 219 -41.14 -32.93 -29.26
N PHE H 220 -40.47 -32.48 -28.18
CA PHE H 220 -39.95 -33.42 -27.17
C PHE H 220 -41.08 -34.19 -26.48
N GLU H 221 -42.10 -33.48 -26.05
CA GLU H 221 -43.16 -34.12 -25.27
C GLU H 221 -44.09 -34.97 -26.15
N LEU H 222 -44.35 -34.50 -27.38
CA LEU H 222 -45.16 -35.29 -28.35
C LEU H 222 -44.47 -36.58 -28.69
N THR H 223 -43.16 -36.49 -28.89
CA THR H 223 -42.34 -37.68 -29.25
C THR H 223 -42.36 -38.67 -28.08
N GLN H 224 -42.11 -38.19 -26.88
CA GLN H 224 -42.20 -39.06 -25.71
C GLN H 224 -43.55 -39.73 -25.53
N ALA H 225 -44.63 -39.12 -26.01
CA ALA H 225 -45.95 -39.73 -25.90
C ALA H 225 -46.32 -40.55 -27.10
N GLY H 226 -45.39 -40.67 -28.05
CA GLY H 226 -45.58 -41.51 -29.27
C GLY H 226 -46.42 -40.81 -30.33
N LYS H 227 -46.62 -39.49 -30.20
CA LYS H 227 -47.43 -38.78 -31.17
C LYS H 227 -46.51 -38.25 -32.26
N LEU H 228 -45.98 -39.20 -33.06
CA LEU H 228 -44.92 -38.92 -33.99
C LEU H 228 -45.36 -38.08 -35.16
N LYS H 229 -46.59 -38.29 -35.65
CA LYS H 229 -47.03 -37.51 -36.77
C LYS H 229 -47.07 -35.99 -36.40
N GLU H 230 -47.59 -35.70 -35.22
CA GLU H 230 -47.77 -34.32 -34.79
C GLU H 230 -46.39 -33.73 -34.48
N ALA H 231 -45.52 -34.53 -33.86
CA ALA H 231 -44.15 -34.06 -33.57
C ALA H 231 -43.36 -33.71 -34.84
N LEU H 232 -43.50 -34.54 -35.88
CA LEU H 232 -42.77 -34.34 -37.13
C LEU H 232 -43.26 -33.05 -37.81
N GLU H 233 -44.56 -32.77 -37.76
CA GLU H 233 -45.07 -31.53 -38.35
C GLU H 233 -44.35 -30.34 -37.68
N ILE H 234 -44.26 -30.39 -36.36
CA ILE H 234 -43.59 -29.32 -35.63
C ILE H 234 -42.07 -29.25 -35.87
N GLN H 235 -41.42 -30.42 -35.95
CA GLN H 235 -40.01 -30.45 -36.32
C GLN H 235 -39.74 -29.83 -37.72
N HIS H 236 -40.64 -30.09 -38.68
CA HIS H 236 -40.51 -29.47 -40.00
C HIS H 236 -40.57 -27.96 -39.95
N VAL H 237 -41.54 -27.40 -39.25
CA VAL H 237 -41.63 -25.94 -39.14
C VAL H 237 -40.42 -25.38 -38.38
N THR H 238 -40.04 -26.05 -37.29
CA THR H 238 -38.83 -25.70 -36.56
C THR H 238 -37.57 -25.64 -37.48
N ASN H 239 -37.42 -26.64 -38.36
CA ASN H 239 -36.25 -26.73 -39.19
C ASN H 239 -36.32 -25.76 -40.36
N ASP H 240 -37.53 -25.32 -40.77
CA ASP H 240 -37.62 -24.17 -41.67
C ASP H 240 -37.02 -22.92 -41.04
N LEU H 241 -37.36 -22.69 -39.76
CA LEU H 241 -36.85 -21.55 -39.00
C LEU H 241 -35.33 -21.71 -38.80
N ILE H 242 -34.89 -22.92 -38.42
CA ILE H 242 -33.47 -23.14 -38.17
C ILE H 242 -32.66 -22.96 -39.46
N GLU H 243 -33.14 -23.47 -40.58
CA GLU H 243 -32.43 -23.31 -41.82
C GLU H 243 -32.20 -21.81 -42.12
N GLY H 244 -33.22 -21.01 -41.87
CA GLY H 244 -33.12 -19.54 -42.11
C GLY H 244 -32.17 -18.86 -41.13
N ILE H 245 -32.21 -19.28 -39.88
CA ILE H 245 -31.31 -18.73 -38.88
C ILE H 245 -29.86 -19.08 -39.26
N LEU H 246 -29.61 -20.33 -39.66
CA LEU H 246 -28.25 -20.71 -40.05
C LEU H 246 -27.75 -19.92 -41.27
N ALA H 247 -28.62 -19.76 -42.25
CA ALA H 247 -28.26 -19.06 -43.48
C ALA H 247 -27.93 -17.60 -43.17
N ASN H 248 -28.60 -17.01 -42.18
CA ASN H 248 -28.47 -15.59 -41.91
C ASN H 248 -27.35 -15.30 -40.93
N GLY H 249 -26.91 -16.32 -40.20
CA GLY H 249 -25.88 -16.16 -39.14
C GLY H 249 -26.51 -16.54 -37.81
N LEU H 250 -26.16 -17.71 -37.30
CA LEU H 250 -26.84 -18.29 -36.13
C LEU H 250 -26.95 -17.38 -34.91
N TYR H 251 -25.83 -17.01 -34.30
CA TYR H 251 -25.97 -16.28 -33.03
C TYR H 251 -26.54 -14.86 -33.20
N LEU H 252 -26.15 -14.16 -34.26
CA LEU H 252 -26.71 -12.82 -34.52
C LEU H 252 -28.20 -12.89 -34.81
N THR H 253 -28.63 -13.95 -35.52
CA THR H 253 -30.03 -14.03 -35.85
C THR H 253 -30.86 -14.39 -34.64
N ILE H 254 -30.39 -15.30 -33.79
CA ILE H 254 -31.20 -15.55 -32.60
C ILE H 254 -31.28 -14.25 -31.76
N LYS H 255 -30.17 -13.55 -31.62
CA LYS H 255 -30.17 -12.29 -30.88
C LYS H 255 -31.12 -11.26 -31.48
N GLU H 256 -31.16 -11.21 -32.81
CA GLU H 256 -32.13 -10.33 -33.46
C GLU H 256 -33.59 -10.73 -33.21
N LEU H 257 -33.87 -12.04 -33.21
CA LEU H 257 -35.23 -12.48 -32.91
C LEU H 257 -35.61 -12.15 -31.48
N LEU H 258 -34.63 -12.14 -30.56
CA LEU H 258 -34.90 -11.73 -29.21
C LEU H 258 -35.23 -10.26 -29.15
N LYS H 259 -34.43 -9.47 -29.88
CA LYS H 259 -34.58 -8.00 -29.91
C LYS H 259 -35.96 -7.61 -30.42
N LEU H 260 -36.44 -8.35 -31.43
CA LEU H 260 -37.77 -8.12 -32.02
C LEU H 260 -38.92 -8.39 -31.02
N ASP H 261 -38.63 -9.14 -29.96
CA ASP H 261 -39.54 -9.33 -28.81
C ASP H 261 -39.19 -8.50 -27.57
N GLY H 262 -38.36 -7.49 -27.74
CA GLY H 262 -38.09 -6.49 -26.70
C GLY H 262 -37.00 -6.91 -25.76
N VAL H 263 -36.30 -8.00 -26.08
CA VAL H 263 -35.17 -8.49 -25.23
C VAL H 263 -33.89 -7.89 -25.80
N GLU H 264 -33.19 -7.10 -25.00
CA GLU H 264 -32.00 -6.36 -25.45
C GLU H 264 -30.77 -7.26 -25.52
N ALA H 265 -30.78 -8.15 -26.52
CA ALA H 265 -29.79 -9.23 -26.56
C ALA H 265 -28.40 -8.80 -27.05
N GLY H 266 -28.30 -7.55 -27.49
CA GLY H 266 -27.00 -6.90 -27.71
C GLY H 266 -26.23 -7.38 -28.96
N TYR H 267 -24.93 -7.11 -28.92
CA TYR H 267 -24.02 -7.42 -30.03
C TYR H 267 -23.48 -8.81 -29.83
N CYS H 268 -22.87 -9.38 -30.88
CA CYS H 268 -22.03 -10.55 -30.67
C CYS H 268 -20.62 -10.06 -30.33
N ARG H 269 -19.81 -10.98 -29.83
CA ARG H 269 -18.46 -10.69 -29.40
C ARG H 269 -17.45 -11.01 -30.50
N GLU H 270 -16.61 -10.04 -30.85
CA GLU H 270 -15.54 -10.28 -31.82
C GLU H 270 -14.56 -11.31 -31.21
N PRO H 271 -13.99 -12.22 -32.03
CA PRO H 271 -13.91 -12.13 -33.49
C PRO H 271 -15.12 -12.69 -34.27
N MET H 272 -16.22 -13.07 -33.63
CA MET H 272 -17.45 -13.23 -34.44
C MET H 272 -17.92 -11.87 -34.94
N THR H 273 -18.65 -11.88 -36.05
CA THR H 273 -19.17 -10.63 -36.58
C THR H 273 -20.10 -10.01 -35.54
N LYS H 274 -19.89 -8.74 -35.22
CA LYS H 274 -20.61 -8.20 -34.09
C LYS H 274 -22.04 -7.75 -34.33
N GLU H 275 -22.38 -7.43 -35.58
CA GLU H 275 -23.76 -7.03 -35.86
C GLU H 275 -24.13 -7.40 -37.28
N LEU H 276 -25.43 -7.51 -37.48
CA LEU H 276 -26.02 -7.90 -38.77
C LEU H 276 -26.05 -6.70 -39.67
N SER H 277 -25.79 -6.95 -40.95
CA SER H 277 -26.03 -5.97 -42.00
C SER H 277 -27.51 -5.63 -42.08
N SER H 278 -27.81 -4.49 -42.68
CA SER H 278 -29.19 -4.13 -42.80
C SER H 278 -29.99 -5.16 -43.64
N GLU H 279 -29.41 -5.77 -44.68
CA GLU H 279 -30.19 -6.78 -45.43
C GLU H 279 -30.46 -8.02 -44.59
N LYS H 280 -29.54 -8.34 -43.69
CA LYS H 280 -29.73 -9.50 -42.82
C LYS H 280 -30.67 -9.22 -41.63
N VAL H 281 -30.72 -7.98 -41.18
CA VAL H 281 -31.79 -7.53 -40.26
C VAL H 281 -33.16 -7.69 -40.91
N ALA H 282 -33.28 -7.28 -42.17
CA ALA H 282 -34.54 -7.47 -42.88
C ALA H 282 -34.95 -8.95 -42.96
N PHE H 283 -33.97 -9.83 -43.23
CA PHE H 283 -34.22 -11.25 -43.36
C PHE H 283 -34.71 -11.83 -42.03
N ALA H 284 -34.06 -11.41 -40.95
CA ALA H 284 -34.47 -11.85 -39.62
C ALA H 284 -35.91 -11.42 -39.31
N LYS H 285 -36.29 -10.22 -39.76
CA LYS H 285 -37.65 -9.74 -39.59
C LYS H 285 -38.65 -10.61 -40.34
N GLU H 286 -38.29 -11.09 -41.53
CA GLU H 286 -39.16 -12.04 -42.22
C GLU H 286 -39.30 -13.37 -41.52
N LEU H 287 -38.21 -13.84 -40.91
CA LEU H 287 -38.26 -15.07 -40.19
C LEU H 287 -39.21 -14.93 -38.99
N LYS H 288 -39.09 -13.80 -38.28
CA LYS H 288 -39.99 -13.43 -37.19
C LYS H 288 -41.47 -13.49 -37.63
N ALA H 289 -41.74 -12.79 -38.73
CA ALA H 289 -43.08 -12.79 -39.31
C ALA H 289 -43.58 -14.21 -39.64
N LYS H 290 -42.75 -15.04 -40.29
CA LYS H 290 -43.18 -16.37 -40.78
C LYS H 290 -43.34 -17.40 -39.67
N TYR H 291 -42.51 -17.30 -38.63
CA TYR H 291 -42.36 -18.43 -37.68
C TYR H 291 -42.60 -18.14 -36.19
N LEU H 292 -42.49 -16.86 -35.79
CA LEU H 292 -42.55 -16.49 -34.37
C LEU H 292 -43.43 -15.27 -34.12
N SER H 293 -44.51 -15.14 -34.85
CA SER H 293 -45.29 -13.92 -34.67
C SER H 293 -46.68 -14.19 -34.17
#